data_4D7P
# 
_entry.id   4D7P 
# 
_audit_conform.dict_name       mmcif_pdbx.dic 
_audit_conform.dict_version    5.391 
_audit_conform.dict_location   http://mmcif.pdb.org/dictionaries/ascii/mmcif_pdbx.dic 
# 
loop_
_database_2.database_id 
_database_2.database_code 
_database_2.pdbx_database_accession 
_database_2.pdbx_DOI 
PDB   4D7P         pdb_00004d7p 10.2210/pdb4d7p/pdb 
PDBE  EBI-46472    ?            ?                   
WWPDB D_1290046472 ?            ?                   
# 
loop_
_pdbx_audit_revision_history.ordinal 
_pdbx_audit_revision_history.data_content_type 
_pdbx_audit_revision_history.major_revision 
_pdbx_audit_revision_history.minor_revision 
_pdbx_audit_revision_history.revision_date 
1 'Structure model' 1 0 2015-10-07 
2 'Structure model' 1 1 2015-10-14 
3 'Structure model' 1 2 2015-11-11 
4 'Structure model' 1 3 2024-05-01 
# 
_pdbx_audit_revision_details.ordinal             1 
_pdbx_audit_revision_details.revision_ordinal    1 
_pdbx_audit_revision_details.data_content_type   'Structure model' 
_pdbx_audit_revision_details.provider            repository 
_pdbx_audit_revision_details.type                'Initial release' 
_pdbx_audit_revision_details.description         ? 
_pdbx_audit_revision_details.details             ? 
# 
loop_
_pdbx_audit_revision_group.ordinal 
_pdbx_audit_revision_group.revision_ordinal 
_pdbx_audit_revision_group.data_content_type 
_pdbx_audit_revision_group.group 
1 2 'Structure model' 'Database references'    
2 2 'Structure model' 'Structure summary'      
3 3 'Structure model' 'Database references'    
4 4 'Structure model' 'Data collection'        
5 4 'Structure model' 'Database references'    
6 4 'Structure model' 'Derived calculations'   
7 4 'Structure model' Other                    
8 4 'Structure model' 'Refinement description' 
# 
loop_
_pdbx_audit_revision_category.ordinal 
_pdbx_audit_revision_category.revision_ordinal 
_pdbx_audit_revision_category.data_content_type 
_pdbx_audit_revision_category.category 
1 4 'Structure model' chem_comp_atom                
2 4 'Structure model' chem_comp_bond                
3 4 'Structure model' database_2                    
4 4 'Structure model' pdbx_database_status          
5 4 'Structure model' pdbx_initial_refinement_model 
6 4 'Structure model' pdbx_struct_conn_angle        
7 4 'Structure model' struct_conn                   
8 4 'Structure model' struct_site                   
# 
loop_
_pdbx_audit_revision_item.ordinal 
_pdbx_audit_revision_item.revision_ordinal 
_pdbx_audit_revision_item.data_content_type 
_pdbx_audit_revision_item.item 
1  4 'Structure model' '_database_2.pdbx_DOI'                        
2  4 'Structure model' '_database_2.pdbx_database_accession'         
3  4 'Structure model' '_pdbx_database_status.status_code_sf'        
4  4 'Structure model' '_pdbx_struct_conn_angle.ptnr1_auth_comp_id'  
5  4 'Structure model' '_pdbx_struct_conn_angle.ptnr1_auth_seq_id'   
6  4 'Structure model' '_pdbx_struct_conn_angle.ptnr1_label_atom_id' 
7  4 'Structure model' '_pdbx_struct_conn_angle.ptnr1_label_comp_id' 
8  4 'Structure model' '_pdbx_struct_conn_angle.ptnr1_label_seq_id'  
9  4 'Structure model' '_pdbx_struct_conn_angle.ptnr3_auth_comp_id'  
10 4 'Structure model' '_pdbx_struct_conn_angle.ptnr3_auth_seq_id'   
11 4 'Structure model' '_pdbx_struct_conn_angle.ptnr3_label_atom_id' 
12 4 'Structure model' '_pdbx_struct_conn_angle.ptnr3_label_comp_id' 
13 4 'Structure model' '_pdbx_struct_conn_angle.ptnr3_label_seq_id'  
14 4 'Structure model' '_pdbx_struct_conn_angle.value'               
15 4 'Structure model' '_struct_conn.pdbx_dist_value'                
16 4 'Structure model' '_struct_conn.ptnr1_auth_comp_id'             
17 4 'Structure model' '_struct_conn.ptnr1_auth_seq_id'              
18 4 'Structure model' '_struct_conn.ptnr1_label_asym_id'            
19 4 'Structure model' '_struct_conn.ptnr1_label_atom_id'            
20 4 'Structure model' '_struct_conn.ptnr1_label_comp_id'            
21 4 'Structure model' '_struct_conn.ptnr1_label_seq_id'             
22 4 'Structure model' '_struct_conn.ptnr2_auth_comp_id'             
23 4 'Structure model' '_struct_conn.ptnr2_auth_seq_id'              
24 4 'Structure model' '_struct_conn.ptnr2_label_asym_id'            
25 4 'Structure model' '_struct_conn.ptnr2_label_atom_id'            
26 4 'Structure model' '_struct_conn.ptnr2_label_comp_id'            
27 4 'Structure model' '_struct_conn.ptnr2_label_seq_id'             
28 4 'Structure model' '_struct_site.pdbx_auth_asym_id'              
29 4 'Structure model' '_struct_site.pdbx_auth_comp_id'              
30 4 'Structure model' '_struct_site.pdbx_auth_seq_id'               
# 
_pdbx_database_status.status_code                     REL 
_pdbx_database_status.entry_id                        4D7P 
_pdbx_database_status.deposit_site                    PDBE 
_pdbx_database_status.process_site                    PDBE 
_pdbx_database_status.SG_entry                        . 
_pdbx_database_status.recvd_initial_deposition_date   2014-11-26 
_pdbx_database_status.pdb_format_compatible           Y 
_pdbx_database_status.status_code_sf                  REL 
_pdbx_database_status.status_code_mr                  ? 
_pdbx_database_status.status_code_cs                  ? 
_pdbx_database_status.methods_development_category    ? 
_pdbx_database_status.status_code_nmr_data            ? 
# 
loop_
_audit_author.name 
_audit_author.pdbx_ordinal 
'Sousa, C.M.'     1 
'Carpentier, P.'  2 
'Matias, P.M.'    3 
'Testa, F.'       4 
'Pinho, F.G.'     5 
'Sarti, P.'       6 
'Giuffre, A.'     7 
'Bandeiras, T.M.' 8 
'Romao, C.V.'     9 
# 
_citation.id                        primary 
_citation.title                     
;Superoxide Reductase from Giardia Intestinalis: Structural Characterization of the First Sor from a Eukaryotic Organism Shows an Iron Centre that is Highly Sensitive to Photoreduction.
;
_citation.journal_abbrev            'Acta Crystallogr.,Sect.D' 
_citation.journal_volume            71 
_citation.page_first                2236 
_citation.page_last                 ? 
_citation.year                      2015 
_citation.journal_id_ASTM           ABCRE6 
_citation.country                   DK 
_citation.journal_id_ISSN           0907-4449 
_citation.journal_id_CSD            0766 
_citation.book_publisher            ? 
_citation.pdbx_database_id_PubMed   26527141 
_citation.pdbx_database_id_DOI      10.1107/S1399004715015825 
# 
loop_
_citation_author.citation_id 
_citation_author.name 
_citation_author.ordinal 
_citation_author.identifier_ORCID 
primary 'Sousa, C.M.'     1 ? 
primary 'Carpentier, P.'  2 ? 
primary 'Matias, P.M.'    3 ? 
primary 'Testa, F.'       4 ? 
primary 'Pinho, F.'       5 ? 
primary 'Sarti, P.'       6 ? 
primary 'Giuffre, A.'     7 ? 
primary 'Bandeiras, T.M.' 8 ? 
primary 'Romao, C.V.'     9 ? 
# 
loop_
_entity.id 
_entity.type 
_entity.src_method 
_entity.pdbx_description 
_entity.formula_weight 
_entity.pdbx_number_of_molecules 
_entity.pdbx_ec 
_entity.pdbx_mutation 
_entity.pdbx_fragment 
_entity.details 
1 polymer     man 'SUPEROXIDE REDUCTASE' 12548.513 1  1.15.1.2 ? ? ? 
2 non-polymer syn 'FE (III) ION'         55.845    1  ?        ? ? ? 
3 water       nat water                  18.015    36 ?        ? ? ? 
# 
_entity_poly.entity_id                      1 
_entity_poly.type                           'polypeptide(L)' 
_entity_poly.nstd_linkage                   no 
_entity_poly.nstd_monomer                   no 
_entity_poly.pdbx_seq_one_letter_code       
;MSLSNCLHKPDEERTKEKHVPEMKLSGNHVDIRCGATVMHPATEKHYIGTIRLFGITKEGNVTLELGCQQIWPGLGEPVA
SFRVCDLEKYKGLLAVAYCNLHGCWENYMEL
;
_entity_poly.pdbx_seq_one_letter_code_can   
;MSLSNCLHKPDEERTKEKHVPEMKLSGNHVDIRCGATVMHPATEKHYIGTIRLFGITKEGNVTLELGCQQIWPGLGEPVA
SFRVCDLEKYKGLLAVAYCNLHGCWENYMEL
;
_entity_poly.pdbx_strand_id                 A 
_entity_poly.pdbx_target_identifier         ? 
# 
loop_
_pdbx_entity_nonpoly.entity_id 
_pdbx_entity_nonpoly.name 
_pdbx_entity_nonpoly.comp_id 
2 'FE (III) ION' FE  
3 water          HOH 
# 
loop_
_entity_poly_seq.entity_id 
_entity_poly_seq.num 
_entity_poly_seq.mon_id 
_entity_poly_seq.hetero 
1 1   MET n 
1 2   SER n 
1 3   LEU n 
1 4   SER n 
1 5   ASN n 
1 6   CYS n 
1 7   LEU n 
1 8   HIS n 
1 9   LYS n 
1 10  PRO n 
1 11  ASP n 
1 12  GLU n 
1 13  GLU n 
1 14  ARG n 
1 15  THR n 
1 16  LYS n 
1 17  GLU n 
1 18  LYS n 
1 19  HIS n 
1 20  VAL n 
1 21  PRO n 
1 22  GLU n 
1 23  MET n 
1 24  LYS n 
1 25  LEU n 
1 26  SER n 
1 27  GLY n 
1 28  ASN n 
1 29  HIS n 
1 30  VAL n 
1 31  ASP n 
1 32  ILE n 
1 33  ARG n 
1 34  CYS n 
1 35  GLY n 
1 36  ALA n 
1 37  THR n 
1 38  VAL n 
1 39  MET n 
1 40  HIS n 
1 41  PRO n 
1 42  ALA n 
1 43  THR n 
1 44  GLU n 
1 45  LYS n 
1 46  HIS n 
1 47  TYR n 
1 48  ILE n 
1 49  GLY n 
1 50  THR n 
1 51  ILE n 
1 52  ARG n 
1 53  LEU n 
1 54  PHE n 
1 55  GLY n 
1 56  ILE n 
1 57  THR n 
1 58  LYS n 
1 59  GLU n 
1 60  GLY n 
1 61  ASN n 
1 62  VAL n 
1 63  THR n 
1 64  LEU n 
1 65  GLU n 
1 66  LEU n 
1 67  GLY n 
1 68  CYS n 
1 69  GLN n 
1 70  GLN n 
1 71  ILE n 
1 72  TRP n 
1 73  PRO n 
1 74  GLY n 
1 75  LEU n 
1 76  GLY n 
1 77  GLU n 
1 78  PRO n 
1 79  VAL n 
1 80  ALA n 
1 81  SER n 
1 82  PHE n 
1 83  ARG n 
1 84  VAL n 
1 85  CYS n 
1 86  ASP n 
1 87  LEU n 
1 88  GLU n 
1 89  LYS n 
1 90  TYR n 
1 91  LYS n 
1 92  GLY n 
1 93  LEU n 
1 94  LEU n 
1 95  ALA n 
1 96  VAL n 
1 97  ALA n 
1 98  TYR n 
1 99  CYS n 
1 100 ASN n 
1 101 LEU n 
1 102 HIS n 
1 103 GLY n 
1 104 CYS n 
1 105 TRP n 
1 106 GLU n 
1 107 ASN n 
1 108 TYR n 
1 109 MET n 
1 110 GLU n 
1 111 LEU n 
# 
_entity_src_gen.entity_id                          1 
_entity_src_gen.pdbx_src_id                        1 
_entity_src_gen.pdbx_alt_source_flag               sample 
_entity_src_gen.pdbx_seq_type                      ? 
_entity_src_gen.pdbx_beg_seq_num                   ? 
_entity_src_gen.pdbx_end_seq_num                   ? 
_entity_src_gen.gene_src_common_name               ? 
_entity_src_gen.gene_src_genus                     ? 
_entity_src_gen.pdbx_gene_src_gene                 ? 
_entity_src_gen.gene_src_species                   ? 
_entity_src_gen.gene_src_strain                    ? 
_entity_src_gen.gene_src_tissue                    ? 
_entity_src_gen.gene_src_tissue_fraction           ? 
_entity_src_gen.gene_src_details                   ? 
_entity_src_gen.pdbx_gene_src_fragment             ? 
_entity_src_gen.pdbx_gene_src_scientific_name      'GIARDIA INTESTINALIS' 
_entity_src_gen.pdbx_gene_src_ncbi_taxonomy_id     5741 
_entity_src_gen.pdbx_gene_src_variant              ? 
_entity_src_gen.pdbx_gene_src_cell_line            ? 
_entity_src_gen.pdbx_gene_src_atcc                 ? 
_entity_src_gen.pdbx_gene_src_organ                ? 
_entity_src_gen.pdbx_gene_src_organelle            ? 
_entity_src_gen.pdbx_gene_src_cell                 ? 
_entity_src_gen.pdbx_gene_src_cellular_location    ? 
_entity_src_gen.host_org_common_name               ? 
_entity_src_gen.pdbx_host_org_scientific_name      'ESCHERICHIA COLI' 
_entity_src_gen.pdbx_host_org_ncbi_taxonomy_id     469008 
_entity_src_gen.host_org_genus                     ? 
_entity_src_gen.pdbx_host_org_gene                 ? 
_entity_src_gen.pdbx_host_org_organ                ? 
_entity_src_gen.host_org_species                   ? 
_entity_src_gen.pdbx_host_org_tissue               ? 
_entity_src_gen.pdbx_host_org_tissue_fraction      ? 
_entity_src_gen.pdbx_host_org_strain               'BL21(DE3)' 
_entity_src_gen.pdbx_host_org_variant              GOLD 
_entity_src_gen.pdbx_host_org_cell_line            ? 
_entity_src_gen.pdbx_host_org_atcc                 ? 
_entity_src_gen.pdbx_host_org_culture_collection   ? 
_entity_src_gen.pdbx_host_org_cell                 ? 
_entity_src_gen.pdbx_host_org_organelle            ? 
_entity_src_gen.pdbx_host_org_cellular_location    ? 
_entity_src_gen.pdbx_host_org_vector_type          PLASMID 
_entity_src_gen.pdbx_host_org_vector               PET28A 
_entity_src_gen.host_org_details                   ? 
_entity_src_gen.expression_system_id               ? 
_entity_src_gen.plasmid_name                       ? 
_entity_src_gen.plasmid_details                    ? 
_entity_src_gen.pdbx_description                   ? 
# 
loop_
_chem_comp.id 
_chem_comp.type 
_chem_comp.mon_nstd_flag 
_chem_comp.name 
_chem_comp.pdbx_synonyms 
_chem_comp.formula 
_chem_comp.formula_weight 
ALA 'L-peptide linking' y ALANINE         ? 'C3 H7 N O2'     89.093  
ARG 'L-peptide linking' y ARGININE        ? 'C6 H15 N4 O2 1' 175.209 
ASN 'L-peptide linking' y ASPARAGINE      ? 'C4 H8 N2 O3'    132.118 
ASP 'L-peptide linking' y 'ASPARTIC ACID' ? 'C4 H7 N O4'     133.103 
CYS 'L-peptide linking' y CYSTEINE        ? 'C3 H7 N O2 S'   121.158 
FE  non-polymer         . 'FE (III) ION'  ? 'Fe 3'           55.845  
GLN 'L-peptide linking' y GLUTAMINE       ? 'C5 H10 N2 O3'   146.144 
GLU 'L-peptide linking' y 'GLUTAMIC ACID' ? 'C5 H9 N O4'     147.129 
GLY 'peptide linking'   y GLYCINE         ? 'C2 H5 N O2'     75.067  
HIS 'L-peptide linking' y HISTIDINE       ? 'C6 H10 N3 O2 1' 156.162 
HOH non-polymer         . WATER           ? 'H2 O'           18.015  
ILE 'L-peptide linking' y ISOLEUCINE      ? 'C6 H13 N O2'    131.173 
LEU 'L-peptide linking' y LEUCINE         ? 'C6 H13 N O2'    131.173 
LYS 'L-peptide linking' y LYSINE          ? 'C6 H15 N2 O2 1' 147.195 
MET 'L-peptide linking' y METHIONINE      ? 'C5 H11 N O2 S'  149.211 
PHE 'L-peptide linking' y PHENYLALANINE   ? 'C9 H11 N O2'    165.189 
PRO 'L-peptide linking' y PROLINE         ? 'C5 H9 N O2'     115.130 
SER 'L-peptide linking' y SERINE          ? 'C3 H7 N O3'     105.093 
THR 'L-peptide linking' y THREONINE       ? 'C4 H9 N O3'     119.119 
TRP 'L-peptide linking' y TRYPTOPHAN      ? 'C11 H12 N2 O2'  204.225 
TYR 'L-peptide linking' y TYROSINE        ? 'C9 H11 N O3'    181.189 
VAL 'L-peptide linking' y VALINE          ? 'C5 H11 N O2'    117.146 
# 
loop_
_pdbx_poly_seq_scheme.asym_id 
_pdbx_poly_seq_scheme.entity_id 
_pdbx_poly_seq_scheme.seq_id 
_pdbx_poly_seq_scheme.mon_id 
_pdbx_poly_seq_scheme.ndb_seq_num 
_pdbx_poly_seq_scheme.pdb_seq_num 
_pdbx_poly_seq_scheme.auth_seq_num 
_pdbx_poly_seq_scheme.pdb_mon_id 
_pdbx_poly_seq_scheme.auth_mon_id 
_pdbx_poly_seq_scheme.pdb_strand_id 
_pdbx_poly_seq_scheme.pdb_ins_code 
_pdbx_poly_seq_scheme.hetero 
A 1 1   MET 1   1   ?   ?   ?   A . n 
A 1 2   SER 2   2   ?   ?   ?   A . n 
A 1 3   LEU 3   3   ?   ?   ?   A . n 
A 1 4   SER 4   4   ?   ?   ?   A . n 
A 1 5   ASN 5   5   ?   ?   ?   A . n 
A 1 6   CYS 6   6   ?   ?   ?   A . n 
A 1 7   LEU 7   7   ?   ?   ?   A . n 
A 1 8   HIS 8   8   ?   ?   ?   A . n 
A 1 9   LYS 9   9   ?   ?   ?   A . n 
A 1 10  PRO 10  10  ?   ?   ?   A . n 
A 1 11  ASP 11  11  ?   ?   ?   A . n 
A 1 12  GLU 12  12  ?   ?   ?   A . n 
A 1 13  GLU 13  13  ?   ?   ?   A . n 
A 1 14  ARG 14  14  ?   ?   ?   A . n 
A 1 15  THR 15  15  ?   ?   ?   A . n 
A 1 16  LYS 16  16  16  LYS LYS A . n 
A 1 17  GLU 17  17  17  GLU GLU A . n 
A 1 18  LYS 18  18  18  LYS LYS A . n 
A 1 19  HIS 19  19  19  HIS HIS A . n 
A 1 20  VAL 20  20  20  VAL VAL A . n 
A 1 21  PRO 21  21  21  PRO PRO A . n 
A 1 22  GLU 22  22  22  GLU GLU A . n 
A 1 23  MET 23  23  23  MET MET A . n 
A 1 24  LYS 24  24  24  LYS LYS A . n 
A 1 25  LEU 25  25  25  LEU LEU A . n 
A 1 26  SER 26  26  26  SER SER A . n 
A 1 27  GLY 27  27  27  GLY GLY A . n 
A 1 28  ASN 28  28  28  ASN ASN A . n 
A 1 29  HIS 29  29  29  HIS HIS A . n 
A 1 30  VAL 30  30  30  VAL VAL A . n 
A 1 31  ASP 31  31  31  ASP ASP A . n 
A 1 32  ILE 32  32  32  ILE ILE A . n 
A 1 33  ARG 33  33  33  ARG ARG A . n 
A 1 34  CYS 34  34  34  CYS CYS A . n 
A 1 35  GLY 35  35  35  GLY GLY A . n 
A 1 36  ALA 36  36  36  ALA ALA A . n 
A 1 37  THR 37  37  37  THR THR A . n 
A 1 38  VAL 38  38  38  VAL VAL A . n 
A 1 39  MET 39  39  39  MET MET A . n 
A 1 40  HIS 40  40  40  HIS HIS A . n 
A 1 41  PRO 41  41  41  PRO PRO A . n 
A 1 42  ALA 42  42  42  ALA ALA A . n 
A 1 43  THR 43  43  43  THR THR A . n 
A 1 44  GLU 44  44  44  GLU GLU A . n 
A 1 45  LYS 45  45  45  LYS LYS A . n 
A 1 46  HIS 46  46  46  HIS HIS A . n 
A 1 47  TYR 47  47  47  TYR TYR A . n 
A 1 48  ILE 48  48  48  ILE ILE A . n 
A 1 49  GLY 49  49  49  GLY GLY A . n 
A 1 50  THR 50  50  50  THR THR A . n 
A 1 51  ILE 51  51  51  ILE ILE A . n 
A 1 52  ARG 52  52  52  ARG ARG A . n 
A 1 53  LEU 53  53  53  LEU LEU A . n 
A 1 54  PHE 54  54  54  PHE PHE A . n 
A 1 55  GLY 55  55  55  GLY GLY A . n 
A 1 56  ILE 56  56  56  ILE ILE A . n 
A 1 57  THR 57  57  57  THR THR A . n 
A 1 58  LYS 58  58  58  LYS LYS A . n 
A 1 59  GLU 59  59  59  GLU GLU A . n 
A 1 60  GLY 60  60  60  GLY GLY A . n 
A 1 61  ASN 61  61  61  ASN ASN A . n 
A 1 62  VAL 62  62  62  VAL VAL A . n 
A 1 63  THR 63  63  63  THR THR A . n 
A 1 64  LEU 64  64  64  LEU LEU A . n 
A 1 65  GLU 65  65  65  GLU GLU A . n 
A 1 66  LEU 66  66  66  LEU LEU A . n 
A 1 67  GLY 67  67  67  GLY GLY A . n 
A 1 68  CYS 68  68  68  CYS CYS A . n 
A 1 69  GLN 69  69  69  GLN GLN A . n 
A 1 70  GLN 70  70  70  GLN GLN A . n 
A 1 71  ILE 71  71  71  ILE ILE A . n 
A 1 72  TRP 72  72  72  TRP TRP A . n 
A 1 73  PRO 73  73  73  PRO PRO A . n 
A 1 74  GLY 74  74  74  GLY GLY A . n 
A 1 75  LEU 75  75  75  LEU LEU A . n 
A 1 76  GLY 76  76  76  GLY GLY A . n 
A 1 77  GLU 77  77  77  GLU GLU A . n 
A 1 78  PRO 78  78  78  PRO PRO A . n 
A 1 79  VAL 79  79  79  VAL VAL A . n 
A 1 80  ALA 80  80  80  ALA ALA A . n 
A 1 81  SER 81  81  81  SER SER A . n 
A 1 82  PHE 82  82  82  PHE PHE A . n 
A 1 83  ARG 83  83  83  ARG ARG A . n 
A 1 84  VAL 84  84  84  VAL VAL A . n 
A 1 85  CYS 85  85  85  CYS CYS A . n 
A 1 86  ASP 86  86  86  ASP ASP A . n 
A 1 87  LEU 87  87  87  LEU LEU A . n 
A 1 88  GLU 88  88  88  GLU GLU A . n 
A 1 89  LYS 89  89  89  LYS LYS A . n 
A 1 90  TYR 90  90  90  TYR TYR A . n 
A 1 91  LYS 91  91  91  LYS LYS A . n 
A 1 92  GLY 92  92  92  GLY GLY A . n 
A 1 93  LEU 93  93  93  LEU LEU A . n 
A 1 94  LEU 94  94  94  LEU LEU A . n 
A 1 95  ALA 95  95  95  ALA ALA A . n 
A 1 96  VAL 96  96  96  VAL VAL A . n 
A 1 97  ALA 97  97  97  ALA ALA A . n 
A 1 98  TYR 98  98  98  TYR TYR A . n 
A 1 99  CYS 99  99  99  CYS CYS A . n 
A 1 100 ASN 100 100 100 ASN ASN A . n 
A 1 101 LEU 101 101 101 LEU LEU A . n 
A 1 102 HIS 102 102 102 HIS HIS A . n 
A 1 103 GLY 103 103 103 GLY GLY A . n 
A 1 104 CYS 104 104 104 CYS CYS A . n 
A 1 105 TRP 105 105 105 TRP TRP A . n 
A 1 106 GLU 106 106 106 GLU GLU A . n 
A 1 107 ASN 107 107 107 ASN ASN A . n 
A 1 108 TYR 108 108 108 TYR TYR A . n 
A 1 109 MET 109 109 109 MET MET A . n 
A 1 110 GLU 110 110 110 GLU GLU A . n 
A 1 111 LEU 111 111 111 LEU LEU A . n 
# 
loop_
_pdbx_nonpoly_scheme.asym_id 
_pdbx_nonpoly_scheme.entity_id 
_pdbx_nonpoly_scheme.mon_id 
_pdbx_nonpoly_scheme.ndb_seq_num 
_pdbx_nonpoly_scheme.pdb_seq_num 
_pdbx_nonpoly_scheme.auth_seq_num 
_pdbx_nonpoly_scheme.pdb_mon_id 
_pdbx_nonpoly_scheme.auth_mon_id 
_pdbx_nonpoly_scheme.pdb_strand_id 
_pdbx_nonpoly_scheme.pdb_ins_code 
B 2 FE  1  201  201  FE  FE  A . 
C 3 HOH 1  2001 2001 HOH HOH A . 
C 3 HOH 2  2002 2002 HOH HOH A . 
C 3 HOH 3  2003 2003 HOH HOH A . 
C 3 HOH 4  2004 2004 HOH HOH A . 
C 3 HOH 5  2005 2005 HOH HOH A . 
C 3 HOH 6  2006 2006 HOH HOH A . 
C 3 HOH 7  2007 2007 HOH HOH A . 
C 3 HOH 8  2008 2008 HOH HOH A . 
C 3 HOH 9  2009 2009 HOH HOH A . 
C 3 HOH 10 2010 2010 HOH HOH A . 
C 3 HOH 11 2011 2011 HOH HOH A . 
C 3 HOH 12 2012 2012 HOH HOH A . 
C 3 HOH 13 2013 2013 HOH HOH A . 
C 3 HOH 14 2014 2014 HOH HOH A . 
C 3 HOH 15 2015 2015 HOH HOH A . 
C 3 HOH 16 2016 2016 HOH HOH A . 
C 3 HOH 17 2017 2017 HOH HOH A . 
C 3 HOH 18 2018 2018 HOH HOH A . 
C 3 HOH 19 2019 2019 HOH HOH A . 
C 3 HOH 20 2020 2020 HOH HOH A . 
C 3 HOH 21 2021 2021 HOH HOH A . 
C 3 HOH 22 2022 2022 HOH HOH A . 
C 3 HOH 23 2023 2023 HOH HOH A . 
C 3 HOH 24 2024 2024 HOH HOH A . 
C 3 HOH 25 2025 2025 HOH HOH A . 
C 3 HOH 26 2026 2026 HOH HOH A . 
C 3 HOH 27 2027 2027 HOH HOH A . 
C 3 HOH 28 2028 2028 HOH HOH A . 
C 3 HOH 29 2029 2029 HOH HOH A . 
C 3 HOH 30 2030 2030 HOH HOH A . 
C 3 HOH 31 2031 2031 HOH HOH A . 
C 3 HOH 32 2032 2032 HOH HOH A . 
C 3 HOH 33 2033 2033 HOH HOH A . 
C 3 HOH 34 2034 2034 HOH HOH A . 
C 3 HOH 35 2035 2035 HOH HOH A . 
C 3 HOH 36 2036 2036 HOH HOH A . 
# 
loop_
_software.name 
_software.classification 
_software.version 
_software.citation_id 
_software.pdbx_ordinal 
PHENIX refinement       '(PHENIX.REFINE)' ? 1 
XDS    'data reduction' .                 ? 2 
SCALA  'data scaling'   .                 ? 3 
PHASER phasing          .                 ? 4 
# 
_cell.entry_id           4D7P 
_cell.length_a           90.270 
_cell.length_b           90.270 
_cell.length_c           90.270 
_cell.angle_alpha        90.00 
_cell.angle_beta         90.00 
_cell.angle_gamma        90.00 
_cell.Z_PDB              24 
_cell.pdbx_unique_axis   ? 
# 
_symmetry.entry_id                         4D7P 
_symmetry.space_group_name_H-M             'I 2 3' 
_symmetry.pdbx_full_space_group_name_H-M   ? 
_symmetry.cell_setting                     ? 
_symmetry.Int_Tables_number                197 
# 
_exptl.entry_id          4D7P 
_exptl.method            'X-RAY DIFFRACTION' 
_exptl.crystals_number   1 
# 
_exptl_crystal.id                    1 
_exptl_crystal.density_meas          ? 
_exptl_crystal.density_Matthews      2.5 
_exptl_crystal.density_percent_sol   50 
_exptl_crystal.description           'THE SEARCH MODEL USED WAS A PRELIMINARY AND REFINED SAD DATASET MEASURED IN-HOUSE TO 2.0A.' 
# 
_exptl_crystal_grow.crystal_id      1 
_exptl_crystal_grow.method          ? 
_exptl_crystal_grow.temp            ? 
_exptl_crystal_grow.temp_details    ? 
_exptl_crystal_grow.pH              7 
_exptl_crystal_grow.pdbx_pH_range   ? 
_exptl_crystal_grow.pdbx_details    '24% DIOXANE, pH 7' 
# 
_diffrn.id                     1 
_diffrn.ambient_temp           100 
_diffrn.ambient_temp_details   ? 
_diffrn.crystal_id             1 
# 
_diffrn_detector.diffrn_id              1 
_diffrn_detector.detector               CCD 
_diffrn_detector.type                   'ADSC CCD' 
_diffrn_detector.pdbx_collection_date   2013-10-04 
_diffrn_detector.details                ? 
# 
_diffrn_radiation.diffrn_id                        1 
_diffrn_radiation.wavelength_id                    1 
_diffrn_radiation.pdbx_monochromatic_or_laue_m_l   M 
_diffrn_radiation.monochromator                    ? 
_diffrn_radiation.pdbx_diffrn_protocol             'SINGLE WAVELENGTH' 
_diffrn_radiation.pdbx_scattering_type             x-ray 
# 
_diffrn_radiation_wavelength.id           1 
_diffrn_radiation_wavelength.wavelength   0.98008 
_diffrn_radiation_wavelength.wt           1.0 
# 
_diffrn_source.diffrn_id                   1 
_diffrn_source.source                      SYNCHROTRON 
_diffrn_source.type                        'ESRF BEAMLINE ID14-4' 
_diffrn_source.pdbx_synchrotron_site       ESRF 
_diffrn_source.pdbx_synchrotron_beamline   ID14-4 
_diffrn_source.pdbx_wavelength             0.98008 
_diffrn_source.pdbx_wavelength_list        ? 
# 
_reflns.pdbx_diffrn_id               1 
_reflns.pdbx_ordinal                 1 
_reflns.entry_id                     4D7P 
_reflns.observed_criterion_sigma_I   0.0 
_reflns.observed_criterion_sigma_F   ? 
_reflns.d_resolution_low             31.92 
_reflns.d_resolution_high            2.00 
_reflns.number_obs                   8422 
_reflns.number_all                   ? 
_reflns.percent_possible_obs         100.0 
_reflns.pdbx_Rmerge_I_obs            0.08 
_reflns.pdbx_Rsym_value              ? 
_reflns.pdbx_netI_over_sigmaI        13.00 
_reflns.B_iso_Wilson_estimate        31.44 
_reflns.pdbx_redundancy              4.9 
# 
_reflns_shell.pdbx_diffrn_id         1 
_reflns_shell.pdbx_ordinal           1 
_reflns_shell.d_res_high             2.00 
_reflns_shell.d_res_low              2.10 
_reflns_shell.percent_possible_all   100.0 
_reflns_shell.Rmerge_I_obs           0.78 
_reflns_shell.pdbx_Rsym_value        ? 
_reflns_shell.meanI_over_sigI_obs    2.20 
_reflns_shell.pdbx_redundancy        4.9 
# 
_refine.pdbx_refine_id                           'X-RAY DIFFRACTION' 
_refine.entry_id                                 4D7P 
_refine.pdbx_diffrn_id                           1 
_refine.pdbx_TLS_residual_ADP_flag               ? 
_refine.ls_number_reflns_obs                     8417 
_refine.ls_number_reflns_all                     ? 
_refine.pdbx_ls_sigma_I                          ? 
_refine.pdbx_ls_sigma_F                          1.36 
_refine.pdbx_data_cutoff_high_absF               ? 
_refine.pdbx_data_cutoff_low_absF                ? 
_refine.pdbx_data_cutoff_high_rms_absF           ? 
_refine.ls_d_res_low                             31.915 
_refine.ls_d_res_high                            2.001 
_refine.ls_percent_reflns_obs                    99.81 
_refine.ls_R_factor_obs                          0.1963 
_refine.ls_R_factor_all                          ? 
_refine.ls_R_factor_R_work                       0.1946 
_refine.ls_R_factor_R_free                       0.2310 
_refine.ls_R_factor_R_free_error                 ? 
_refine.ls_R_factor_R_free_error_details         ? 
_refine.ls_percent_reflns_R_free                 4.8 
_refine.ls_number_reflns_R_free                  405 
_refine.ls_number_parameters                     ? 
_refine.ls_number_restraints                     ? 
_refine.occupancy_min                            ? 
_refine.occupancy_max                            ? 
_refine.correlation_coeff_Fo_to_Fc               ? 
_refine.correlation_coeff_Fo_to_Fc_free          ? 
_refine.B_iso_mean                               38.0 
_refine.aniso_B[1][1]                            ? 
_refine.aniso_B[2][2]                            ? 
_refine.aniso_B[3][3]                            ? 
_refine.aniso_B[1][2]                            ? 
_refine.aniso_B[1][3]                            ? 
_refine.aniso_B[2][3]                            ? 
_refine.solvent_model_details                    'FLAT BULK SOLVENT MODEL' 
_refine.solvent_model_param_ksol                 ? 
_refine.solvent_model_param_bsol                 ? 
_refine.pdbx_solvent_vdw_probe_radii             1.11 
_refine.pdbx_solvent_ion_probe_radii             ? 
_refine.pdbx_solvent_shrinkage_radii             0.90 
_refine.pdbx_ls_cross_valid_method               ? 
_refine.details                                  ? 
_refine.pdbx_starting_model                      'PRELIMINARY MODEL FROM SAD' 
_refine.pdbx_method_to_determine_struct          'MOLECULAR REPLACEMENT' 
_refine.pdbx_isotropic_thermal_model             ? 
_refine.pdbx_stereochemistry_target_values       ML 
_refine.pdbx_stereochem_target_val_spec_case     ? 
_refine.pdbx_R_Free_selection_details            ? 
_refine.pdbx_overall_ESU_R                       ? 
_refine.pdbx_overall_ESU_R_Free                  ? 
_refine.overall_SU_ML                            0.23 
_refine.pdbx_overall_phase_error                 26.60 
_refine.overall_SU_B                             ? 
_refine.overall_SU_R_Cruickshank_DPI             ? 
_refine.pdbx_overall_SU_R_free_Cruickshank_DPI   ? 
_refine.pdbx_overall_SU_R_Blow_DPI               ? 
_refine.pdbx_overall_SU_R_free_Blow_DPI          ? 
# 
_refine_hist.pdbx_refine_id                   'X-RAY DIFFRACTION' 
_refine_hist.cycle_id                         LAST 
_refine_hist.pdbx_number_atoms_protein        755 
_refine_hist.pdbx_number_atoms_nucleic_acid   0 
_refine_hist.pdbx_number_atoms_ligand         1 
_refine_hist.number_atoms_solvent             36 
_refine_hist.number_atoms_total               792 
_refine_hist.d_res_high                       2.001 
_refine_hist.d_res_low                        31.915 
# 
loop_
_refine_ls_restr.type 
_refine_ls_restr.dev_ideal 
_refine_ls_restr.dev_ideal_target 
_refine_ls_restr.weight 
_refine_ls_restr.number 
_refine_ls_restr.pdbx_refine_id 
_refine_ls_restr.pdbx_restraint_function 
f_bond_d           0.012  ? ? 778  'X-RAY DIFFRACTION' ? 
f_angle_d          1.120  ? ? 1055 'X-RAY DIFFRACTION' ? 
f_dihedral_angle_d 15.973 ? ? 284  'X-RAY DIFFRACTION' ? 
f_chiral_restr     0.044  ? ? 113  'X-RAY DIFFRACTION' ? 
f_plane_restr      0.006  ? ? 133  'X-RAY DIFFRACTION' ? 
# 
loop_
_refine_ls_shell.pdbx_refine_id 
_refine_ls_shell.pdbx_total_number_of_bins_used 
_refine_ls_shell.d_res_high 
_refine_ls_shell.d_res_low 
_refine_ls_shell.number_reflns_R_work 
_refine_ls_shell.R_factor_R_work 
_refine_ls_shell.percent_reflns_obs 
_refine_ls_shell.R_factor_R_free 
_refine_ls_shell.R_factor_R_free_error 
_refine_ls_shell.percent_reflns_R_free 
_refine_ls_shell.number_reflns_R_free 
_refine_ls_shell.number_reflns_all 
_refine_ls_shell.R_factor_all 
'X-RAY DIFFRACTION' . 2.0006 2.2900  2634 0.2327 100.00 0.3184 . . 139 . . 
'X-RAY DIFFRACTION' . 2.2900 2.8849  2640 0.2267 100.00 0.2575 . . 143 . . 
'X-RAY DIFFRACTION' . 2.8849 31.9193 2738 0.1752 100.00 0.1988 . . 123 . . 
# 
_struct.entry_id                  4D7P 
_struct.title                     'Superoxide reductase (1Fe-SOR) from Giardia intestinalis' 
_struct.pdbx_model_details        ? 
_struct.pdbx_CASP_flag            ? 
_struct.pdbx_model_type_details   ? 
# 
_struct_keywords.entry_id        4D7P 
_struct_keywords.pdbx_keywords   OXIDOREDUCTASE 
_struct_keywords.text            'OXIDOREDUCTASE, SUPEROXIDE REDUCTASE, PATHOGEN, PROTOZOAN, PARASITE, OXIDATIVE STRESS, EUKARYOTA' 
# 
loop_
_struct_asym.id 
_struct_asym.pdbx_blank_PDB_chainid_flag 
_struct_asym.pdbx_modified 
_struct_asym.entity_id 
_struct_asym.details 
A N N 1 ? 
B N N 2 ? 
C N N 3 ? 
# 
_struct_ref.id                         1 
_struct_ref.db_name                    UNP 
_struct_ref.db_code                    E1EW53_GIAIA 
_struct_ref.entity_id                  1 
_struct_ref.pdbx_seq_one_letter_code   ? 
_struct_ref.pdbx_align_begin           ? 
_struct_ref.pdbx_db_accession          E1EW53 
_struct_ref.pdbx_db_isoform            ? 
# 
_struct_ref_seq.align_id                      1 
_struct_ref_seq.ref_id                        1 
_struct_ref_seq.pdbx_PDB_id_code              4D7P 
_struct_ref_seq.pdbx_strand_id                A 
_struct_ref_seq.seq_align_beg                 1 
_struct_ref_seq.pdbx_seq_align_beg_ins_code   ? 
_struct_ref_seq.seq_align_end                 111 
_struct_ref_seq.pdbx_seq_align_end_ins_code   ? 
_struct_ref_seq.pdbx_db_accession             E1EW53 
_struct_ref_seq.db_align_beg                  1 
_struct_ref_seq.pdbx_db_align_beg_ins_code    ? 
_struct_ref_seq.db_align_end                  111 
_struct_ref_seq.pdbx_db_align_end_ins_code    ? 
_struct_ref_seq.pdbx_auth_seq_align_beg       1 
_struct_ref_seq.pdbx_auth_seq_align_end       111 
# 
_pdbx_struct_assembly.id                   1 
_pdbx_struct_assembly.details              author_and_software_defined_assembly 
_pdbx_struct_assembly.method_details       PISA 
_pdbx_struct_assembly.oligomeric_details   tetrameric 
_pdbx_struct_assembly.oligomeric_count     4 
# 
loop_
_pdbx_struct_assembly_prop.biol_id 
_pdbx_struct_assembly_prop.type 
_pdbx_struct_assembly_prop.value 
_pdbx_struct_assembly_prop.details 
1 'ABSA (A^2)' 7020  ? 
1 MORE         -28.6 ? 
1 'SSA (A^2)'  15860 ? 
# 
_pdbx_struct_assembly_gen.assembly_id       1 
_pdbx_struct_assembly_gen.oper_expression   1,2,3,4 
_pdbx_struct_assembly_gen.asym_id_list      A,B,C 
# 
loop_
_pdbx_struct_oper_list.id 
_pdbx_struct_oper_list.type 
_pdbx_struct_oper_list.name 
_pdbx_struct_oper_list.symmetry_operation 
_pdbx_struct_oper_list.matrix[1][1] 
_pdbx_struct_oper_list.matrix[1][2] 
_pdbx_struct_oper_list.matrix[1][3] 
_pdbx_struct_oper_list.vector[1] 
_pdbx_struct_oper_list.matrix[2][1] 
_pdbx_struct_oper_list.matrix[2][2] 
_pdbx_struct_oper_list.matrix[2][3] 
_pdbx_struct_oper_list.vector[2] 
_pdbx_struct_oper_list.matrix[3][1] 
_pdbx_struct_oper_list.matrix[3][2] 
_pdbx_struct_oper_list.matrix[3][3] 
_pdbx_struct_oper_list.vector[3] 
1 'identity operation'         1_555 x,y,z       1.0000000000  0.0000000000  0.0000000000  0.0000000000  0.0000000000  1.0000000000  0.0000000000  0.0000000000  0.0000000000  0.0000000000  1.0000000000  0.0000000000   
2 'crystal symmetry operation' 4_576 x,-y+2,-z+1 -0.8551975049 -0.5092544534 -0.0964216231 10.4005813593 -0.5092544534 0.7909919165  0.3391042462  7.7180362032  -0.0964216231 0.3391042462  -0.9357944116 -25.1438847244 
3 'crystal symmetry operation' 3_556 -x,y,-z+1   0.4602835091  0.5475334281  -0.6988177419 -7.7419242721 0.5475334281  -0.7947022937 -0.2620217728 -0.4459836850 -0.6988177419 -0.2620217728 -0.6655812154 -16.5273355658 
4 'crystal symmetry operation' 2_575 -x,-y+2,z   -0.6050860042 -0.0382789748 0.7952393650  18.8421673781 -0.0382789748 -0.9962896227 -0.0770824734 5.7033864579  0.7952393650  -0.0770824734 0.6013756270  -9.0824425203  
# 
_struct_biol.id   1 
# 
_struct_conf.conf_type_id            HELX_P 
_struct_conf.id                      HELX_P1 
_struct_conf.pdbx_PDB_helix_id       1 
_struct_conf.beg_label_comp_id       ASP 
_struct_conf.beg_label_asym_id       A 
_struct_conf.beg_label_seq_id        86 
_struct_conf.pdbx_beg_PDB_ins_code   ? 
_struct_conf.end_label_comp_id       GLU 
_struct_conf.end_label_asym_id       A 
_struct_conf.end_label_seq_id        88 
_struct_conf.pdbx_end_PDB_ins_code   ? 
_struct_conf.beg_auth_comp_id        ASP 
_struct_conf.beg_auth_asym_id        A 
_struct_conf.beg_auth_seq_id         86 
_struct_conf.end_auth_comp_id        GLU 
_struct_conf.end_auth_asym_id        A 
_struct_conf.end_auth_seq_id         88 
_struct_conf.pdbx_PDB_helix_class    5 
_struct_conf.details                 ? 
_struct_conf.pdbx_PDB_helix_length   3 
# 
_struct_conf_type.id          HELX_P 
_struct_conf_type.criteria    ? 
_struct_conf_type.reference   ? 
# 
loop_
_struct_conn.id 
_struct_conn.conn_type_id 
_struct_conn.pdbx_leaving_atom_flag 
_struct_conn.pdbx_PDB_id 
_struct_conn.ptnr1_label_asym_id 
_struct_conn.ptnr1_label_comp_id 
_struct_conn.ptnr1_label_seq_id 
_struct_conn.ptnr1_label_atom_id 
_struct_conn.pdbx_ptnr1_label_alt_id 
_struct_conn.pdbx_ptnr1_PDB_ins_code 
_struct_conn.pdbx_ptnr1_standard_comp_id 
_struct_conn.ptnr1_symmetry 
_struct_conn.ptnr2_label_asym_id 
_struct_conn.ptnr2_label_comp_id 
_struct_conn.ptnr2_label_seq_id 
_struct_conn.ptnr2_label_atom_id 
_struct_conn.pdbx_ptnr2_label_alt_id 
_struct_conn.pdbx_ptnr2_PDB_ins_code 
_struct_conn.ptnr1_auth_asym_id 
_struct_conn.ptnr1_auth_comp_id 
_struct_conn.ptnr1_auth_seq_id 
_struct_conn.ptnr2_auth_asym_id 
_struct_conn.ptnr2_auth_comp_id 
_struct_conn.ptnr2_auth_seq_id 
_struct_conn.ptnr2_symmetry 
_struct_conn.pdbx_ptnr3_label_atom_id 
_struct_conn.pdbx_ptnr3_label_seq_id 
_struct_conn.pdbx_ptnr3_label_comp_id 
_struct_conn.pdbx_ptnr3_label_asym_id 
_struct_conn.pdbx_ptnr3_label_alt_id 
_struct_conn.pdbx_ptnr3_PDB_ins_code 
_struct_conn.details 
_struct_conn.pdbx_dist_value 
_struct_conn.pdbx_value_order 
_struct_conn.pdbx_role 
metalc1 metalc ? ? A HIS 19  NE2 ? ? ? 1_555 B FE . FE ? ? A HIS 19  A FE 201 1_555 ? ? ? ? ? ? ? 2.037 ? ? 
metalc2 metalc ? ? A HIS 40  NE2 ? ? ? 1_555 B FE . FE ? ? A HIS 40  A FE 201 1_555 ? ? ? ? ? ? ? 2.226 ? ? 
metalc3 metalc ? ? A HIS 46  NE2 ? ? ? 1_555 B FE . FE ? ? A HIS 46  A FE 201 1_555 ? ? ? ? ? ? ? 2.106 ? ? 
metalc4 metalc ? ? A CYS 99  SG  ? ? ? 1_555 B FE . FE ? ? A CYS 99  A FE 201 1_555 ? ? ? ? ? ? ? 2.373 ? ? 
metalc5 metalc ? ? A HIS 102 ND1 ? ? ? 1_555 B FE . FE ? ? A HIS 102 A FE 201 1_555 ? ? ? ? ? ? ? 2.343 ? ? 
# 
_struct_conn_type.id          metalc 
_struct_conn_type.criteria    ? 
_struct_conn_type.reference   ? 
# 
loop_
_pdbx_struct_conn_angle.id 
_pdbx_struct_conn_angle.ptnr1_label_atom_id 
_pdbx_struct_conn_angle.ptnr1_label_alt_id 
_pdbx_struct_conn_angle.ptnr1_label_asym_id 
_pdbx_struct_conn_angle.ptnr1_label_comp_id 
_pdbx_struct_conn_angle.ptnr1_label_seq_id 
_pdbx_struct_conn_angle.ptnr1_auth_atom_id 
_pdbx_struct_conn_angle.ptnr1_auth_asym_id 
_pdbx_struct_conn_angle.ptnr1_auth_comp_id 
_pdbx_struct_conn_angle.ptnr1_auth_seq_id 
_pdbx_struct_conn_angle.ptnr1_PDB_ins_code 
_pdbx_struct_conn_angle.ptnr1_symmetry 
_pdbx_struct_conn_angle.ptnr2_label_atom_id 
_pdbx_struct_conn_angle.ptnr2_label_alt_id 
_pdbx_struct_conn_angle.ptnr2_label_asym_id 
_pdbx_struct_conn_angle.ptnr2_label_comp_id 
_pdbx_struct_conn_angle.ptnr2_label_seq_id 
_pdbx_struct_conn_angle.ptnr2_auth_atom_id 
_pdbx_struct_conn_angle.ptnr2_auth_asym_id 
_pdbx_struct_conn_angle.ptnr2_auth_comp_id 
_pdbx_struct_conn_angle.ptnr2_auth_seq_id 
_pdbx_struct_conn_angle.ptnr2_PDB_ins_code 
_pdbx_struct_conn_angle.ptnr2_symmetry 
_pdbx_struct_conn_angle.ptnr3_label_atom_id 
_pdbx_struct_conn_angle.ptnr3_label_alt_id 
_pdbx_struct_conn_angle.ptnr3_label_asym_id 
_pdbx_struct_conn_angle.ptnr3_label_comp_id 
_pdbx_struct_conn_angle.ptnr3_label_seq_id 
_pdbx_struct_conn_angle.ptnr3_auth_atom_id 
_pdbx_struct_conn_angle.ptnr3_auth_asym_id 
_pdbx_struct_conn_angle.ptnr3_auth_comp_id 
_pdbx_struct_conn_angle.ptnr3_auth_seq_id 
_pdbx_struct_conn_angle.ptnr3_PDB_ins_code 
_pdbx_struct_conn_angle.ptnr3_symmetry 
_pdbx_struct_conn_angle.value 
_pdbx_struct_conn_angle.value_esd 
1  NE2 ? A HIS 19 ? A HIS 19 ? 1_555 FE ? B FE . ? A FE 201 ? 1_555 NE2 ? A HIS 40  ? A HIS 40  ? 1_555 90.0  ? 
2  NE2 ? A HIS 19 ? A HIS 19 ? 1_555 FE ? B FE . ? A FE 201 ? 1_555 NE2 ? A HIS 46  ? A HIS 46  ? 1_555 169.5 ? 
3  NE2 ? A HIS 40 ? A HIS 40 ? 1_555 FE ? B FE . ? A FE 201 ? 1_555 NE2 ? A HIS 46  ? A HIS 46  ? 1_555 85.9  ? 
4  NE2 ? A HIS 19 ? A HIS 19 ? 1_555 FE ? B FE . ? A FE 201 ? 1_555 SG  ? A CYS 99  ? A CYS 99  ? 1_555 99.7  ? 
5  NE2 ? A HIS 40 ? A HIS 40 ? 1_555 FE ? B FE . ? A FE 201 ? 1_555 SG  ? A CYS 99  ? A CYS 99  ? 1_555 96.7  ? 
6  NE2 ? A HIS 46 ? A HIS 46 ? 1_555 FE ? B FE . ? A FE 201 ? 1_555 SG  ? A CYS 99  ? A CYS 99  ? 1_555 90.4  ? 
7  NE2 ? A HIS 19 ? A HIS 19 ? 1_555 FE ? B FE . ? A FE 201 ? 1_555 ND1 ? A HIS 102 ? A HIS 102 ? 1_555 82.7  ? 
8  NE2 ? A HIS 40 ? A HIS 40 ? 1_555 FE ? B FE . ? A FE 201 ? 1_555 ND1 ? A HIS 102 ? A HIS 102 ? 1_555 158.0 ? 
9  NE2 ? A HIS 46 ? A HIS 46 ? 1_555 FE ? B FE . ? A FE 201 ? 1_555 ND1 ? A HIS 102 ? A HIS 102 ? 1_555 97.6  ? 
10 SG  ? A CYS 99 ? A CYS 99 ? 1_555 FE ? B FE . ? A FE 201 ? 1_555 ND1 ? A HIS 102 ? A HIS 102 ? 1_555 105.0 ? 
# 
_struct_mon_prot_cis.pdbx_id                1 
_struct_mon_prot_cis.label_comp_id          CYS 
_struct_mon_prot_cis.label_seq_id           34 
_struct_mon_prot_cis.label_asym_id          A 
_struct_mon_prot_cis.label_alt_id           . 
_struct_mon_prot_cis.pdbx_PDB_ins_code      ? 
_struct_mon_prot_cis.auth_comp_id           CYS 
_struct_mon_prot_cis.auth_seq_id            34 
_struct_mon_prot_cis.auth_asym_id           A 
_struct_mon_prot_cis.pdbx_label_comp_id_2   GLY 
_struct_mon_prot_cis.pdbx_label_seq_id_2    35 
_struct_mon_prot_cis.pdbx_label_asym_id_2   A 
_struct_mon_prot_cis.pdbx_PDB_ins_code_2    ? 
_struct_mon_prot_cis.pdbx_auth_comp_id_2    GLY 
_struct_mon_prot_cis.pdbx_auth_seq_id_2     35 
_struct_mon_prot_cis.pdbx_auth_asym_id_2    A 
_struct_mon_prot_cis.pdbx_PDB_model_num     1 
_struct_mon_prot_cis.pdbx_omega_angle       -4.48 
# 
loop_
_struct_sheet.id 
_struct_sheet.type 
_struct_sheet.number_strands 
_struct_sheet.details 
AA ? 3 ? 
AB ? 4 ? 
# 
loop_
_struct_sheet_order.sheet_id 
_struct_sheet_order.range_id_1 
_struct_sheet_order.range_id_2 
_struct_sheet_order.offset 
_struct_sheet_order.sense 
AA 1 2 ? anti-parallel 
AA 2 3 ? anti-parallel 
AB 1 2 ? anti-parallel 
AB 2 3 ? anti-parallel 
AB 3 4 ? anti-parallel 
# 
loop_
_struct_sheet_range.sheet_id 
_struct_sheet_range.id 
_struct_sheet_range.beg_label_comp_id 
_struct_sheet_range.beg_label_asym_id 
_struct_sheet_range.beg_label_seq_id 
_struct_sheet_range.pdbx_beg_PDB_ins_code 
_struct_sheet_range.end_label_comp_id 
_struct_sheet_range.end_label_asym_id 
_struct_sheet_range.end_label_seq_id 
_struct_sheet_range.pdbx_end_PDB_ins_code 
_struct_sheet_range.beg_auth_comp_id 
_struct_sheet_range.beg_auth_asym_id 
_struct_sheet_range.beg_auth_seq_id 
_struct_sheet_range.end_auth_comp_id 
_struct_sheet_range.end_auth_asym_id 
_struct_sheet_range.end_auth_seq_id 
AA 1 PRO A 21  ? SER A 26  ? PRO A 21  SER A 26  
AA 2 HIS A 29  ? CYS A 34  ? HIS A 29  CYS A 34  
AA 3 VAL A 79  ? ARG A 83  ? VAL A 79  ARG A 83  
AB 1 THR A 63  ? GLN A 70  ? THR A 63  GLN A 70  
AB 2 ILE A 48  ? THR A 57  ? ILE A 48  THR A 57  
AB 3 TYR A 90  ? CYS A 99  ? TYR A 90  CYS A 99  
AB 4 GLY A 103 ? GLU A 110 ? GLY A 103 GLU A 110 
# 
loop_
_pdbx_struct_sheet_hbond.sheet_id 
_pdbx_struct_sheet_hbond.range_id_1 
_pdbx_struct_sheet_hbond.range_id_2 
_pdbx_struct_sheet_hbond.range_1_label_atom_id 
_pdbx_struct_sheet_hbond.range_1_label_comp_id 
_pdbx_struct_sheet_hbond.range_1_label_asym_id 
_pdbx_struct_sheet_hbond.range_1_label_seq_id 
_pdbx_struct_sheet_hbond.range_1_PDB_ins_code 
_pdbx_struct_sheet_hbond.range_1_auth_atom_id 
_pdbx_struct_sheet_hbond.range_1_auth_comp_id 
_pdbx_struct_sheet_hbond.range_1_auth_asym_id 
_pdbx_struct_sheet_hbond.range_1_auth_seq_id 
_pdbx_struct_sheet_hbond.range_2_label_atom_id 
_pdbx_struct_sheet_hbond.range_2_label_comp_id 
_pdbx_struct_sheet_hbond.range_2_label_asym_id 
_pdbx_struct_sheet_hbond.range_2_label_seq_id 
_pdbx_struct_sheet_hbond.range_2_PDB_ins_code 
_pdbx_struct_sheet_hbond.range_2_auth_atom_id 
_pdbx_struct_sheet_hbond.range_2_auth_comp_id 
_pdbx_struct_sheet_hbond.range_2_auth_asym_id 
_pdbx_struct_sheet_hbond.range_2_auth_seq_id 
AA 1 2 N SER A 26 ? N SER A 26 O HIS A 29  ? O HIS A 29  
AA 2 3 N ILE A 32 ? N ILE A 32 O ALA A 80  ? O ALA A 80  
AB 1 2 N GLN A 69 ? N GLN A 69 O ILE A 51  ? O ILE A 51  
AB 2 3 O ILE A 56 ? O ILE A 56 N LYS A 91  ? N LYS A 91  
AB 3 4 N CYS A 99 ? N CYS A 99 O GLY A 103 ? O GLY A 103 
# 
_struct_site.id                   AC1 
_struct_site.pdbx_evidence_code   Software 
_struct_site.pdbx_auth_asym_id    A 
_struct_site.pdbx_auth_comp_id    FE 
_struct_site.pdbx_auth_seq_id     201 
_struct_site.pdbx_auth_ins_code   ? 
_struct_site.pdbx_num_residues    6 
_struct_site.details              'BINDING SITE FOR RESIDUE FE A 201' 
# 
loop_
_struct_site_gen.id 
_struct_site_gen.site_id 
_struct_site_gen.pdbx_num_res 
_struct_site_gen.label_comp_id 
_struct_site_gen.label_asym_id 
_struct_site_gen.label_seq_id 
_struct_site_gen.pdbx_auth_ins_code 
_struct_site_gen.auth_comp_id 
_struct_site_gen.auth_asym_id 
_struct_site_gen.auth_seq_id 
_struct_site_gen.label_atom_id 
_struct_site_gen.label_alt_id 
_struct_site_gen.symmetry 
_struct_site_gen.details 
1 AC1 6 GLU A 17  ? GLU A 17  . ? 1_555 ? 
2 AC1 6 HIS A 19  ? HIS A 19  . ? 1_555 ? 
3 AC1 6 HIS A 40  ? HIS A 40  . ? 1_555 ? 
4 AC1 6 HIS A 46  ? HIS A 46  . ? 1_555 ? 
5 AC1 6 CYS A 99  ? CYS A 99  . ? 1_555 ? 
6 AC1 6 HIS A 102 ? HIS A 102 . ? 1_555 ? 
# 
loop_
_pdbx_struct_special_symmetry.id 
_pdbx_struct_special_symmetry.PDB_model_num 
_pdbx_struct_special_symmetry.auth_asym_id 
_pdbx_struct_special_symmetry.auth_comp_id 
_pdbx_struct_special_symmetry.auth_seq_id 
_pdbx_struct_special_symmetry.PDB_ins_code 
_pdbx_struct_special_symmetry.label_asym_id 
_pdbx_struct_special_symmetry.label_comp_id 
_pdbx_struct_special_symmetry.label_seq_id 
1 1 A HOH 2016 ? C HOH . 
2 1 A HOH 2023 ? C HOH . 
3 1 A HOH 2026 ? C HOH . 
# 
loop_
_pdbx_refine_tls.pdbx_refine_id 
_pdbx_refine_tls.id 
_pdbx_refine_tls.details 
_pdbx_refine_tls.method 
_pdbx_refine_tls.origin_x 
_pdbx_refine_tls.origin_y 
_pdbx_refine_tls.origin_z 
_pdbx_refine_tls.T[1][1] 
_pdbx_refine_tls.T[2][2] 
_pdbx_refine_tls.T[3][3] 
_pdbx_refine_tls.T[1][2] 
_pdbx_refine_tls.T[1][3] 
_pdbx_refine_tls.T[2][3] 
_pdbx_refine_tls.L[1][1] 
_pdbx_refine_tls.L[2][2] 
_pdbx_refine_tls.L[3][3] 
_pdbx_refine_tls.L[1][2] 
_pdbx_refine_tls.L[1][3] 
_pdbx_refine_tls.L[2][3] 
_pdbx_refine_tls.S[1][1] 
_pdbx_refine_tls.S[1][2] 
_pdbx_refine_tls.S[1][3] 
_pdbx_refine_tls.S[2][1] 
_pdbx_refine_tls.S[2][2] 
_pdbx_refine_tls.S[2][3] 
_pdbx_refine_tls.S[3][1] 
_pdbx_refine_tls.S[3][2] 
_pdbx_refine_tls.S[3][3] 
'X-RAY DIFFRACTION' 1 ? refined -4.6915 2.9041   5.9704  0.4412 0.4565 0.2523 -0.1239 0.2390 -0.1533 0.6765 1.1970 0.2365 -0.5383 0.3452  -0.0790 0.2696  -0.1392 0.1467  0.1503  -0.0738 0.3353  0.1019  0.1526 0.2336  
'X-RAY DIFFRACTION' 2 ? refined -2.4771 4.7140   -0.7399 0.2887 0.2734 0.4000 -0.0343 0.1719 -0.1369 0.7986 0.1166 0.2908 0.0563  0.3736  0.1199  0.2917  -0.7590 0.3999  0.4950  -0.2236 0.3779  -0.0614 0.0778 -0.0276 
'X-RAY DIFFRACTION' 3 ? refined 11.4325 -15.8473 1.8596  0.3999 0.5668 0.6085 0.1305  0.0664 0.3817  0.0426 0.0970 0.0942 0.0208  -0.0483 -0.0825 -0.0772 -0.0123 -0.0945 0.0573  -0.0109 -0.0182 0.1116  0.0840 -0.0683 
'X-RAY DIFFRACTION' 4 ? refined -0.9162 2.0975   -6.6768 0.1762 0.1904 0.2775 -0.0122 0.0475 -0.0152 0.0309 0.4493 0.1013 -0.0234 -0.0032 0.2009  -0.0269 -0.3012 0.0093  -0.0204 -0.3223 0.1607  -0.0845 0.0916 -0.0137 
'X-RAY DIFFRACTION' 5 ? refined 2.3694  -16.0895 -1.5900 0.6082 0.1754 0.3604 0.0517  0.2352 0.1655  0.0440 0.0021 0.2329 0.0075  0.1036  0.0165  0.0661  -0.1766 -0.1953 0.1058  -0.0836 -0.1304 0.1487  0.0035 0.1093  
'X-RAY DIFFRACTION' 6 ? refined 3.5437  1.6828   4.2914  0.2967 0.4763 0.2597 -0.0649 0.0782 -0.0363 0.4437 0.2256 0.1323 -0.2021 0.0162  -0.0666 0.0146  -0.7567 0.1415  0.2115  0.0008  -0.1473 -0.0132 0.2781 -0.0884 
# 
loop_
_pdbx_refine_tls_group.pdbx_refine_id 
_pdbx_refine_tls_group.id 
_pdbx_refine_tls_group.refine_tls_id 
_pdbx_refine_tls_group.beg_auth_asym_id 
_pdbx_refine_tls_group.beg_auth_seq_id 
_pdbx_refine_tls_group.beg_label_asym_id 
_pdbx_refine_tls_group.beg_label_seq_id 
_pdbx_refine_tls_group.end_auth_asym_id 
_pdbx_refine_tls_group.end_auth_seq_id 
_pdbx_refine_tls_group.end_label_asym_id 
_pdbx_refine_tls_group.end_label_seq_id 
_pdbx_refine_tls_group.selection 
_pdbx_refine_tls_group.selection_details 
'X-RAY DIFFRACTION' 1 1 ? ? ? ? ? ? ? ? ? 
;CHAIN 'A' AND (RESID 16 THROUGH 26 )
;
'X-RAY DIFFRACTION' 2 2 ? ? ? ? ? ? ? ? ? 
;CHAIN 'A' AND (RESID 27 THROUGH 56 )
;
'X-RAY DIFFRACTION' 3 3 ? ? ? ? ? ? ? ? ? 
;CHAIN 'A' AND (RESID 57 THROUGH 62 )
;
'X-RAY DIFFRACTION' 4 4 ? ? ? ? ? ? ? ? ? 
;CHAIN 'A' AND (RESID 63 THROUGH 83 )
;
'X-RAY DIFFRACTION' 5 5 ? ? ? ? ? ? ? ? ? 
;CHAIN 'A' AND (RESID 84 THROUGH 91 )
;
'X-RAY DIFFRACTION' 6 6 ? ? ? ? ? ? ? ? ? 
;CHAIN 'A' AND (RESID 92 THROUGH 111 )
;
# 
loop_
_pdbx_unobs_or_zero_occ_residues.id 
_pdbx_unobs_or_zero_occ_residues.PDB_model_num 
_pdbx_unobs_or_zero_occ_residues.polymer_flag 
_pdbx_unobs_or_zero_occ_residues.occupancy_flag 
_pdbx_unobs_or_zero_occ_residues.auth_asym_id 
_pdbx_unobs_or_zero_occ_residues.auth_comp_id 
_pdbx_unobs_or_zero_occ_residues.auth_seq_id 
_pdbx_unobs_or_zero_occ_residues.PDB_ins_code 
_pdbx_unobs_or_zero_occ_residues.label_asym_id 
_pdbx_unobs_or_zero_occ_residues.label_comp_id 
_pdbx_unobs_or_zero_occ_residues.label_seq_id 
1  1 Y 1 A MET 1  ? A MET 1  
2  1 Y 1 A SER 2  ? A SER 2  
3  1 Y 1 A LEU 3  ? A LEU 3  
4  1 Y 1 A SER 4  ? A SER 4  
5  1 Y 1 A ASN 5  ? A ASN 5  
6  1 Y 1 A CYS 6  ? A CYS 6  
7  1 Y 1 A LEU 7  ? A LEU 7  
8  1 Y 1 A HIS 8  ? A HIS 8  
9  1 Y 1 A LYS 9  ? A LYS 9  
10 1 Y 1 A PRO 10 ? A PRO 10 
11 1 Y 1 A ASP 11 ? A ASP 11 
12 1 Y 1 A GLU 12 ? A GLU 12 
13 1 Y 1 A GLU 13 ? A GLU 13 
14 1 Y 1 A ARG 14 ? A ARG 14 
15 1 Y 1 A THR 15 ? A THR 15 
# 
loop_
_chem_comp_atom.comp_id 
_chem_comp_atom.atom_id 
_chem_comp_atom.type_symbol 
_chem_comp_atom.pdbx_aromatic_flag 
_chem_comp_atom.pdbx_stereo_config 
_chem_comp_atom.pdbx_ordinal 
ALA N    N  N N 1   
ALA CA   C  N S 2   
ALA C    C  N N 3   
ALA O    O  N N 4   
ALA CB   C  N N 5   
ALA OXT  O  N N 6   
ALA H    H  N N 7   
ALA H2   H  N N 8   
ALA HA   H  N N 9   
ALA HB1  H  N N 10  
ALA HB2  H  N N 11  
ALA HB3  H  N N 12  
ALA HXT  H  N N 13  
ARG N    N  N N 14  
ARG CA   C  N S 15  
ARG C    C  N N 16  
ARG O    O  N N 17  
ARG CB   C  N N 18  
ARG CG   C  N N 19  
ARG CD   C  N N 20  
ARG NE   N  N N 21  
ARG CZ   C  N N 22  
ARG NH1  N  N N 23  
ARG NH2  N  N N 24  
ARG OXT  O  N N 25  
ARG H    H  N N 26  
ARG H2   H  N N 27  
ARG HA   H  N N 28  
ARG HB2  H  N N 29  
ARG HB3  H  N N 30  
ARG HG2  H  N N 31  
ARG HG3  H  N N 32  
ARG HD2  H  N N 33  
ARG HD3  H  N N 34  
ARG HE   H  N N 35  
ARG HH11 H  N N 36  
ARG HH12 H  N N 37  
ARG HH21 H  N N 38  
ARG HH22 H  N N 39  
ARG HXT  H  N N 40  
ASN N    N  N N 41  
ASN CA   C  N S 42  
ASN C    C  N N 43  
ASN O    O  N N 44  
ASN CB   C  N N 45  
ASN CG   C  N N 46  
ASN OD1  O  N N 47  
ASN ND2  N  N N 48  
ASN OXT  O  N N 49  
ASN H    H  N N 50  
ASN H2   H  N N 51  
ASN HA   H  N N 52  
ASN HB2  H  N N 53  
ASN HB3  H  N N 54  
ASN HD21 H  N N 55  
ASN HD22 H  N N 56  
ASN HXT  H  N N 57  
ASP N    N  N N 58  
ASP CA   C  N S 59  
ASP C    C  N N 60  
ASP O    O  N N 61  
ASP CB   C  N N 62  
ASP CG   C  N N 63  
ASP OD1  O  N N 64  
ASP OD2  O  N N 65  
ASP OXT  O  N N 66  
ASP H    H  N N 67  
ASP H2   H  N N 68  
ASP HA   H  N N 69  
ASP HB2  H  N N 70  
ASP HB3  H  N N 71  
ASP HD2  H  N N 72  
ASP HXT  H  N N 73  
CYS N    N  N N 74  
CYS CA   C  N R 75  
CYS C    C  N N 76  
CYS O    O  N N 77  
CYS CB   C  N N 78  
CYS SG   S  N N 79  
CYS OXT  O  N N 80  
CYS H    H  N N 81  
CYS H2   H  N N 82  
CYS HA   H  N N 83  
CYS HB2  H  N N 84  
CYS HB3  H  N N 85  
CYS HG   H  N N 86  
CYS HXT  H  N N 87  
FE  FE   FE N N 88  
GLN N    N  N N 89  
GLN CA   C  N S 90  
GLN C    C  N N 91  
GLN O    O  N N 92  
GLN CB   C  N N 93  
GLN CG   C  N N 94  
GLN CD   C  N N 95  
GLN OE1  O  N N 96  
GLN NE2  N  N N 97  
GLN OXT  O  N N 98  
GLN H    H  N N 99  
GLN H2   H  N N 100 
GLN HA   H  N N 101 
GLN HB2  H  N N 102 
GLN HB3  H  N N 103 
GLN HG2  H  N N 104 
GLN HG3  H  N N 105 
GLN HE21 H  N N 106 
GLN HE22 H  N N 107 
GLN HXT  H  N N 108 
GLU N    N  N N 109 
GLU CA   C  N S 110 
GLU C    C  N N 111 
GLU O    O  N N 112 
GLU CB   C  N N 113 
GLU CG   C  N N 114 
GLU CD   C  N N 115 
GLU OE1  O  N N 116 
GLU OE2  O  N N 117 
GLU OXT  O  N N 118 
GLU H    H  N N 119 
GLU H2   H  N N 120 
GLU HA   H  N N 121 
GLU HB2  H  N N 122 
GLU HB3  H  N N 123 
GLU HG2  H  N N 124 
GLU HG3  H  N N 125 
GLU HE2  H  N N 126 
GLU HXT  H  N N 127 
GLY N    N  N N 128 
GLY CA   C  N N 129 
GLY C    C  N N 130 
GLY O    O  N N 131 
GLY OXT  O  N N 132 
GLY H    H  N N 133 
GLY H2   H  N N 134 
GLY HA2  H  N N 135 
GLY HA3  H  N N 136 
GLY HXT  H  N N 137 
HIS N    N  N N 138 
HIS CA   C  N S 139 
HIS C    C  N N 140 
HIS O    O  N N 141 
HIS CB   C  N N 142 
HIS CG   C  Y N 143 
HIS ND1  N  Y N 144 
HIS CD2  C  Y N 145 
HIS CE1  C  Y N 146 
HIS NE2  N  Y N 147 
HIS OXT  O  N N 148 
HIS H    H  N N 149 
HIS H2   H  N N 150 
HIS HA   H  N N 151 
HIS HB2  H  N N 152 
HIS HB3  H  N N 153 
HIS HD1  H  N N 154 
HIS HD2  H  N N 155 
HIS HE1  H  N N 156 
HIS HE2  H  N N 157 
HIS HXT  H  N N 158 
HOH O    O  N N 159 
HOH H1   H  N N 160 
HOH H2   H  N N 161 
ILE N    N  N N 162 
ILE CA   C  N S 163 
ILE C    C  N N 164 
ILE O    O  N N 165 
ILE CB   C  N S 166 
ILE CG1  C  N N 167 
ILE CG2  C  N N 168 
ILE CD1  C  N N 169 
ILE OXT  O  N N 170 
ILE H    H  N N 171 
ILE H2   H  N N 172 
ILE HA   H  N N 173 
ILE HB   H  N N 174 
ILE HG12 H  N N 175 
ILE HG13 H  N N 176 
ILE HG21 H  N N 177 
ILE HG22 H  N N 178 
ILE HG23 H  N N 179 
ILE HD11 H  N N 180 
ILE HD12 H  N N 181 
ILE HD13 H  N N 182 
ILE HXT  H  N N 183 
LEU N    N  N N 184 
LEU CA   C  N S 185 
LEU C    C  N N 186 
LEU O    O  N N 187 
LEU CB   C  N N 188 
LEU CG   C  N N 189 
LEU CD1  C  N N 190 
LEU CD2  C  N N 191 
LEU OXT  O  N N 192 
LEU H    H  N N 193 
LEU H2   H  N N 194 
LEU HA   H  N N 195 
LEU HB2  H  N N 196 
LEU HB3  H  N N 197 
LEU HG   H  N N 198 
LEU HD11 H  N N 199 
LEU HD12 H  N N 200 
LEU HD13 H  N N 201 
LEU HD21 H  N N 202 
LEU HD22 H  N N 203 
LEU HD23 H  N N 204 
LEU HXT  H  N N 205 
LYS N    N  N N 206 
LYS CA   C  N S 207 
LYS C    C  N N 208 
LYS O    O  N N 209 
LYS CB   C  N N 210 
LYS CG   C  N N 211 
LYS CD   C  N N 212 
LYS CE   C  N N 213 
LYS NZ   N  N N 214 
LYS OXT  O  N N 215 
LYS H    H  N N 216 
LYS H2   H  N N 217 
LYS HA   H  N N 218 
LYS HB2  H  N N 219 
LYS HB3  H  N N 220 
LYS HG2  H  N N 221 
LYS HG3  H  N N 222 
LYS HD2  H  N N 223 
LYS HD3  H  N N 224 
LYS HE2  H  N N 225 
LYS HE3  H  N N 226 
LYS HZ1  H  N N 227 
LYS HZ2  H  N N 228 
LYS HZ3  H  N N 229 
LYS HXT  H  N N 230 
MET N    N  N N 231 
MET CA   C  N S 232 
MET C    C  N N 233 
MET O    O  N N 234 
MET CB   C  N N 235 
MET CG   C  N N 236 
MET SD   S  N N 237 
MET CE   C  N N 238 
MET OXT  O  N N 239 
MET H    H  N N 240 
MET H2   H  N N 241 
MET HA   H  N N 242 
MET HB2  H  N N 243 
MET HB3  H  N N 244 
MET HG2  H  N N 245 
MET HG3  H  N N 246 
MET HE1  H  N N 247 
MET HE2  H  N N 248 
MET HE3  H  N N 249 
MET HXT  H  N N 250 
PHE N    N  N N 251 
PHE CA   C  N S 252 
PHE C    C  N N 253 
PHE O    O  N N 254 
PHE CB   C  N N 255 
PHE CG   C  Y N 256 
PHE CD1  C  Y N 257 
PHE CD2  C  Y N 258 
PHE CE1  C  Y N 259 
PHE CE2  C  Y N 260 
PHE CZ   C  Y N 261 
PHE OXT  O  N N 262 
PHE H    H  N N 263 
PHE H2   H  N N 264 
PHE HA   H  N N 265 
PHE HB2  H  N N 266 
PHE HB3  H  N N 267 
PHE HD1  H  N N 268 
PHE HD2  H  N N 269 
PHE HE1  H  N N 270 
PHE HE2  H  N N 271 
PHE HZ   H  N N 272 
PHE HXT  H  N N 273 
PRO N    N  N N 274 
PRO CA   C  N S 275 
PRO C    C  N N 276 
PRO O    O  N N 277 
PRO CB   C  N N 278 
PRO CG   C  N N 279 
PRO CD   C  N N 280 
PRO OXT  O  N N 281 
PRO H    H  N N 282 
PRO HA   H  N N 283 
PRO HB2  H  N N 284 
PRO HB3  H  N N 285 
PRO HG2  H  N N 286 
PRO HG3  H  N N 287 
PRO HD2  H  N N 288 
PRO HD3  H  N N 289 
PRO HXT  H  N N 290 
SER N    N  N N 291 
SER CA   C  N S 292 
SER C    C  N N 293 
SER O    O  N N 294 
SER CB   C  N N 295 
SER OG   O  N N 296 
SER OXT  O  N N 297 
SER H    H  N N 298 
SER H2   H  N N 299 
SER HA   H  N N 300 
SER HB2  H  N N 301 
SER HB3  H  N N 302 
SER HG   H  N N 303 
SER HXT  H  N N 304 
THR N    N  N N 305 
THR CA   C  N S 306 
THR C    C  N N 307 
THR O    O  N N 308 
THR CB   C  N R 309 
THR OG1  O  N N 310 
THR CG2  C  N N 311 
THR OXT  O  N N 312 
THR H    H  N N 313 
THR H2   H  N N 314 
THR HA   H  N N 315 
THR HB   H  N N 316 
THR HG1  H  N N 317 
THR HG21 H  N N 318 
THR HG22 H  N N 319 
THR HG23 H  N N 320 
THR HXT  H  N N 321 
TRP N    N  N N 322 
TRP CA   C  N S 323 
TRP C    C  N N 324 
TRP O    O  N N 325 
TRP CB   C  N N 326 
TRP CG   C  Y N 327 
TRP CD1  C  Y N 328 
TRP CD2  C  Y N 329 
TRP NE1  N  Y N 330 
TRP CE2  C  Y N 331 
TRP CE3  C  Y N 332 
TRP CZ2  C  Y N 333 
TRP CZ3  C  Y N 334 
TRP CH2  C  Y N 335 
TRP OXT  O  N N 336 
TRP H    H  N N 337 
TRP H2   H  N N 338 
TRP HA   H  N N 339 
TRP HB2  H  N N 340 
TRP HB3  H  N N 341 
TRP HD1  H  N N 342 
TRP HE1  H  N N 343 
TRP HE3  H  N N 344 
TRP HZ2  H  N N 345 
TRP HZ3  H  N N 346 
TRP HH2  H  N N 347 
TRP HXT  H  N N 348 
TYR N    N  N N 349 
TYR CA   C  N S 350 
TYR C    C  N N 351 
TYR O    O  N N 352 
TYR CB   C  N N 353 
TYR CG   C  Y N 354 
TYR CD1  C  Y N 355 
TYR CD2  C  Y N 356 
TYR CE1  C  Y N 357 
TYR CE2  C  Y N 358 
TYR CZ   C  Y N 359 
TYR OH   O  N N 360 
TYR OXT  O  N N 361 
TYR H    H  N N 362 
TYR H2   H  N N 363 
TYR HA   H  N N 364 
TYR HB2  H  N N 365 
TYR HB3  H  N N 366 
TYR HD1  H  N N 367 
TYR HD2  H  N N 368 
TYR HE1  H  N N 369 
TYR HE2  H  N N 370 
TYR HH   H  N N 371 
TYR HXT  H  N N 372 
VAL N    N  N N 373 
VAL CA   C  N S 374 
VAL C    C  N N 375 
VAL O    O  N N 376 
VAL CB   C  N N 377 
VAL CG1  C  N N 378 
VAL CG2  C  N N 379 
VAL OXT  O  N N 380 
VAL H    H  N N 381 
VAL H2   H  N N 382 
VAL HA   H  N N 383 
VAL HB   H  N N 384 
VAL HG11 H  N N 385 
VAL HG12 H  N N 386 
VAL HG13 H  N N 387 
VAL HG21 H  N N 388 
VAL HG22 H  N N 389 
VAL HG23 H  N N 390 
VAL HXT  H  N N 391 
# 
loop_
_chem_comp_bond.comp_id 
_chem_comp_bond.atom_id_1 
_chem_comp_bond.atom_id_2 
_chem_comp_bond.value_order 
_chem_comp_bond.pdbx_aromatic_flag 
_chem_comp_bond.pdbx_stereo_config 
_chem_comp_bond.pdbx_ordinal 
ALA N   CA   sing N N 1   
ALA N   H    sing N N 2   
ALA N   H2   sing N N 3   
ALA CA  C    sing N N 4   
ALA CA  CB   sing N N 5   
ALA CA  HA   sing N N 6   
ALA C   O    doub N N 7   
ALA C   OXT  sing N N 8   
ALA CB  HB1  sing N N 9   
ALA CB  HB2  sing N N 10  
ALA CB  HB3  sing N N 11  
ALA OXT HXT  sing N N 12  
ARG N   CA   sing N N 13  
ARG N   H    sing N N 14  
ARG N   H2   sing N N 15  
ARG CA  C    sing N N 16  
ARG CA  CB   sing N N 17  
ARG CA  HA   sing N N 18  
ARG C   O    doub N N 19  
ARG C   OXT  sing N N 20  
ARG CB  CG   sing N N 21  
ARG CB  HB2  sing N N 22  
ARG CB  HB3  sing N N 23  
ARG CG  CD   sing N N 24  
ARG CG  HG2  sing N N 25  
ARG CG  HG3  sing N N 26  
ARG CD  NE   sing N N 27  
ARG CD  HD2  sing N N 28  
ARG CD  HD3  sing N N 29  
ARG NE  CZ   sing N N 30  
ARG NE  HE   sing N N 31  
ARG CZ  NH1  sing N N 32  
ARG CZ  NH2  doub N N 33  
ARG NH1 HH11 sing N N 34  
ARG NH1 HH12 sing N N 35  
ARG NH2 HH21 sing N N 36  
ARG NH2 HH22 sing N N 37  
ARG OXT HXT  sing N N 38  
ASN N   CA   sing N N 39  
ASN N   H    sing N N 40  
ASN N   H2   sing N N 41  
ASN CA  C    sing N N 42  
ASN CA  CB   sing N N 43  
ASN CA  HA   sing N N 44  
ASN C   O    doub N N 45  
ASN C   OXT  sing N N 46  
ASN CB  CG   sing N N 47  
ASN CB  HB2  sing N N 48  
ASN CB  HB3  sing N N 49  
ASN CG  OD1  doub N N 50  
ASN CG  ND2  sing N N 51  
ASN ND2 HD21 sing N N 52  
ASN ND2 HD22 sing N N 53  
ASN OXT HXT  sing N N 54  
ASP N   CA   sing N N 55  
ASP N   H    sing N N 56  
ASP N   H2   sing N N 57  
ASP CA  C    sing N N 58  
ASP CA  CB   sing N N 59  
ASP CA  HA   sing N N 60  
ASP C   O    doub N N 61  
ASP C   OXT  sing N N 62  
ASP CB  CG   sing N N 63  
ASP CB  HB2  sing N N 64  
ASP CB  HB3  sing N N 65  
ASP CG  OD1  doub N N 66  
ASP CG  OD2  sing N N 67  
ASP OD2 HD2  sing N N 68  
ASP OXT HXT  sing N N 69  
CYS N   CA   sing N N 70  
CYS N   H    sing N N 71  
CYS N   H2   sing N N 72  
CYS CA  C    sing N N 73  
CYS CA  CB   sing N N 74  
CYS CA  HA   sing N N 75  
CYS C   O    doub N N 76  
CYS C   OXT  sing N N 77  
CYS CB  SG   sing N N 78  
CYS CB  HB2  sing N N 79  
CYS CB  HB3  sing N N 80  
CYS SG  HG   sing N N 81  
CYS OXT HXT  sing N N 82  
GLN N   CA   sing N N 83  
GLN N   H    sing N N 84  
GLN N   H2   sing N N 85  
GLN CA  C    sing N N 86  
GLN CA  CB   sing N N 87  
GLN CA  HA   sing N N 88  
GLN C   O    doub N N 89  
GLN C   OXT  sing N N 90  
GLN CB  CG   sing N N 91  
GLN CB  HB2  sing N N 92  
GLN CB  HB3  sing N N 93  
GLN CG  CD   sing N N 94  
GLN CG  HG2  sing N N 95  
GLN CG  HG3  sing N N 96  
GLN CD  OE1  doub N N 97  
GLN CD  NE2  sing N N 98  
GLN NE2 HE21 sing N N 99  
GLN NE2 HE22 sing N N 100 
GLN OXT HXT  sing N N 101 
GLU N   CA   sing N N 102 
GLU N   H    sing N N 103 
GLU N   H2   sing N N 104 
GLU CA  C    sing N N 105 
GLU CA  CB   sing N N 106 
GLU CA  HA   sing N N 107 
GLU C   O    doub N N 108 
GLU C   OXT  sing N N 109 
GLU CB  CG   sing N N 110 
GLU CB  HB2  sing N N 111 
GLU CB  HB3  sing N N 112 
GLU CG  CD   sing N N 113 
GLU CG  HG2  sing N N 114 
GLU CG  HG3  sing N N 115 
GLU CD  OE1  doub N N 116 
GLU CD  OE2  sing N N 117 
GLU OE2 HE2  sing N N 118 
GLU OXT HXT  sing N N 119 
GLY N   CA   sing N N 120 
GLY N   H    sing N N 121 
GLY N   H2   sing N N 122 
GLY CA  C    sing N N 123 
GLY CA  HA2  sing N N 124 
GLY CA  HA3  sing N N 125 
GLY C   O    doub N N 126 
GLY C   OXT  sing N N 127 
GLY OXT HXT  sing N N 128 
HIS N   CA   sing N N 129 
HIS N   H    sing N N 130 
HIS N   H2   sing N N 131 
HIS CA  C    sing N N 132 
HIS CA  CB   sing N N 133 
HIS CA  HA   sing N N 134 
HIS C   O    doub N N 135 
HIS C   OXT  sing N N 136 
HIS CB  CG   sing N N 137 
HIS CB  HB2  sing N N 138 
HIS CB  HB3  sing N N 139 
HIS CG  ND1  sing Y N 140 
HIS CG  CD2  doub Y N 141 
HIS ND1 CE1  doub Y N 142 
HIS ND1 HD1  sing N N 143 
HIS CD2 NE2  sing Y N 144 
HIS CD2 HD2  sing N N 145 
HIS CE1 NE2  sing Y N 146 
HIS CE1 HE1  sing N N 147 
HIS NE2 HE2  sing N N 148 
HIS OXT HXT  sing N N 149 
HOH O   H1   sing N N 150 
HOH O   H2   sing N N 151 
ILE N   CA   sing N N 152 
ILE N   H    sing N N 153 
ILE N   H2   sing N N 154 
ILE CA  C    sing N N 155 
ILE CA  CB   sing N N 156 
ILE CA  HA   sing N N 157 
ILE C   O    doub N N 158 
ILE C   OXT  sing N N 159 
ILE CB  CG1  sing N N 160 
ILE CB  CG2  sing N N 161 
ILE CB  HB   sing N N 162 
ILE CG1 CD1  sing N N 163 
ILE CG1 HG12 sing N N 164 
ILE CG1 HG13 sing N N 165 
ILE CG2 HG21 sing N N 166 
ILE CG2 HG22 sing N N 167 
ILE CG2 HG23 sing N N 168 
ILE CD1 HD11 sing N N 169 
ILE CD1 HD12 sing N N 170 
ILE CD1 HD13 sing N N 171 
ILE OXT HXT  sing N N 172 
LEU N   CA   sing N N 173 
LEU N   H    sing N N 174 
LEU N   H2   sing N N 175 
LEU CA  C    sing N N 176 
LEU CA  CB   sing N N 177 
LEU CA  HA   sing N N 178 
LEU C   O    doub N N 179 
LEU C   OXT  sing N N 180 
LEU CB  CG   sing N N 181 
LEU CB  HB2  sing N N 182 
LEU CB  HB3  sing N N 183 
LEU CG  CD1  sing N N 184 
LEU CG  CD2  sing N N 185 
LEU CG  HG   sing N N 186 
LEU CD1 HD11 sing N N 187 
LEU CD1 HD12 sing N N 188 
LEU CD1 HD13 sing N N 189 
LEU CD2 HD21 sing N N 190 
LEU CD2 HD22 sing N N 191 
LEU CD2 HD23 sing N N 192 
LEU OXT HXT  sing N N 193 
LYS N   CA   sing N N 194 
LYS N   H    sing N N 195 
LYS N   H2   sing N N 196 
LYS CA  C    sing N N 197 
LYS CA  CB   sing N N 198 
LYS CA  HA   sing N N 199 
LYS C   O    doub N N 200 
LYS C   OXT  sing N N 201 
LYS CB  CG   sing N N 202 
LYS CB  HB2  sing N N 203 
LYS CB  HB3  sing N N 204 
LYS CG  CD   sing N N 205 
LYS CG  HG2  sing N N 206 
LYS CG  HG3  sing N N 207 
LYS CD  CE   sing N N 208 
LYS CD  HD2  sing N N 209 
LYS CD  HD3  sing N N 210 
LYS CE  NZ   sing N N 211 
LYS CE  HE2  sing N N 212 
LYS CE  HE3  sing N N 213 
LYS NZ  HZ1  sing N N 214 
LYS NZ  HZ2  sing N N 215 
LYS NZ  HZ3  sing N N 216 
LYS OXT HXT  sing N N 217 
MET N   CA   sing N N 218 
MET N   H    sing N N 219 
MET N   H2   sing N N 220 
MET CA  C    sing N N 221 
MET CA  CB   sing N N 222 
MET CA  HA   sing N N 223 
MET C   O    doub N N 224 
MET C   OXT  sing N N 225 
MET CB  CG   sing N N 226 
MET CB  HB2  sing N N 227 
MET CB  HB3  sing N N 228 
MET CG  SD   sing N N 229 
MET CG  HG2  sing N N 230 
MET CG  HG3  sing N N 231 
MET SD  CE   sing N N 232 
MET CE  HE1  sing N N 233 
MET CE  HE2  sing N N 234 
MET CE  HE3  sing N N 235 
MET OXT HXT  sing N N 236 
PHE N   CA   sing N N 237 
PHE N   H    sing N N 238 
PHE N   H2   sing N N 239 
PHE CA  C    sing N N 240 
PHE CA  CB   sing N N 241 
PHE CA  HA   sing N N 242 
PHE C   O    doub N N 243 
PHE C   OXT  sing N N 244 
PHE CB  CG   sing N N 245 
PHE CB  HB2  sing N N 246 
PHE CB  HB3  sing N N 247 
PHE CG  CD1  doub Y N 248 
PHE CG  CD2  sing Y N 249 
PHE CD1 CE1  sing Y N 250 
PHE CD1 HD1  sing N N 251 
PHE CD2 CE2  doub Y N 252 
PHE CD2 HD2  sing N N 253 
PHE CE1 CZ   doub Y N 254 
PHE CE1 HE1  sing N N 255 
PHE CE2 CZ   sing Y N 256 
PHE CE2 HE2  sing N N 257 
PHE CZ  HZ   sing N N 258 
PHE OXT HXT  sing N N 259 
PRO N   CA   sing N N 260 
PRO N   CD   sing N N 261 
PRO N   H    sing N N 262 
PRO CA  C    sing N N 263 
PRO CA  CB   sing N N 264 
PRO CA  HA   sing N N 265 
PRO C   O    doub N N 266 
PRO C   OXT  sing N N 267 
PRO CB  CG   sing N N 268 
PRO CB  HB2  sing N N 269 
PRO CB  HB3  sing N N 270 
PRO CG  CD   sing N N 271 
PRO CG  HG2  sing N N 272 
PRO CG  HG3  sing N N 273 
PRO CD  HD2  sing N N 274 
PRO CD  HD3  sing N N 275 
PRO OXT HXT  sing N N 276 
SER N   CA   sing N N 277 
SER N   H    sing N N 278 
SER N   H2   sing N N 279 
SER CA  C    sing N N 280 
SER CA  CB   sing N N 281 
SER CA  HA   sing N N 282 
SER C   O    doub N N 283 
SER C   OXT  sing N N 284 
SER CB  OG   sing N N 285 
SER CB  HB2  sing N N 286 
SER CB  HB3  sing N N 287 
SER OG  HG   sing N N 288 
SER OXT HXT  sing N N 289 
THR N   CA   sing N N 290 
THR N   H    sing N N 291 
THR N   H2   sing N N 292 
THR CA  C    sing N N 293 
THR CA  CB   sing N N 294 
THR CA  HA   sing N N 295 
THR C   O    doub N N 296 
THR C   OXT  sing N N 297 
THR CB  OG1  sing N N 298 
THR CB  CG2  sing N N 299 
THR CB  HB   sing N N 300 
THR OG1 HG1  sing N N 301 
THR CG2 HG21 sing N N 302 
THR CG2 HG22 sing N N 303 
THR CG2 HG23 sing N N 304 
THR OXT HXT  sing N N 305 
TRP N   CA   sing N N 306 
TRP N   H    sing N N 307 
TRP N   H2   sing N N 308 
TRP CA  C    sing N N 309 
TRP CA  CB   sing N N 310 
TRP CA  HA   sing N N 311 
TRP C   O    doub N N 312 
TRP C   OXT  sing N N 313 
TRP CB  CG   sing N N 314 
TRP CB  HB2  sing N N 315 
TRP CB  HB3  sing N N 316 
TRP CG  CD1  doub Y N 317 
TRP CG  CD2  sing Y N 318 
TRP CD1 NE1  sing Y N 319 
TRP CD1 HD1  sing N N 320 
TRP CD2 CE2  doub Y N 321 
TRP CD2 CE3  sing Y N 322 
TRP NE1 CE2  sing Y N 323 
TRP NE1 HE1  sing N N 324 
TRP CE2 CZ2  sing Y N 325 
TRP CE3 CZ3  doub Y N 326 
TRP CE3 HE3  sing N N 327 
TRP CZ2 CH2  doub Y N 328 
TRP CZ2 HZ2  sing N N 329 
TRP CZ3 CH2  sing Y N 330 
TRP CZ3 HZ3  sing N N 331 
TRP CH2 HH2  sing N N 332 
TRP OXT HXT  sing N N 333 
TYR N   CA   sing N N 334 
TYR N   H    sing N N 335 
TYR N   H2   sing N N 336 
TYR CA  C    sing N N 337 
TYR CA  CB   sing N N 338 
TYR CA  HA   sing N N 339 
TYR C   O    doub N N 340 
TYR C   OXT  sing N N 341 
TYR CB  CG   sing N N 342 
TYR CB  HB2  sing N N 343 
TYR CB  HB3  sing N N 344 
TYR CG  CD1  doub Y N 345 
TYR CG  CD2  sing Y N 346 
TYR CD1 CE1  sing Y N 347 
TYR CD1 HD1  sing N N 348 
TYR CD2 CE2  doub Y N 349 
TYR CD2 HD2  sing N N 350 
TYR CE1 CZ   doub Y N 351 
TYR CE1 HE1  sing N N 352 
TYR CE2 CZ   sing Y N 353 
TYR CE2 HE2  sing N N 354 
TYR CZ  OH   sing N N 355 
TYR OH  HH   sing N N 356 
TYR OXT HXT  sing N N 357 
VAL N   CA   sing N N 358 
VAL N   H    sing N N 359 
VAL N   H2   sing N N 360 
VAL CA  C    sing N N 361 
VAL CA  CB   sing N N 362 
VAL CA  HA   sing N N 363 
VAL C   O    doub N N 364 
VAL C   OXT  sing N N 365 
VAL CB  CG1  sing N N 366 
VAL CB  CG2  sing N N 367 
VAL CB  HB   sing N N 368 
VAL CG1 HG11 sing N N 369 
VAL CG1 HG12 sing N N 370 
VAL CG1 HG13 sing N N 371 
VAL CG2 HG21 sing N N 372 
VAL CG2 HG22 sing N N 373 
VAL CG2 HG23 sing N N 374 
VAL OXT HXT  sing N N 375 
# 
_pdbx_initial_refinement_model.accession_code   ? 
_pdbx_initial_refinement_model.id               1 
_pdbx_initial_refinement_model.entity_id_list   ? 
_pdbx_initial_refinement_model.type             'experimental model' 
_pdbx_initial_refinement_model.source_name      Other 
_pdbx_initial_refinement_model.details          'PRELIMINARY MODEL FROM SAD' 
# 
_atom_sites.entry_id                    4D7P 
_atom_sites.fract_transf_matrix[1][1]   -0.00298081 
_atom_sites.fract_transf_matrix[1][2]   0.01048318 
_atom_sites.fract_transf_matrix[1][3]   0.00198487 
_atom_sites.fract_transf_matrix[2][1]   -0.00946597 
_atom_sites.fract_transf_matrix[2][2]   -0.00354926 
_atom_sites.fract_transf_matrix[2][3]   0.00452993 
_atom_sites.fract_transf_matrix[3][1]   0.00492263 
_atom_sites.fract_transf_matrix[3][2]   -0.00047715 
_atom_sites.fract_transf_matrix[3][3]   0.00991272 
_atom_sites.fract_transf_vector[1]      0.007201 
_atom_sites.fract_transf_vector[2]      1.119884 
_atom_sites.fract_transf_vector[3]      0.600870 
# 
loop_
_atom_type.symbol 
C  
FE 
N  
O  
S  
# 
loop_
_atom_site.group_PDB 
_atom_site.id 
_atom_site.type_symbol 
_atom_site.label_atom_id 
_atom_site.label_alt_id 
_atom_site.label_comp_id 
_atom_site.label_asym_id 
_atom_site.label_entity_id 
_atom_site.label_seq_id 
_atom_site.pdbx_PDB_ins_code 
_atom_site.Cartn_x 
_atom_site.Cartn_y 
_atom_site.Cartn_z 
_atom_site.occupancy 
_atom_site.B_iso_or_equiv 
_atom_site.pdbx_formal_charge 
_atom_site.auth_seq_id 
_atom_site.auth_comp_id 
_atom_site.auth_asym_id 
_atom_site.auth_atom_id 
_atom_site.pdbx_PDB_model_num 
ATOM   1   N  N   . LYS A 1 16  ? -3.846  13.821  13.103  1.00 68.20  ? 16   LYS A N   1 
ATOM   2   C  CA  . LYS A 1 16  ? -5.136  14.188  12.522  1.00 74.83  ? 16   LYS A CA  1 
ATOM   3   C  C   . LYS A 1 16  ? -5.219  13.711  11.065  1.00 78.83  ? 16   LYS A C   1 
ATOM   4   O  O   . LYS A 1 16  ? -6.225  13.125  10.651  1.00 83.16  ? 16   LYS A O   1 
ATOM   5   C  CB  . LYS A 1 16  ? -5.363  15.708  12.609  1.00 78.14  ? 16   LYS A CB  1 
ATOM   6   C  CG  . LYS A 1 16  ? -6.735  16.128  13.174  1.00 87.51  ? 16   LYS A CG  1 
ATOM   7   C  CD  . LYS A 1 16  ? -6.834  17.648  13.384  1.00 94.65  ? 16   LYS A CD  1 
ATOM   8   C  CE  . LYS A 1 16  ? -8.214  18.082  13.888  1.00 99.05  ? 16   LYS A CE  1 
ATOM   9   N  NZ  . LYS A 1 16  ? -9.264  18.077  12.826  1.00 101.18 ? 16   LYS A NZ  1 
ATOM   10  N  N   . GLU A 1 17  ? -4.156  13.963  10.298  1.00 74.62  ? 17   GLU A N   1 
ATOM   11  C  CA  . GLU A 1 17  ? -4.050  13.526  8.900   1.00 68.61  ? 17   GLU A CA  1 
ATOM   12  C  C   . GLU A 1 17  ? -3.408  12.131  8.842   1.00 64.01  ? 17   GLU A C   1 
ATOM   13  O  O   . GLU A 1 17  ? -2.463  11.845  9.590   1.00 56.75  ? 17   GLU A O   1 
ATOM   14  C  CB  . GLU A 1 17  ? -3.239  14.545  8.083   1.00 67.50  ? 17   GLU A CB  1 
ATOM   15  C  CG  . GLU A 1 17  ? -3.022  14.189  6.615   1.00 67.51  ? 17   GLU A CG  1 
ATOM   16  C  CD  . GLU A 1 17  ? -2.133  15.198  5.890   1.00 68.85  ? 17   GLU A CD  1 
ATOM   17  O  OE1 . GLU A 1 17  ? -2.525  16.380  5.787   1.00 66.87  ? 17   GLU A OE1 1 
ATOM   18  O  OE2 . GLU A 1 17  ? -1.039  14.807  5.422   1.00 63.62  ? 17   GLU A OE2 1 
ATOM   19  N  N   . LYS A 1 18  ? -3.923  11.261  7.972   1.00 62.33  ? 18   LYS A N   1 
ATOM   20  C  CA  . LYS A 1 18  ? -3.496  9.863   7.975   1.00 55.70  ? 18   LYS A CA  1 
ATOM   21  C  C   . LYS A 1 18  ? -2.839  9.445   6.661   1.00 47.57  ? 18   LYS A C   1 
ATOM   22  O  O   . LYS A 1 18  ? -3.351  9.703   5.569   1.00 41.12  ? 18   LYS A O   1 
ATOM   23  C  CB  . LYS A 1 18  ? -4.681  8.940   8.284   1.00 59.03  ? 18   LYS A CB  1 
ATOM   24  C  CG  . LYS A 1 18  ? -5.508  9.349   9.505   1.00 64.72  ? 18   LYS A CG  1 
ATOM   25  C  CD  . LYS A 1 18  ? -4.716  9.275   10.816  1.00 65.14  ? 18   LYS A CD  1 
ATOM   26  C  CE  . LYS A 1 18  ? -5.601  9.640   12.014  1.00 64.35  ? 18   LYS A CE  1 
ATOM   27  N  NZ  . LYS A 1 18  ? -4.901  9.533   13.329  1.00 64.41  ? 18   LYS A NZ  1 
ATOM   28  N  N   . HIS A 1 19  ? -1.689  8.794   6.786   1.00 46.46  ? 19   HIS A N   1 
ATOM   29  C  CA  . HIS A 1 19  ? -0.916  8.342   5.638   1.00 36.86  ? 19   HIS A CA  1 
ATOM   30  C  C   . HIS A 1 19  ? -0.874  6.798   5.590   1.00 37.93  ? 19   HIS A C   1 
ATOM   31  O  O   . HIS A 1 19  ? -0.578  6.211   4.554   1.00 41.00  ? 19   HIS A O   1 
ATOM   32  C  CB  . HIS A 1 19  ? 0.521   8.895   5.689   1.00 36.31  ? 19   HIS A CB  1 
ATOM   33  C  CG  . HIS A 1 19  ? 0.656   10.368  5.405   1.00 35.89  ? 19   HIS A CG  1 
ATOM   34  N  ND1 . HIS A 1 19  ? 0.551   11.329  6.388   1.00 36.66  ? 19   HIS A ND1 1 
ATOM   35  C  CD2 . HIS A 1 19  ? 0.981   11.034  4.269   1.00 40.18  ? 19   HIS A CD2 1 
ATOM   36  C  CE1 . HIS A 1 19  ? 0.758   12.525  5.861   1.00 39.18  ? 19   HIS A CE1 1 
ATOM   37  N  NE2 . HIS A 1 19  ? 1.034   12.375  4.578   1.00 30.88  ? 19   HIS A NE2 1 
ATOM   38  N  N   . VAL A 1 20  ? -1.159  6.138   6.709   1.00 41.11  ? 20   VAL A N   1 
ATOM   39  C  CA  . VAL A 1 20  ? -0.891  4.702   6.789   1.00 39.20  ? 20   VAL A CA  1 
ATOM   40  C  C   . VAL A 1 20  ? -1.811  3.872   5.901   1.00 39.86  ? 20   VAL A C   1 
ATOM   41  O  O   . VAL A 1 20  ? -3.025  3.927   6.050   1.00 39.31  ? 20   VAL A O   1 
ATOM   42  C  CB  . VAL A 1 20  ? -1.003  4.208   8.221   1.00 44.25  ? 20   VAL A CB  1 
ATOM   43  C  CG1 . VAL A 1 20  ? -0.737  2.699   8.272   1.00 36.86  ? 20   VAL A CG1 1 
ATOM   44  C  CG2 . VAL A 1 20  ? -0.025  4.974   9.097   1.00 45.02  ? 20   VAL A CG2 1 
ATOM   45  N  N   . PRO A 1 21  ? -1.232  3.094   4.972   1.00 40.40  ? 21   PRO A N   1 
ATOM   46  C  CA  . PRO A 1 21  ? -2.061  2.318   4.040   1.00 35.27  ? 21   PRO A CA  1 
ATOM   47  C  C   . PRO A 1 21  ? -2.822  1.165   4.708   1.00 38.22  ? 21   PRO A C   1 
ATOM   48  O  O   . PRO A 1 21  ? -2.239  0.105   4.958   1.00 40.77  ? 21   PRO A O   1 
ATOM   49  C  CB  . PRO A 1 21  ? -1.040  1.787   3.019   1.00 36.36  ? 21   PRO A CB  1 
ATOM   50  C  CG  . PRO A 1 21  ? 0.258   1.763   3.755   1.00 34.91  ? 21   PRO A CG  1 
ATOM   51  C  CD  . PRO A 1 21  ? 0.211   2.931   4.704   1.00 37.97  ? 21   PRO A CD  1 
ATOM   52  N  N   . GLU A 1 22  ? -4.108  1.375   4.996   1.00 37.34  ? 22   GLU A N   1 
ATOM   53  C  CA  . GLU A 1 22  ? -4.976  0.295   5.470   1.00 33.75  ? 22   GLU A CA  1 
ATOM   54  C  C   . GLU A 1 22  ? -4.993  -0.850  4.467   1.00 35.93  ? 22   GLU A C   1 
ATOM   55  O  O   . GLU A 1 22  ? -5.140  -0.625  3.272   1.00 39.70  ? 22   GLU A O   1 
ATOM   56  C  CB  . GLU A 1 22  ? -6.409  0.794   5.700   1.00 40.43  ? 22   GLU A CB  1 
ATOM   57  C  CG  . GLU A 1 22  ? -7.327  -0.231  6.389   1.00 49.85  ? 22   GLU A CG  1 
ATOM   58  C  CD  . GLU A 1 22  ? -8.820  0.121   6.296   1.00 53.83  ? 22   GLU A CD  1 
ATOM   59  O  OE1 . GLU A 1 22  ? -9.326  0.318   5.166   1.00 48.07  ? 22   GLU A OE1 1 
ATOM   60  O  OE2 . GLU A 1 22  ? -9.495  0.178   7.351   1.00 53.58  ? 22   GLU A OE2 1 
ATOM   61  N  N   . MET A 1 23  ? -4.838  -2.075  4.956   1.00 35.52  ? 23   MET A N   1 
ATOM   62  C  CA  . MET A 1 23  ? -4.951  -3.266  4.115   1.00 33.86  ? 23   MET A CA  1 
ATOM   63  C  C   . MET A 1 23  ? -6.148  -4.123  4.515   1.00 37.67  ? 23   MET A C   1 
ATOM   64  O  O   . MET A 1 23  ? -6.310  -4.452  5.691   1.00 39.61  ? 23   MET A O   1 
ATOM   65  C  CB  . MET A 1 23  ? -3.679  -4.110  4.206   1.00 34.58  ? 23   MET A CB  1 
ATOM   66  C  CG  . MET A 1 23  ? -2.581  -3.749  3.213   1.00 39.06  ? 23   MET A CG  1 
ATOM   67  S  SD  . MET A 1 23  ? -1.138  -4.810  3.445   1.00 43.90  ? 23   MET A SD  1 
ATOM   68  C  CE  . MET A 1 23  ? -0.571  -4.143  4.995   1.00 35.24  ? 23   MET A CE  1 
ATOM   69  N  N   . LYS A 1 24  ? -6.986  -4.479  3.548   1.00 33.95  ? 24   LYS A N   1 
ATOM   70  C  CA  . LYS A 1 24  ? -8.036  -5.475  3.776   1.00 30.84  ? 24   LYS A CA  1 
ATOM   71  C  C   . LYS A 1 24  ? -7.805  -6.683  2.865   1.00 35.21  ? 24   LYS A C   1 
ATOM   72  O  O   . LYS A 1 24  ? -7.665  -6.528  1.654   1.00 40.99  ? 24   LYS A O   1 
ATOM   73  C  CB  . LYS A 1 24  ? -9.430  -4.878  3.548   1.00 34.20  ? 24   LYS A CB  1 
ATOM   74  C  CG  . LYS A 1 24  ? -9.744  -3.682  4.464   1.00 39.56  ? 24   LYS A CG  1 
ATOM   75  C  CD  . LYS A 1 24  ? -11.058 -3.871  5.210   1.00 45.34  ? 24   LYS A CD  1 
ATOM   76  C  CE  . LYS A 1 24  ? -11.202 -2.889  6.359   1.00 44.73  ? 24   LYS A CE  1 
ATOM   77  N  NZ  . LYS A 1 24  ? -11.313 -3.582  7.673   1.00 52.71  ? 24   LYS A NZ  1 
ATOM   78  N  N   . LEU A 1 25  ? -7.778  -7.880  3.453   1.00 35.13  ? 25   LEU A N   1 
ATOM   79  C  CA  . LEU A 1 25  ? -7.445  -9.109  2.730   1.00 37.32  ? 25   LEU A CA  1 
ATOM   80  C  C   . LEU A 1 25  ? -8.650  -10.034 2.555   1.00 37.10  ? 25   LEU A C   1 
ATOM   81  O  O   . LEU A 1 25  ? -9.291  -10.422 3.534   1.00 38.05  ? 25   LEU A O   1 
ATOM   82  C  CB  . LEU A 1 25  ? -6.328  -9.847  3.465   1.00 33.10  ? 25   LEU A CB  1 
ATOM   83  C  CG  . LEU A 1 25  ? -5.772  -11.146 2.889   1.00 33.24  ? 25   LEU A CG  1 
ATOM   84  C  CD1 . LEU A 1 25  ? -5.039  -10.864 1.584   1.00 30.38  ? 25   LEU A CD1 1 
ATOM   85  C  CD2 . LEU A 1 25  ? -4.837  -11.789 3.917   1.00 34.61  ? 25   LEU A CD2 1 
ATOM   86  N  N   . SER A 1 26  ? -8.949  -10.379 1.302   1.00 32.38  ? 26   SER A N   1 
ATOM   87  C  CA  . SER A 1 26  ? -10.034 -11.297 0.947   1.00 35.21  ? 26   SER A CA  1 
ATOM   88  C  C   . SER A 1 26  ? -9.472  -12.403 0.071   1.00 31.96  ? 26   SER A C   1 
ATOM   89  O  O   . SER A 1 26  ? -9.346  -12.212 -1.130  1.00 38.24  ? 26   SER A O   1 
ATOM   90  C  CB  . SER A 1 26  ? -11.157 -10.588 0.182   1.00 39.60  ? 26   SER A CB  1 
ATOM   91  O  OG  . SER A 1 26  ? -11.357 -9.259  0.631   1.00 39.78  ? 26   SER A OG  1 
ATOM   92  N  N   . GLY A 1 27  ? -9.142  -13.554 0.649   1.00 30.41  ? 27   GLY A N   1 
ATOM   93  C  CA  . GLY A 1 27  ? -8.418  -14.566 -0.101  1.00 30.19  ? 27   GLY A CA  1 
ATOM   94  C  C   . GLY A 1 27  ? -7.034  -14.025 -0.440  1.00 24.66  ? 27   GLY A C   1 
ATOM   95  O  O   . GLY A 1 27  ? -6.238  -13.741 0.454   1.00 27.61  ? 27   GLY A O   1 
ATOM   96  N  N   . ASN A 1 28  ? -6.745  -13.839 -1.722  1.00 28.78  ? 28   ASN A N   1 
ATOM   97  C  CA  . ASN A 1 28  ? -5.442  -13.299 -2.093  1.00 32.69  ? 28   ASN A CA  1 
ATOM   98  C  C   . ASN A 1 28  ? -5.588  -11.873 -2.616  1.00 31.07  ? 28   ASN A C   1 
ATOM   99  O  O   . ASN A 1 28  ? -4.622  -11.260 -3.077  1.00 28.66  ? 28   ASN A O   1 
ATOM   100 C  CB  . ASN A 1 28  ? -4.743  -14.192 -3.127  1.00 29.63  ? 28   ASN A CB  1 
ATOM   101 C  CG  . ASN A 1 28  ? -5.453  -14.212 -4.456  1.00 39.12  ? 28   ASN A CG  1 
ATOM   102 O  OD1 . ASN A 1 28  ? -6.671  -14.036 -4.522  1.00 45.50  ? 28   ASN A OD1 1 
ATOM   103 N  ND2 . ASN A 1 28  ? -4.695  -14.421 -5.535  1.00 38.21  ? 28   ASN A ND2 1 
ATOM   104 N  N   . HIS A 1 29  ? -6.808  -11.354 -2.513  1.00 28.54  ? 29   HIS A N   1 
ATOM   105 C  CA  . HIS A 1 29  ? -7.117  -9.994  -2.919  1.00 29.06  ? 29   HIS A CA  1 
ATOM   106 C  C   . HIS A 1 29  ? -6.845  -9.002  -1.797  1.00 25.68  ? 29   HIS A C   1 
ATOM   107 O  O   . HIS A 1 29  ? -7.273  -9.217  -0.658  1.00 26.15  ? 29   HIS A O   1 
ATOM   108 C  CB  . HIS A 1 29  ? -8.573  -9.881  -3.331  1.00 21.85  ? 29   HIS A CB  1 
ATOM   109 C  CG  . HIS A 1 29  ? -8.903  -8.568  -3.943  1.00 25.11  ? 29   HIS A CG  1 
ATOM   110 N  ND1 . HIS A 1 29  ? -8.742  -8.317  -5.287  1.00 28.46  ? 29   HIS A ND1 1 
ATOM   111 C  CD2 . HIS A 1 29  ? -9.334  -7.412  -3.388  1.00 26.08  ? 29   HIS A CD2 1 
ATOM   112 C  CE1 . HIS A 1 29  ? -9.084  -7.066  -5.538  1.00 28.96  ? 29   HIS A CE1 1 
ATOM   113 N  NE2 . HIS A 1 29  ? -9.451  -6.497  -4.404  1.00 29.26  ? 29   HIS A NE2 1 
ATOM   114 N  N   . VAL A 1 30  ? -6.178  -7.903  -2.125  1.00 25.42  ? 30   VAL A N   1 
ATOM   115 C  CA  . VAL A 1 30  ? -5.795  -6.912  -1.126  1.00 25.60  ? 30   VAL A CA  1 
ATOM   116 C  C   . VAL A 1 30  ? -6.322  -5.536  -1.525  1.00 25.80  ? 30   VAL A C   1 
ATOM   117 O  O   . VAL A 1 30  ? -5.954  -5.025  -2.571  1.00 26.54  ? 30   VAL A O   1 
ATOM   118 C  CB  . VAL A 1 30  ? -4.263  -6.831  -0.960  1.00 27.77  ? 30   VAL A CB  1 
ATOM   119 C  CG1 . VAL A 1 30  ? -3.902  -5.782  0.076   1.00 23.91  ? 30   VAL A CG1 1 
ATOM   120 C  CG2 . VAL A 1 30  ? -3.688  -8.192  -0.586  1.00 29.84  ? 30   VAL A CG2 1 
ATOM   121 N  N   . ASP A 1 31  ? -7.205  -4.954  -0.715  1.00 25.70  ? 31   ASP A N   1 
ATOM   122 C  CA  . ASP A 1 31  ? -7.696  -3.589  -0.961  1.00 26.14  ? 31   ASP A CA  1 
ATOM   123 C  C   . ASP A 1 31  ? -6.998  -2.613  -0.042  1.00 32.55  ? 31   ASP A C   1 
ATOM   124 O  O   . ASP A 1 31  ? -6.920  -2.853  1.157   1.00 28.12  ? 31   ASP A O   1 
ATOM   125 C  CB  . ASP A 1 31  ? -9.213  -3.487  -0.746  1.00 33.63  ? 31   ASP A CB  1 
ATOM   126 C  CG  . ASP A 1 31  ? -10.000 -4.210  -1.811  1.00 38.62  ? 31   ASP A CG  1 
ATOM   127 O  OD1 . ASP A 1 31  ? -10.023 -3.736  -2.967  1.00 41.90  ? 31   ASP A OD1 1 
ATOM   128 O  OD2 . ASP A 1 31  ? -10.598 -5.254  -1.493  1.00 45.79  ? 31   ASP A OD2 1 
ATOM   129 N  N   . ILE A 1 32  ? -6.515  -1.507  -0.601  1.00 26.96  ? 32   ILE A N   1 
ATOM   130 C  CA  . ILE A 1 32  ? -5.764  -0.521  0.164   1.00 25.38  ? 32   ILE A CA  1 
ATOM   131 C  C   . ILE A 1 32  ? -6.356  0.883   0.063   1.00 32.23  ? 32   ILE A C   1 
ATOM   132 O  O   . ILE A 1 32  ? -6.773  1.308   -1.015  1.00 32.17  ? 32   ILE A O   1 
ATOM   133 C  CB  . ILE A 1 32  ? -4.295  -0.456  -0.306  1.00 27.52  ? 32   ILE A CB  1 
ATOM   134 C  CG1 . ILE A 1 32  ? -3.627  -1.827  -0.169  1.00 25.70  ? 32   ILE A CG1 1 
ATOM   135 C  CG2 . ILE A 1 32  ? -3.551  0.637   0.450   1.00 25.46  ? 32   ILE A CG2 1 
ATOM   136 C  CD1 . ILE A 1 32  ? -2.227  -1.867  -0.687  1.00 26.50  ? 32   ILE A CD1 1 
ATOM   137 N  N   . ARG A 1 33  ? -6.396  1.592   1.189   1.00 32.58  ? 33   ARG A N   1 
ATOM   138 C  CA  . ARG A 1 33  ? -6.702  3.025   1.200   1.00 29.86  ? 33   ARG A CA  1 
ATOM   139 C  C   . ARG A 1 33  ? -5.889  3.743   2.273   1.00 37.67  ? 33   ARG A C   1 
ATOM   140 O  O   . ARG A 1 33  ? -5.618  3.178   3.341   1.00 34.45  ? 33   ARG A O   1 
ATOM   141 C  CB  . ARG A 1 33  ? -8.198  3.273   1.426   1.00 29.74  ? 33   ARG A CB  1 
ATOM   142 C  CG  . ARG A 1 33  ? -8.766  2.586   2.634   1.00 36.72  ? 33   ARG A CG  1 
ATOM   143 C  CD  . ARG A 1 33  ? -10.164 3.113   2.933   1.00 51.28  ? 33   ARG A CD  1 
ATOM   144 N  NE  . ARG A 1 33  ? -10.131 4.432   3.567   1.00 63.47  ? 33   ARG A NE  1 
ATOM   145 C  CZ  . ARG A 1 33  ? -11.031 5.391   3.361   1.00 67.34  ? 33   ARG A CZ  1 
ATOM   146 N  NH1 . ARG A 1 33  ? -12.037 5.192   2.517   1.00 66.91  ? 33   ARG A NH1 1 
ATOM   147 N  NH2 . ARG A 1 33  ? -10.920 6.557   3.986   1.00 63.98  ? 33   ARG A NH2 1 
ATOM   148 N  N   . CYS A 1 34  ? -5.493  4.977   1.974   1.00 39.73  ? 34   CYS A N   1 
ATOM   149 C  CA  . CYS A 1 34  ? -4.749  5.818   2.912   1.00 30.79  ? 34   CYS A CA  1 
ATOM   150 C  C   . CYS A 1 34  ? -5.565  7.052   3.311   1.00 32.09  ? 34   CYS A C   1 
ATOM   151 O  O   . CYS A 1 34  ? -5.812  7.923   2.475   1.00 34.26  ? 34   CYS A O   1 
ATOM   152 C  CB  . CYS A 1 34  ? -3.431  6.267   2.292   1.00 29.84  ? 34   CYS A CB  1 
ATOM   153 S  SG  . CYS A 1 34  ? -2.548  4.990   1.381   1.00 36.47  ? 34   CYS A SG  1 
ATOM   154 N  N   . GLY A 1 35  ? -5.990  7.142   4.569   1.00 34.96  ? 35   GLY A N   1 
ATOM   155 C  CA  . GLY A 1 35  ? -5.798  6.090   5.540   1.00 39.50  ? 35   GLY A CA  1 
ATOM   156 C  C   . GLY A 1 35  ? -7.119  5.388   5.765   1.00 47.75  ? 35   GLY A C   1 
ATOM   157 O  O   . GLY A 1 35  ? -8.035  5.514   4.947   1.00 47.92  ? 35   GLY A O   1 
ATOM   158 N  N   . ALA A 1 36  ? -7.226  4.660   6.874   1.00 45.72  ? 36   ALA A N   1 
ATOM   159 C  CA  . ALA A 1 36  ? -8.368  3.772   7.100   1.00 52.68  ? 36   ALA A CA  1 
ATOM   160 C  C   . ALA A 1 36  ? -9.682  4.534   7.272   1.00 53.61  ? 36   ALA A C   1 
ATOM   161 O  O   . ALA A 1 36  ? -10.700 4.162   6.686   1.00 63.38  ? 36   ALA A O   1 
ATOM   162 C  CB  . ALA A 1 36  ? -8.112  2.880   8.311   1.00 50.14  ? 36   ALA A CB  1 
ATOM   163 N  N   . THR A 1 37  ? -9.648  5.604   8.064   1.00 50.16  ? 37   THR A N   1 
ATOM   164 C  CA  . THR A 1 37  ? -10.849 6.368   8.394   1.00 64.85  ? 37   THR A CA  1 
ATOM   165 C  C   . THR A 1 37  ? -10.894 7.695   7.634   1.00 67.52  ? 37   THR A C   1 
ATOM   166 O  O   . THR A 1 37  ? -11.938 8.078   7.101   1.00 67.28  ? 37   THR A O   1 
ATOM   167 C  CB  . THR A 1 37  ? -10.931 6.633   9.915   1.00 73.98  ? 37   THR A CB  1 
ATOM   168 O  OG1 . THR A 1 37  ? -10.782 5.394   10.622  1.00 69.44  ? 37   THR A OG1 1 
ATOM   169 C  CG2 . THR A 1 37  ? -12.268 7.289   10.295  1.00 77.87  ? 37   THR A CG2 1 
ATOM   170 N  N   . VAL A 1 38  ? -9.761  8.388   7.577   1.00 60.53  ? 38   VAL A N   1 
ATOM   171 C  CA  . VAL A 1 38  ? -9.671  9.633   6.819   1.00 54.90  ? 38   VAL A CA  1 
ATOM   172 C  C   . VAL A 1 38  ? -8.848  9.461   5.538   1.00 47.46  ? 38   VAL A C   1 
ATOM   173 O  O   . VAL A 1 38  ? -7.723  8.956   5.573   1.00 44.45  ? 38   VAL A O   1 
ATOM   174 C  CB  . VAL A 1 38  ? -9.039  10.755  7.651   1.00 54.63  ? 38   VAL A CB  1 
ATOM   175 C  CG1 . VAL A 1 38  ? -9.276  12.091  6.977   1.00 47.69  ? 38   VAL A CG1 1 
ATOM   176 C  CG2 . VAL A 1 38  ? -9.600  10.746  9.062   1.00 63.46  ? 38   VAL A CG2 1 
ATOM   177 N  N   . MET A 1 39  ? -9.405  9.875   4.407   1.00 36.13  ? 39   MET A N   1 
ATOM   178 C  CA  . MET A 1 39  ? -8.670  9.792   3.157   1.00 40.00  ? 39   MET A CA  1 
ATOM   179 C  C   . MET A 1 39  ? -7.659  10.922  3.069   1.00 42.16  ? 39   MET A C   1 
ATOM   180 O  O   . MET A 1 39  ? -8.017  12.089  3.213   1.00 37.79  ? 39   MET A O   1 
ATOM   181 C  CB  . MET A 1 39  ? -9.617  9.846   1.969   1.00 38.85  ? 39   MET A CB  1 
ATOM   182 C  CG  . MET A 1 39  ? -8.923  9.584   0.646   1.00 33.42  ? 39   MET A CG  1 
ATOM   183 S  SD  . MET A 1 39  ? -8.519  7.835   0.361   1.00 40.33  ? 39   MET A SD  1 
ATOM   184 C  CE  . MET A 1 39  ? -10.155 7.100   0.329   1.00 31.34  ? 39   MET A CE  1 
ATOM   185 N  N   . HIS A 1 40  ? -6.398  10.574  2.834   1.00 38.86  ? 40   HIS A N   1 
ATOM   186 C  CA  . HIS A 1 40  ? -5.334  11.570  2.673   1.00 43.37  ? 40   HIS A CA  1 
ATOM   187 C  C   . HIS A 1 40  ? -5.652  12.524  1.531   1.00 39.58  ? 40   HIS A C   1 
ATOM   188 O  O   . HIS A 1 40  ? -6.307  12.129  0.578   1.00 37.57  ? 40   HIS A O   1 
ATOM   189 C  CB  . HIS A 1 40  ? -4.003  10.865  2.417   1.00 40.00  ? 40   HIS A CB  1 
ATOM   190 C  CG  . HIS A 1 40  ? -2.836  11.789  2.252   1.00 39.58  ? 40   HIS A CG  1 
ATOM   191 N  ND1 . HIS A 1 40  ? -2.561  12.442  1.069   1.00 34.80  ? 40   HIS A ND1 1 
ATOM   192 C  CD2 . HIS A 1 40  ? -1.850  12.140  3.115   1.00 35.17  ? 40   HIS A CD2 1 
ATOM   193 C  CE1 . HIS A 1 40  ? -1.460  13.158  1.212   1.00 41.12  ? 40   HIS A CE1 1 
ATOM   194 N  NE2 . HIS A 1 40  ? -1.008  12.988  2.443   1.00 35.90  ? 40   HIS A NE2 1 
ATOM   195 N  N   . PRO A 1 41  ? -5.218  13.791  1.639   1.00 35.41  ? 41   PRO A N   1 
ATOM   196 C  CA  . PRO A 1 41  ? -5.422  14.730  0.533   1.00 42.09  ? 41   PRO A CA  1 
ATOM   197 C  C   . PRO A 1 41  ? -4.886  14.258  -0.820  1.00 36.85  ? 41   PRO A C   1 
ATOM   198 O  O   . PRO A 1 41  ? -3.971  13.424  -0.932  1.00 31.86  ? 41   PRO A O   1 
ATOM   199 C  CB  . PRO A 1 41  ? -4.674  15.985  1.004   1.00 42.22  ? 41   PRO A CB  1 
ATOM   200 C  CG  . PRO A 1 41  ? -4.841  15.947  2.483   1.00 35.64  ? 41   PRO A CG  1 
ATOM   201 C  CD  . PRO A 1 41  ? -4.750  14.480  2.856   1.00 35.18  ? 41   PRO A CD  1 
ATOM   202 N  N   . ALA A 1 42  ? -5.497  14.815  -1.857  1.00 36.27  ? 42   ALA A N   1 
ATOM   203 C  CA  . ALA A 1 42  ? -5.170  14.508  -3.236  1.00 38.12  ? 42   ALA A CA  1 
ATOM   204 C  C   . ALA A 1 42  ? -5.202  15.800  -4.037  1.00 42.52  ? 42   ALA A C   1 
ATOM   205 O  O   . ALA A 1 42  ? -6.235  16.183  -4.607  1.00 34.58  ? 42   ALA A O   1 
ATOM   206 C  CB  . ALA A 1 42  ? -6.144  13.488  -3.805  1.00 38.14  ? 42   ALA A CB  1 
ATOM   207 N  N   . THR A 1 43  ? -4.069  16.496  -4.040  1.00 38.41  ? 43   THR A N   1 
ATOM   208 C  CA  . THR A 1 43  ? -3.933  17.756  -4.759  1.00 34.38  ? 43   THR A CA  1 
ATOM   209 C  C   . THR A 1 43  ? -2.626  17.767  -5.528  1.00 38.20  ? 43   THR A C   1 
ATOM   210 O  O   . THR A 1 43  ? -1.774  16.893  -5.322  1.00 39.20  ? 43   THR A O   1 
ATOM   211 C  CB  . THR A 1 43  ? -3.954  18.978  -3.806  1.00 38.36  ? 43   THR A CB  1 
ATOM   212 O  OG1 . THR A 1 43  ? -2.743  18.998  -3.043  1.00 37.68  ? 43   THR A OG1 1 
ATOM   213 C  CG2 . THR A 1 43  ? -5.148  18.911  -2.852  1.00 41.35  ? 43   THR A CG2 1 
ATOM   214 N  N   . GLU A 1 44  ? -2.457  18.767  -6.392  1.00 37.22  ? 44   GLU A N   1 
ATOM   215 C  CA  . GLU A 1 44  ? -1.253  18.882  -7.201  1.00 35.31  ? 44   GLU A CA  1 
ATOM   216 C  C   . GLU A 1 44  ? -0.023  19.174  -6.360  1.00 40.65  ? 44   GLU A C   1 
ATOM   217 O  O   . GLU A 1 44  ? 1.102   18.868  -6.770  1.00 45.66  ? 44   GLU A O   1 
ATOM   218 C  CB  . GLU A 1 44  ? -1.428  19.961  -8.261  1.00 36.71  ? 44   GLU A CB  1 
ATOM   219 C  CG  . GLU A 1 44  ? -2.539  19.636  -9.224  1.00 37.29  ? 44   GLU A CG  1 
ATOM   220 C  CD  . GLU A 1 44  ? -2.640  20.623  -10.362 1.00 38.80  ? 44   GLU A CD  1 
ATOM   221 O  OE1 . GLU A 1 44  ? -2.234  21.794  -10.176 1.00 44.79  ? 44   GLU A OE1 1 
ATOM   222 O  OE2 . GLU A 1 44  ? -3.124  20.222  -11.445 1.00 38.27  ? 44   GLU A OE2 1 
ATOM   223 N  N   . LYS A 1 45  ? -0.231  19.760  -5.185  1.00 32.62  ? 45   LYS A N   1 
ATOM   224 C  CA  . LYS A 1 45  ? 0.893   20.126  -4.328  1.00 38.36  ? 45   LYS A CA  1 
ATOM   225 C  C   . LYS A 1 45  ? 1.005   19.231  -3.088  1.00 42.57  ? 45   LYS A C   1 
ATOM   226 O  O   . LYS A 1 45  ? 2.025   19.252  -2.391  1.00 30.30  ? 45   LYS A O   1 
ATOM   227 C  CB  . LYS A 1 45  ? 0.789   21.597  -3.910  1.00 44.15  ? 45   LYS A CB  1 
ATOM   228 C  CG  . LYS A 1 45  ? 0.953   22.584  -5.062  1.00 36.20  ? 45   LYS A CG  1 
ATOM   229 C  CD  . LYS A 1 45  ? 0.781   24.033  -4.585  1.00 41.42  ? 45   LYS A CD  1 
ATOM   230 C  CE  . LYS A 1 45  ? 0.745   24.980  -5.764  1.00 47.55  ? 45   LYS A CE  1 
ATOM   231 N  NZ  . LYS A 1 45  ? 1.977   24.881  -6.605  1.00 49.24  ? 45   LYS A NZ  1 
ATOM   232 N  N   . HIS A 1 46  ? -0.029  18.434  -2.818  1.00 35.95  ? 46   HIS A N   1 
ATOM   233 C  CA  . HIS A 1 46  ? 0.025   17.474  -1.709  1.00 32.44  ? 46   HIS A CA  1 
ATOM   234 C  C   . HIS A 1 46  ? -0.685  16.184  -2.098  1.00 31.81  ? 46   HIS A C   1 
ATOM   235 O  O   . HIS A 1 46  ? -1.903  16.171  -2.329  1.00 35.08  ? 46   HIS A O   1 
ATOM   236 C  CB  . HIS A 1 46  ? -0.602  18.051  -0.435  1.00 36.90  ? 46   HIS A CB  1 
ATOM   237 C  CG  . HIS A 1 46  ? -0.435  17.170  0.774   1.00 40.62  ? 46   HIS A CG  1 
ATOM   238 N  ND1 . HIS A 1 46  ? -1.241  17.272  1.887   1.00 34.66  ? 46   HIS A ND1 1 
ATOM   239 C  CD2 . HIS A 1 46  ? 0.444   16.173  1.035   1.00 37.56  ? 46   HIS A CD2 1 
ATOM   240 C  CE1 . HIS A 1 46  ? -0.857  16.384  2.790   1.00 37.93  ? 46   HIS A CE1 1 
ATOM   241 N  NE2 . HIS A 1 46  ? 0.157   15.699  2.297   1.00 34.11  ? 46   HIS A NE2 1 
ATOM   242 N  N   . TYR A 1 47  ? 0.073   15.098  -2.174  1.00 30.07  ? 47   TYR A N   1 
ATOM   243 C  CA  . TYR A 1 47  ? -0.464  13.862  -2.722  1.00 31.00  ? 47   TYR A CA  1 
ATOM   244 C  C   . TYR A 1 47  ? 0.276   12.632  -2.219  1.00 33.82  ? 47   TYR A C   1 
ATOM   245 O  O   . TYR A 1 47  ? 1.451   12.707  -1.865  1.00 31.50  ? 47   TYR A O   1 
ATOM   246 C  CB  . TYR A 1 47  ? -0.407  13.909  -4.249  1.00 28.76  ? 47   TYR A CB  1 
ATOM   247 C  CG  . TYR A 1 47  ? 0.983   14.207  -4.823  1.00 26.99  ? 47   TYR A CG  1 
ATOM   248 C  CD1 . TYR A 1 47  ? 1.861   13.176  -5.114  1.00 25.19  ? 47   TYR A CD1 1 
ATOM   249 C  CD2 . TYR A 1 47  ? 1.398   15.512  -5.084  1.00 25.90  ? 47   TYR A CD2 1 
ATOM   250 C  CE1 . TYR A 1 47  ? 3.112   13.424  -5.643  1.00 27.32  ? 47   TYR A CE1 1 
ATOM   251 C  CE2 . TYR A 1 47  ? 2.677   15.777  -5.624  1.00 29.74  ? 47   TYR A CE2 1 
ATOM   252 C  CZ  . TYR A 1 47  ? 3.521   14.710  -5.899  1.00 29.20  ? 47   TYR A CZ  1 
ATOM   253 O  OH  . TYR A 1 47  ? 4.783   14.909  -6.435  1.00 28.92  ? 47   TYR A OH  1 
ATOM   254 N  N   . ILE A 1 48  ? -0.425  11.508  -2.162  1.00 29.26  ? 48   ILE A N   1 
ATOM   255 C  CA  . ILE A 1 48  ? 0.252   10.231  -2.081  1.00 25.69  ? 48   ILE A CA  1 
ATOM   256 C  C   . ILE A 1 48  ? 0.376   9.752   -3.517  1.00 28.38  ? 48   ILE A C   1 
ATOM   257 O  O   . ILE A 1 48  ? -0.623  9.530   -4.216  1.00 30.17  ? 48   ILE A O   1 
ATOM   258 C  CB  . ILE A 1 48  ? -0.486  9.217   -1.196  1.00 27.21  ? 48   ILE A CB  1 
ATOM   259 C  CG1 . ILE A 1 48  ? -0.219  9.554   0.274   1.00 33.55  ? 48   ILE A CG1 1 
ATOM   260 C  CG2 . ILE A 1 48  ? -0.019  7.791   -1.494  1.00 25.57  ? 48   ILE A CG2 1 
ATOM   261 C  CD1 . ILE A 1 48  ? -1.137  8.808   1.236   1.00 35.30  ? 48   ILE A CD1 1 
ATOM   262 N  N   . GLY A 1 49  ? 1.620   9.660   -3.966  1.00 26.37  ? 49   GLY A N   1 
ATOM   263 C  CA  . GLY A 1 49  ? 1.914   9.410   -5.359  1.00 21.77  ? 49   GLY A CA  1 
ATOM   264 C  C   . GLY A 1 49  ? 1.949   7.940   -5.689  1.00 27.13  ? 49   GLY A C   1 
ATOM   265 O  O   . GLY A 1 49  ? 1.585   7.540   -6.804  1.00 24.40  ? 49   GLY A O   1 
ATOM   266 N  N   . THR A 1 50  ? 2.398   7.121   -4.739  1.00 25.01  ? 50   THR A N   1 
ATOM   267 C  CA  . THR A 1 50  ? 2.449   5.682   -4.989  1.00 19.83  ? 50   THR A CA  1 
ATOM   268 C  C   . THR A 1 50  ? 1.991   4.887   -3.793  1.00 26.99  ? 50   THR A C   1 
ATOM   269 O  O   . THR A 1 50  ? 2.167   5.298   -2.652  1.00 26.89  ? 50   THR A O   1 
ATOM   270 C  CB  . THR A 1 50  ? 3.881   5.169   -5.362  1.00 23.21  ? 50   THR A CB  1 
ATOM   271 O  OG1 . THR A 1 50  ? 4.792   5.452   -4.287  1.00 23.12  ? 50   THR A OG1 1 
ATOM   272 C  CG2 . THR A 1 50  ? 4.388   5.791   -6.672  1.00 24.05  ? 50   THR A CG2 1 
ATOM   273 N  N   . ILE A 1 51  ? 1.411   3.731   -4.077  1.00 23.88  ? 51   ILE A N   1 
ATOM   274 C  CA  . ILE A 1 51  ? 1.082   2.757   -3.061  1.00 22.35  ? 51   ILE A CA  1 
ATOM   275 C  C   . ILE A 1 51  ? 1.706   1.475   -3.570  1.00 26.53  ? 51   ILE A C   1 
ATOM   276 O  O   . ILE A 1 51  ? 1.324   0.976   -4.636  1.00 22.73  ? 51   ILE A O   1 
ATOM   277 C  CB  . ILE A 1 51  ? -0.430  2.604   -2.864  1.00 25.58  ? 51   ILE A CB  1 
ATOM   278 C  CG1 . ILE A 1 51  ? -1.041  3.885   -2.279  1.00 28.68  ? 51   ILE A CG1 1 
ATOM   279 C  CG2 . ILE A 1 51  ? -0.731  1.413   -1.983  1.00 23.36  ? 51   ILE A CG2 1 
ATOM   280 C  CD1 . ILE A 1 51  ? -2.561  3.892   -2.330  1.00 29.73  ? 51   ILE A CD1 1 
ATOM   281 N  N   . ARG A 1 52  ? 2.713   0.979   -2.861  1.00 23.10  ? 52   ARG A N   1 
ATOM   282 C  CA  . ARG A 1 52  ? 3.371   -0.260  -3.258  1.00 21.60  ? 52   ARG A CA  1 
ATOM   283 C  C   . ARG A 1 52  ? 3.008   -1.364  -2.306  1.00 28.53  ? 52   ARG A C   1 
ATOM   284 O  O   . ARG A 1 52  ? 2.846   -1.112  -1.113  1.00 23.36  ? 52   ARG A O   1 
ATOM   285 C  CB  . ARG A 1 52  ? 4.890   -0.087  -3.286  1.00 24.08  ? 52   ARG A CB  1 
ATOM   286 C  CG  . ARG A 1 52  ? 5.362   0.839   -4.366  1.00 34.68  ? 52   ARG A CG  1 
ATOM   287 C  CD  . ARG A 1 52  ? 6.626   1.549   -3.970  1.00 42.10  ? 52   ARG A CD  1 
ATOM   288 N  NE  . ARG A 1 52  ? 7.819   0.819   -4.373  1.00 46.82  ? 52   ARG A NE  1 
ATOM   289 C  CZ  . ARG A 1 52  ? 9.007   0.995   -3.802  1.00 62.28  ? 52   ARG A CZ  1 
ATOM   290 N  NH1 . ARG A 1 52  ? 9.121   1.865   -2.806  1.00 70.45  ? 52   ARG A NH1 1 
ATOM   291 N  NH2 . ARG A 1 52  ? 10.071  0.302   -4.203  1.00 54.12  ? 52   ARG A NH2 1 
ATOM   292 N  N   . LEU A 1 53  ? 2.900   -2.581  -2.836  1.00 29.48  ? 53   LEU A N   1 
ATOM   293 C  CA  . LEU A 1 53  ? 2.661   -3.765  -2.027  1.00 26.02  ? 53   LEU A CA  1 
ATOM   294 C  C   . LEU A 1 53  ? 3.829   -4.733  -2.166  1.00 30.21  ? 53   LEU A C   1 
ATOM   295 O  O   . LEU A 1 53  ? 4.228   -5.086  -3.276  1.00 25.16  ? 53   LEU A O   1 
ATOM   296 C  CB  . LEU A 1 53  ? 1.347   -4.464  -2.424  1.00 25.36  ? 53   LEU A CB  1 
ATOM   297 C  CG  . LEU A 1 53  ? 0.952   -5.640  -1.520  1.00 24.91  ? 53   LEU A CG  1 
ATOM   298 C  CD1 . LEU A 1 53  ? 0.719   -5.150  -0.093  1.00 25.10  ? 53   LEU A CD1 1 
ATOM   299 C  CD2 . LEU A 1 53  ? -0.288  -6.390  -2.035  1.00 24.54  ? 53   LEU A CD2 1 
ATOM   300 N  N   . PHE A 1 54  ? 4.377   -5.139  -1.028  1.00 30.99  ? 54   PHE A N   1 
ATOM   301 C  CA  . PHE A 1 54  ? 5.468   -6.104  -0.979  1.00 36.04  ? 54   PHE A CA  1 
ATOM   302 C  C   . PHE A 1 54  ? 5.005   -7.394  -0.319  1.00 36.50  ? 54   PHE A C   1 
ATOM   303 O  O   . PHE A 1 54  ? 4.240   -7.359  0.647   1.00 36.96  ? 54   PHE A O   1 
ATOM   304 C  CB  . PHE A 1 54  ? 6.666   -5.555  -0.192  1.00 26.23  ? 54   PHE A CB  1 
ATOM   305 C  CG  . PHE A 1 54  ? 7.282   -4.325  -0.782  1.00 28.84  ? 54   PHE A CG  1 
ATOM   306 C  CD1 . PHE A 1 54  ? 6.792   -3.065  -0.464  1.00 30.21  ? 54   PHE A CD1 1 
ATOM   307 C  CD2 . PHE A 1 54  ? 8.371   -4.421  -1.626  1.00 30.05  ? 54   PHE A CD2 1 
ATOM   308 C  CE1 . PHE A 1 54  ? 7.360   -1.932  -1.007  1.00 30.76  ? 54   PHE A CE1 1 
ATOM   309 C  CE2 . PHE A 1 54  ? 8.949   -3.282  -2.173  1.00 32.24  ? 54   PHE A CE2 1 
ATOM   310 C  CZ  . PHE A 1 54  ? 8.439   -2.043  -1.866  1.00 34.33  ? 54   PHE A CZ  1 
ATOM   311 N  N   . GLY A 1 55  ? 5.472   -8.528  -0.835  1.00 25.76  ? 55   GLY A N   1 
ATOM   312 C  CA  . GLY A 1 55  ? 5.387   -9.782  -0.097  1.00 35.36  ? 55   GLY A CA  1 
ATOM   313 C  C   . GLY A 1 55  ? 6.719   -10.205 0.514   1.00 35.18  ? 55   GLY A C   1 
ATOM   314 O  O   . GLY A 1 55  ? 7.746   -10.207 -0.163  1.00 40.95  ? 55   GLY A O   1 
ATOM   315 N  N   . ILE A 1 56  ? 6.715   -10.569 1.792   1.00 30.90  ? 56   ILE A N   1 
ATOM   316 C  CA  . ILE A 1 56  ? 7.913   -11.119 2.422   1.00 38.94  ? 56   ILE A CA  1 
ATOM   317 C  C   . ILE A 1 56  ? 7.912   -12.638 2.263   1.00 45.87  ? 56   ILE A C   1 
ATOM   318 O  O   . ILE A 1 56  ? 7.022   -13.327 2.778   1.00 41.75  ? 56   ILE A O   1 
ATOM   319 C  CB  . ILE A 1 56  ? 8.002   -10.773 3.901   1.00 40.34  ? 56   ILE A CB  1 
ATOM   320 C  CG1 . ILE A 1 56  ? 7.640   -9.307  4.124   1.00 43.48  ? 56   ILE A CG1 1 
ATOM   321 C  CG2 . ILE A 1 56  ? 9.393   -11.062 4.421   1.00 43.34  ? 56   ILE A CG2 1 
ATOM   322 C  CD1 . ILE A 1 56  ? 8.468   -8.357  3.345   1.00 45.25  ? 56   ILE A CD1 1 
ATOM   323 N  N   . THR A 1 57  ? 8.907   -13.157 1.549   1.00 46.16  ? 57   THR A N   1 
ATOM   324 C  CA  . THR A 1 57  ? 8.929   -14.572 1.193   1.00 48.65  ? 57   THR A CA  1 
ATOM   325 C  C   . THR A 1 57  ? 9.321   -15.464 2.366   1.00 53.47  ? 57   THR A C   1 
ATOM   326 O  O   . THR A 1 57  ? 10.169  -15.099 3.183   1.00 59.96  ? 57   THR A O   1 
ATOM   327 C  CB  . THR A 1 57  ? 9.902   -14.840 0.036   1.00 45.96  ? 57   THR A CB  1 
ATOM   328 O  OG1 . THR A 1 57  ? 11.249  -14.673 0.498   1.00 47.86  ? 57   THR A OG1 1 
ATOM   329 C  CG2 . THR A 1 57  ? 9.636   -13.879 -1.115  1.00 44.67  ? 57   THR A CG2 1 
ATOM   330 N  N   . LYS A 1 58  ? 8.698   -16.637 2.438   1.00 54.54  ? 58   LYS A N   1 
ATOM   331 C  CA  . LYS A 1 58  ? 9.108   -17.674 3.380   1.00 58.48  ? 58   LYS A CA  1 
ATOM   332 C  C   . LYS A 1 58  ? 10.487  -18.201 2.995   1.00 67.39  ? 58   LYS A C   1 
ATOM   333 O  O   . LYS A 1 58  ? 11.442  -18.120 3.773   1.00 65.26  ? 58   LYS A O   1 
ATOM   334 C  CB  . LYS A 1 58  ? 8.087   -18.811 3.405   1.00 52.70  ? 58   LYS A CB  1 
ATOM   335 C  CG  . LYS A 1 58  ? 6.789   -18.458 4.120   1.00 53.34  ? 58   LYS A CG  1 
ATOM   336 C  CD  . LYS A 1 58  ? 5.654   -19.388 3.717   1.00 54.54  ? 58   LYS A CD  1 
ATOM   337 C  CE  . LYS A 1 58  ? 4.550   -19.379 4.761   1.00 55.79  ? 58   LYS A CE  1 
ATOM   338 N  NZ  . LYS A 1 58  ? 3.276   -19.944 4.243   1.00 57.60  ? 58   LYS A NZ  1 
ATOM   339 N  N   . GLU A 1 59  ? 10.576  -18.736 1.780   1.00 73.93  ? 59   GLU A N   1 
ATOM   340 C  CA  . GLU A 1 59  ? 11.832  -19.237 1.233   1.00 75.31  ? 59   GLU A CA  1 
ATOM   341 C  C   . GLU A 1 59  ? 12.767  -18.077 0.901   1.00 63.69  ? 59   GLU A C   1 
ATOM   342 O  O   . GLU A 1 59  ? 12.786  -17.595 -0.231  1.00 68.21  ? 59   GLU A O   1 
ATOM   343 C  CB  . GLU A 1 59  ? 11.564  -20.095 -0.016  1.00 83.41  ? 59   GLU A CB  1 
ATOM   344 C  CG  . GLU A 1 59  ? 12.799  -20.741 -0.652  1.00 90.41  ? 59   GLU A CG  1 
ATOM   345 C  CD  . GLU A 1 59  ? 12.461  -21.566 -1.892  1.00 95.72  ? 59   GLU A CD  1 
ATOM   346 O  OE1 . GLU A 1 59  ? 11.872  -21.009 -2.845  1.00 91.75  ? 59   GLU A OE1 1 
ATOM   347 O  OE2 . GLU A 1 59  ? 12.789  -22.774 -1.913  1.00 98.98  ? 59   GLU A OE2 1 
ATOM   348 N  N   . GLY A 1 60  ? 13.514  -17.603 1.893   1.00 55.43  ? 60   GLY A N   1 
ATOM   349 C  CA  . GLY A 1 60  ? 14.545  -16.618 1.630   1.00 55.03  ? 60   GLY A CA  1 
ATOM   350 C  C   . GLY A 1 60  ? 14.455  -15.294 2.362   1.00 53.30  ? 60   GLY A C   1 
ATOM   351 O  O   . GLY A 1 60  ? 15.394  -14.501 2.313   1.00 53.31  ? 60   GLY A O   1 
ATOM   352 N  N   . ASN A 1 61  ? 13.338  -15.052 3.037   1.00 53.18  ? 61   ASN A N   1 
ATOM   353 C  CA  . ASN A 1 61  ? 13.114  -13.781 3.731   1.00 55.91  ? 61   ASN A CA  1 
ATOM   354 C  C   . ASN A 1 61  ? 13.312  -12.556 2.834   1.00 53.39  ? 61   ASN A C   1 
ATOM   355 O  O   . ASN A 1 61  ? 13.839  -11.525 3.263   1.00 57.61  ? 61   ASN A O   1 
ATOM   356 C  CB  . ASN A 1 61  ? 14.029  -13.663 4.944   1.00 57.53  ? 61   ASN A CB  1 
ATOM   357 C  CG  . ASN A 1 61  ? 13.609  -12.548 5.865   1.00 63.96  ? 61   ASN A CG  1 
ATOM   358 O  OD1 . ASN A 1 61  ? 12.430  -12.417 6.193   1.00 64.28  ? 61   ASN A OD1 1 
ATOM   359 N  ND2 . ASN A 1 61  ? 14.559  -11.707 6.252   1.00 64.78  ? 61   ASN A ND2 1 
ATOM   360 N  N   . VAL A 1 62  ? 12.888  -12.668 1.584   1.00 47.49  ? 62   VAL A N   1 
ATOM   361 C  CA  . VAL A 1 62  ? 13.042  -11.566 0.641   1.00 46.59  ? 62   VAL A CA  1 
ATOM   362 C  C   . VAL A 1 62  ? 11.858  -10.619 0.743   1.00 47.64  ? 62   VAL A C   1 
ATOM   363 O  O   . VAL A 1 62  ? 10.739  -11.053 0.956   1.00 42.82  ? 62   VAL A O   1 
ATOM   364 C  CB  . VAL A 1 62  ? 13.186  -12.098 -0.801  1.00 42.21  ? 62   VAL A CB  1 
ATOM   365 C  CG1 . VAL A 1 62  ? 13.304  -10.957 -1.820  1.00 41.96  ? 62   VAL A CG1 1 
ATOM   366 C  CG2 . VAL A 1 62  ? 14.394  -13.045 -0.887  1.00 41.32  ? 62   VAL A CG2 1 
ATOM   367 N  N   . THR A 1 63  ? 12.113  -9.322  0.617   1.00 34.79  ? 63   THR A N   1 
ATOM   368 C  CA  . THR A 1 63  ? 11.038  -8.336  0.544   1.00 38.75  ? 63   THR A CA  1 
ATOM   369 C  C   . THR A 1 63  ? 10.735  -8.031  -0.926  1.00 37.44  ? 63   THR A C   1 
ATOM   370 O  O   . THR A 1 63  ? 11.363  -7.172  -1.545  1.00 34.39  ? 63   THR A O   1 
ATOM   371 C  CB  . THR A 1 63  ? 11.405  -7.052  1.301   1.00 37.64  ? 63   THR A CB  1 
ATOM   372 O  OG1 . THR A 1 63  ? 11.628  -7.368  2.682   1.00 42.59  ? 63   THR A OG1 1 
ATOM   373 C  CG2 . THR A 1 63  ? 10.285  -6.035  1.209   1.00 34.13  ? 63   THR A CG2 1 
ATOM   374 N  N   . LEU A 1 64  ? 9.789   -8.774  -1.485  1.00 27.71  ? 64   LEU A N   1 
ATOM   375 C  CA  . LEU A 1 64  ? 9.561   -8.785  -2.924  1.00 30.98  ? 64   LEU A CA  1 
ATOM   376 C  C   . LEU A 1 64  ? 8.427   -7.833  -3.343  1.00 34.38  ? 64   LEU A C   1 
ATOM   377 O  O   . LEU A 1 64  ? 7.292   -7.994  -2.901  1.00 34.34  ? 64   LEU A O   1 
ATOM   378 C  CB  . LEU A 1 64  ? 9.240   -10.215 -3.358  1.00 27.68  ? 64   LEU A CB  1 
ATOM   379 C  CG  . LEU A 1 64  ? 9.031   -10.549 -4.829  1.00 35.69  ? 64   LEU A CG  1 
ATOM   380 C  CD1 . LEU A 1 64  ? 10.327  -10.353 -5.624  1.00 39.93  ? 64   LEU A CD1 1 
ATOM   381 C  CD2 . LEU A 1 64  ? 8.526   -11.982 -4.959  1.00 32.21  ? 64   LEU A CD2 1 
ATOM   382 N  N   . GLU A 1 65  ? 8.725   -6.845  -4.181  1.00 35.31  ? 65   GLU A N   1 
ATOM   383 C  CA  . GLU A 1 65  ? 7.685   -5.918  -4.611  1.00 27.78  ? 65   GLU A CA  1 
ATOM   384 C  C   . GLU A 1 65  ? 6.759   -6.612  -5.583  1.00 24.92  ? 65   GLU A C   1 
ATOM   385 O  O   . GLU A 1 65  ? 7.188   -7.128  -6.613  1.00 25.34  ? 65   GLU A O   1 
ATOM   386 C  CB  . GLU A 1 65  ? 8.263   -4.657  -5.254  1.00 27.47  ? 65   GLU A CB  1 
ATOM   387 C  CG  . GLU A 1 65  ? 7.180   -3.600  -5.482  1.00 27.32  ? 65   GLU A CG  1 
ATOM   388 C  CD  . GLU A 1 65  ? 7.696   -2.347  -6.157  1.00 31.95  ? 65   GLU A CD  1 
ATOM   389 O  OE1 . GLU A 1 65  ? 8.325   -1.512  -5.482  1.00 30.30  ? 65   GLU A OE1 1 
ATOM   390 O  OE2 . GLU A 1 65  ? 7.470   -2.193  -7.367  1.00 33.06  ? 65   GLU A OE2 1 
ATOM   391 N  N   . LEU A 1 66  ? 5.482   -6.643  -5.239  1.00 23.53  ? 66   LEU A N   1 
ATOM   392 C  CA  . LEU A 1 66  ? 4.500   -7.301  -6.079  1.00 22.71  ? 66   LEU A CA  1 
ATOM   393 C  C   . LEU A 1 66  ? 3.999   -6.359  -7.144  1.00 30.07  ? 66   LEU A C   1 
ATOM   394 O  O   . LEU A 1 66  ? 3.705   -6.786  -8.267  1.00 21.94  ? 66   LEU A O   1 
ATOM   395 C  CB  . LEU A 1 66  ? 3.334   -7.821  -5.234  1.00 22.84  ? 66   LEU A CB  1 
ATOM   396 C  CG  . LEU A 1 66  ? 3.781   -8.624  -4.006  1.00 26.73  ? 66   LEU A CG  1 
ATOM   397 C  CD1 . LEU A 1 66  ? 2.570   -9.032  -3.205  1.00 23.02  ? 66   LEU A CD1 1 
ATOM   398 C  CD2 . LEU A 1 66  ? 4.594   -9.845  -4.428  1.00 25.99  ? 66   LEU A CD2 1 
ATOM   399 N  N   . GLY A 1 67  ? 3.895   -5.077  -6.797  1.00 25.24  ? 67   GLY A N   1 
ATOM   400 C  CA  . GLY A 1 67  ? 3.459   -4.077  -7.760  1.00 25.33  ? 67   GLY A CA  1 
ATOM   401 C  C   . GLY A 1 67  ? 3.378   -2.688  -7.152  1.00 24.27  ? 67   GLY A C   1 
ATOM   402 O  O   . GLY A 1 67  ? 3.658   -2.509  -5.968  1.00 22.71  ? 67   GLY A O   1 
ATOM   403 N  N   . CYS A 1 68  ? 3.002   -1.706  -7.966  1.00 16.11  ? 68   CYS A N   1 
ATOM   404 C  CA  . CYS A 1 68  ? 3.034   -0.310  -7.555  1.00 19.41  ? 68   CYS A CA  1 
ATOM   405 C  C   . CYS A 1 68  ? 1.932   0.463   -8.233  1.00 20.41  ? 68   CYS A C   1 
ATOM   406 O  O   . CYS A 1 68  ? 1.928   0.586   -9.466  1.00 21.33  ? 68   CYS A O   1 
ATOM   407 C  CB  . CYS A 1 68  ? 4.390   0.330   -7.882  1.00 20.30  ? 68   CYS A CB  1 
ATOM   408 S  SG  . CYS A 1 68  ? 4.503   2.135   -7.537  1.00 24.75  ? 68   CYS A SG  1 
ATOM   409 N  N   . GLN A 1 69  ? 1.000   0.972   -7.429  1.00 21.96  ? 69   GLN A N   1 
ATOM   410 C  CA  . GLN A 1 69  ? -0.037  1.877   -7.903  1.00 20.22  ? 69   GLN A CA  1 
ATOM   411 C  C   . GLN A 1 69  ? 0.491   3.301   -7.903  1.00 30.74  ? 69   GLN A C   1 
ATOM   412 O  O   . GLN A 1 69  ? 0.715   3.898   -6.843  1.00 23.73  ? 69   GLN A O   1 
ATOM   413 C  CB  . GLN A 1 69  ? -1.295  1.805   -7.036  1.00 24.05  ? 69   GLN A CB  1 
ATOM   414 C  CG  . GLN A 1 69  ? -2.391  2.812   -7.430  1.00 19.65  ? 69   GLN A CG  1 
ATOM   415 C  CD  . GLN A 1 69  ? -3.006  2.498   -8.789  1.00 26.00  ? 69   GLN A CD  1 
ATOM   416 O  OE1 . GLN A 1 69  ? -3.760  1.544   -8.926  1.00 25.35  ? 69   GLN A OE1 1 
ATOM   417 N  NE2 . GLN A 1 69  ? -2.685  3.308   -9.800  1.00 24.23  ? 69   GLN A NE2 1 
ATOM   418 N  N   . GLN A 1 70  ? 0.673   3.848   -9.098  1.00 19.99  ? 70   GLN A N   1 
ATOM   419 C  CA  . GLN A 1 70  ? 1.054   5.240   -9.245  1.00 19.85  ? 70   GLN A CA  1 
ATOM   420 C  C   . GLN A 1 70  ? -0.188  6.095   -9.537  1.00 23.29  ? 70   GLN A C   1 
ATOM   421 O  O   . GLN A 1 70  ? -1.088  5.696   -10.294 1.00 19.23  ? 70   GLN A O   1 
ATOM   422 C  CB  . GLN A 1 70  ? 2.119   5.373   -10.341 1.00 21.79  ? 70   GLN A CB  1 
ATOM   423 C  CG  . GLN A 1 70  ? 2.684   6.787   -10.498 1.00 22.81  ? 70   GLN A CG  1 
ATOM   424 C  CD  . GLN A 1 70  ? 1.887   7.591   -11.504 1.00 24.92  ? 70   GLN A CD  1 
ATOM   425 O  OE1 . GLN A 1 70  ? 1.381   7.038   -12.470 1.00 30.56  ? 70   GLN A OE1 1 
ATOM   426 N  NE2 . GLN A 1 70  ? 1.748   8.892   -11.268 1.00 23.21  ? 70   GLN A NE2 1 
ATOM   427 N  N   . ILE A 1 71  ? -0.263  7.252   -8.889  1.00 16.87  ? 71   ILE A N   1 
ATOM   428 C  CA  . ILE A 1 71  ? -1.429  8.124   -9.004  1.00 26.21  ? 71   ILE A CA  1 
ATOM   429 C  C   . ILE A 1 71  ? -0.991  9.546   -9.320  1.00 24.41  ? 71   ILE A C   1 
ATOM   430 O  O   . ILE A 1 71  ? -0.147  10.106  -8.638  1.00 27.88  ? 71   ILE A O   1 
ATOM   431 C  CB  . ILE A 1 71  ? -2.253  8.133   -7.708  1.00 29.69  ? 71   ILE A CB  1 
ATOM   432 C  CG1 . ILE A 1 71  ? -2.584  6.697   -7.291  1.00 28.69  ? 71   ILE A CG1 1 
ATOM   433 C  CG2 . ILE A 1 71  ? -3.523  8.971   -7.874  1.00 27.97  ? 71   ILE A CG2 1 
ATOM   434 C  CD1 . ILE A 1 71  ? -3.027  6.574   -5.851  1.00 28.43  ? 71   ILE A CD1 1 
ATOM   435 N  N   . TRP A 1 72  ? -1.557  10.131  -10.359 1.00 17.67  ? 72   TRP A N   1 
ATOM   436 C  CA  . TRP A 1 72  ? -1.174  11.489  -10.711 1.00 20.81  ? 72   TRP A CA  1 
ATOM   437 C  C   . TRP A 1 72  ? -1.757  12.469  -9.703  1.00 29.70  ? 72   TRP A C   1 
ATOM   438 O  O   . TRP A 1 72  ? -2.924  12.369  -9.333  1.00 27.58  ? 72   TRP A O   1 
ATOM   439 C  CB  . TRP A 1 72  ? -1.606  11.813  -12.144 1.00 22.10  ? 72   TRP A CB  1 
ATOM   440 C  CG  . TRP A 1 72  ? -0.786  11.021  -13.138 1.00 23.50  ? 72   TRP A CG  1 
ATOM   441 C  CD1 . TRP A 1 72  ? -1.208  9.984   -13.909 1.00 25.28  ? 72   TRP A CD1 1 
ATOM   442 C  CD2 . TRP A 1 72  ? 0.617   11.187  -13.416 1.00 31.98  ? 72   TRP A CD2 1 
ATOM   443 N  NE1 . TRP A 1 72  ? -0.159  9.496   -14.668 1.00 28.26  ? 72   TRP A NE1 1 
ATOM   444 C  CE2 . TRP A 1 72  ? 0.970   10.215  -14.376 1.00 33.97  ? 72   TRP A CE2 1 
ATOM   445 C  CE3 . TRP A 1 72  ? 1.604   12.069  -12.945 1.00 37.30  ? 72   TRP A CE3 1 
ATOM   446 C  CZ2 . TRP A 1 72  ? 2.279   10.097  -14.872 1.00 28.28  ? 72   TRP A CZ2 1 
ATOM   447 C  CZ3 . TRP A 1 72  ? 2.890   11.954  -13.438 1.00 27.68  ? 72   TRP A CZ3 1 
ATOM   448 C  CH2 . TRP A 1 72  ? 3.219   10.972  -14.388 1.00 32.23  ? 72   TRP A CH2 1 
ATOM   449 N  N   . PRO A 1 73  ? -0.925  13.405  -9.234  1.00 31.12  ? 73   PRO A N   1 
ATOM   450 C  CA  . PRO A 1 73  ? -1.327  14.348  -8.180  1.00 24.40  ? 73   PRO A CA  1 
ATOM   451 C  C   . PRO A 1 73  ? -2.682  15.010  -8.446  1.00 27.17  ? 73   PRO A C   1 
ATOM   452 O  O   . PRO A 1 73  ? -2.894  15.622  -9.492  1.00 29.77  ? 73   PRO A O   1 
ATOM   453 C  CB  . PRO A 1 73  ? -0.193  15.372  -8.186  1.00 24.87  ? 73   PRO A CB  1 
ATOM   454 C  CG  . PRO A 1 73  ? 1.003   14.580  -8.639  1.00 32.35  ? 73   PRO A CG  1 
ATOM   455 C  CD  . PRO A 1 73  ? 0.468   13.623  -9.670  1.00 23.37  ? 73   PRO A CD  1 
ATOM   456 N  N   . GLY A 1 74  ? -3.603  14.845  -7.501  1.00 34.60  ? 74   GLY A N   1 
ATOM   457 C  CA  . GLY A 1 74  ? -4.897  15.489  -7.554  1.00 32.75  ? 74   GLY A CA  1 
ATOM   458 C  C   . GLY A 1 74  ? -5.864  14.908  -8.572  1.00 36.15  ? 74   GLY A C   1 
ATOM   459 O  O   . GLY A 1 74  ? -6.958  15.437  -8.751  1.00 34.03  ? 74   GLY A O   1 
ATOM   460 N  N   . LEU A 1 75  ? -5.476  13.827  -9.239  1.00 27.44  ? 75   LEU A N   1 
ATOM   461 C  CA  . LEU A 1 75  ? -6.360  13.202  -10.223 1.00 23.83  ? 75   LEU A CA  1 
ATOM   462 C  C   . LEU A 1 75  ? -7.039  11.953  -9.669  1.00 36.43  ? 75   LEU A C   1 
ATOM   463 O  O   . LEU A 1 75  ? -8.080  11.513  -10.177 1.00 31.03  ? 75   LEU A O   1 
ATOM   464 C  CB  . LEU A 1 75  ? -5.589  12.861  -11.488 1.00 26.83  ? 75   LEU A CB  1 
ATOM   465 C  CG  . LEU A 1 75  ? -5.006  14.094  -12.174 1.00 32.83  ? 75   LEU A CG  1 
ATOM   466 C  CD1 . LEU A 1 75  ? -4.429  13.755  -13.540 1.00 25.90  ? 75   LEU A CD1 1 
ATOM   467 C  CD2 . LEU A 1 75  ? -6.073  15.185  -12.276 1.00 37.16  ? 75   LEU A CD2 1 
ATOM   468 N  N   . GLY A 1 76  ? -6.438  11.378  -8.636  1.00 36.75  ? 76   GLY A N   1 
ATOM   469 C  CA  . GLY A 1 76  ? -7.001  10.215  -7.984  1.00 26.25  ? 76   GLY A CA  1 
ATOM   470 C  C   . GLY A 1 76  ? -6.674  10.244  -6.510  1.00 30.83  ? 76   GLY A C   1 
ATOM   471 O  O   . GLY A 1 76  ? -5.661  10.817  -6.088  1.00 27.31  ? 76   GLY A O   1 
ATOM   472 N  N   . GLU A 1 77  ? -7.536  9.616   -5.721  1.00 28.94  ? 77   GLU A N   1 
ATOM   473 C  CA  . GLU A 1 77  ? -7.316  9.478   -4.283  1.00 26.53  ? 77   GLU A CA  1 
ATOM   474 C  C   . GLU A 1 77  ? -6.463  8.254   -4.015  1.00 24.01  ? 77   GLU A C   1 
ATOM   475 O  O   . GLU A 1 77  ? -6.412  7.368   -4.859  1.00 24.06  ? 77   GLU A O   1 
ATOM   476 C  CB  . GLU A 1 77  ? -8.658  9.374   -3.566  1.00 29.95  ? 77   GLU A CB  1 
ATOM   477 C  CG  . GLU A 1 77  ? -9.559  10.544  -3.892  1.00 37.81  ? 77   GLU A CG  1 
ATOM   478 C  CD  . GLU A 1 77  ? -10.753 10.604  -2.983  1.00 39.98  ? 77   GLU A CD  1 
ATOM   479 O  OE1 . GLU A 1 77  ? -10.600 11.096  -1.851  1.00 52.85  ? 77   GLU A OE1 1 
ATOM   480 O  OE2 . GLU A 1 77  ? -11.839 10.160  -3.397  1.00 43.50  ? 77   GLU A OE2 1 
ATOM   481 N  N   . PRO A 1 78  ? -5.774  8.209   -2.859  1.00 27.67  ? 78   PRO A N   1 
ATOM   482 C  CA  . PRO A 1 78  ? -4.830  7.109   -2.588  1.00 21.64  ? 78   PRO A CA  1 
ATOM   483 C  C   . PRO A 1 78  ? -5.510  5.817   -2.160  1.00 26.22  ? 78   PRO A C   1 
ATOM   484 O  O   . PRO A 1 78  ? -5.576  5.487   -0.971  1.00 26.13  ? 78   PRO A O   1 
ATOM   485 C  CB  . PRO A 1 78  ? -3.959  7.658   -1.450  1.00 26.48  ? 78   PRO A CB  1 
ATOM   486 C  CG  . PRO A 1 78  ? -4.857  8.661   -0.757  1.00 30.77  ? 78   PRO A CG  1 
ATOM   487 C  CD  . PRO A 1 78  ? -5.621  9.312   -1.890  1.00 24.77  ? 78   PRO A CD  1 
ATOM   488 N  N   . VAL A 1 79  ? -6.011  5.094   -3.158  1.00 26.67  ? 79   VAL A N   1 
ATOM   489 C  CA  . VAL A 1 79  ? -6.465  3.728   -3.000  1.00 22.87  ? 79   VAL A CA  1 
ATOM   490 C  C   . VAL A 1 79  ? -5.695  2.830   -3.958  1.00 25.30  ? 79   VAL A C   1 
ATOM   491 O  O   . VAL A 1 79  ? -5.076  3.307   -4.924  1.00 21.78  ? 79   VAL A O   1 
ATOM   492 C  CB  . VAL A 1 79  ? -7.970  3.598   -3.290  1.00 24.24  ? 79   VAL A CB  1 
ATOM   493 C  CG1 . VAL A 1 79  ? -8.758  4.538   -2.388  1.00 24.06  ? 79   VAL A CG1 1 
ATOM   494 C  CG2 . VAL A 1 79  ? -8.253  3.941   -4.732  1.00 23.72  ? 79   VAL A CG2 1 
ATOM   495 N  N   . ALA A 1 80  ? -5.742  1.531   -3.699  1.00 22.70  ? 80   ALA A N   1 
ATOM   496 C  CA  . ALA A 1 80  ? -5.177  0.562   -4.620  1.00 18.51  ? 80   ALA A CA  1 
ATOM   497 C  C   . ALA A 1 80  ? -5.736  -0.825  -4.354  1.00 21.76  ? 80   ALA A C   1 
ATOM   498 O  O   . ALA A 1 80  ? -6.285  -1.087  -3.282  1.00 26.04  ? 80   ALA A O   1 
ATOM   499 C  CB  . ALA A 1 80  ? -3.626  0.543   -4.515  1.00 20.68  ? 80   ALA A CB  1 
ATOM   500 N  N   . SER A 1 81  ? -5.610  -1.718  -5.331  1.00 20.84  ? 81   SER A N   1 
ATOM   501 C  CA  . SER A 1 81  ? -5.793  -3.125  -5.011  1.00 24.22  ? 81   SER A CA  1 
ATOM   502 C  C   . SER A 1 81  ? -4.833  -4.019  -5.785  1.00 24.48  ? 81   SER A C   1 
ATOM   503 O  O   . SER A 1 81  ? -4.358  -3.677  -6.867  1.00 20.26  ? 81   SER A O   1 
ATOM   504 C  CB  . SER A 1 81  ? -7.249  -3.560  -5.238  1.00 28.59  ? 81   SER A CB  1 
ATOM   505 O  OG  . SER A 1 81  ? -7.733  -3.201  -6.515  1.00 38.73  ? 81   SER A OG  1 
ATOM   506 N  N   . PHE A 1 82  ? -4.535  -5.156  -5.174  1.00 24.65  ? 82   PHE A N   1 
ATOM   507 C  CA  . PHE A 1 82  ? -3.644  -6.150  -5.734  1.00 22.35  ? 82   PHE A CA  1 
ATOM   508 C  C   . PHE A 1 82  ? -4.287  -7.497  -5.595  1.00 27.00  ? 82   PHE A C   1 
ATOM   509 O  O   . PHE A 1 82  ? -5.234  -7.671  -4.826  1.00 26.85  ? 82   PHE A O   1 
ATOM   510 C  CB  . PHE A 1 82  ? -2.309  -6.147  -5.015  1.00 21.24  ? 82   PHE A CB  1 
ATOM   511 C  CG  . PHE A 1 82  ? -1.596  -4.837  -5.086  1.00 25.38  ? 82   PHE A CG  1 
ATOM   512 C  CD1 . PHE A 1 82  ? -1.973  -3.782  -4.277  1.00 22.54  ? 82   PHE A CD1 1 
ATOM   513 C  CD2 . PHE A 1 82  ? -0.544  -4.654  -5.973  1.00 29.03  ? 82   PHE A CD2 1 
ATOM   514 C  CE1 . PHE A 1 82  ? -1.311  -2.568  -4.338  1.00 27.72  ? 82   PHE A CE1 1 
ATOM   515 C  CE2 . PHE A 1 82  ? 0.119   -3.450  -6.034  1.00 32.65  ? 82   PHE A CE2 1 
ATOM   516 C  CZ  . PHE A 1 82  ? -0.271  -2.401  -5.216  1.00 28.58  ? 82   PHE A CZ  1 
ATOM   517 N  N   . ARG A 1 83  ? -3.778  -8.463  -6.335  1.00 24.47  ? 83   ARG A N   1 
ATOM   518 C  CA  . ARG A 1 83  ? -4.219  -9.822  -6.117  1.00 28.16  ? 83   ARG A CA  1 
ATOM   519 C  C   . ARG A 1 83  ? -2.972  -10.675 -6.132  1.00 28.74  ? 83   ARG A C   1 
ATOM   520 O  O   . ARG A 1 83  ? -2.341  -10.852 -7.166  1.00 25.15  ? 83   ARG A O   1 
ATOM   521 C  CB  . ARG A 1 83  ? -5.226  -10.250 -7.171  1.00 31.98  ? 83   ARG A CB  1 
ATOM   522 C  CG  . ARG A 1 83  ? -5.958  -11.529 -6.825  1.00 39.46  ? 83   ARG A CG  1 
ATOM   523 C  CD  . ARG A 1 83  ? -7.198  -11.692 -7.671  1.00 44.53  ? 83   ARG A CD  1 
ATOM   524 N  NE  . ARG A 1 83  ? -8.387  -11.788 -6.839  1.00 51.54  ? 83   ARG A NE  1 
ATOM   525 C  CZ  . ARG A 1 83  ? -9.464  -11.028 -6.972  1.00 54.38  ? 83   ARG A CZ  1 
ATOM   526 N  NH1 . ARG A 1 83  ? -9.520  -10.105 -7.916  1.00 58.12  ? 83   ARG A NH1 1 
ATOM   527 N  NH2 . ARG A 1 83  ? -10.493 -11.197 -6.153  1.00 60.75  ? 83   ARG A NH2 1 
ATOM   528 N  N   . VAL A 1 84  ? -2.608  -11.178 -4.965  1.00 29.10  ? 84   VAL A N   1 
ATOM   529 C  CA  . VAL A 1 84  ? -1.310  -11.791 -4.795  1.00 27.84  ? 84   VAL A CA  1 
ATOM   530 C  C   . VAL A 1 84  ? -1.242  -13.201 -5.358  1.00 31.05  ? 84   VAL A C   1 
ATOM   531 O  O   . VAL A 1 84  ? -1.962  -14.093 -4.928  1.00 33.16  ? 84   VAL A O   1 
ATOM   532 C  CB  . VAL A 1 84  ? -0.912  -11.818 -3.311  1.00 27.96  ? 84   VAL A CB  1 
ATOM   533 C  CG1 . VAL A 1 84  ? 0.433   -12.511 -3.140  1.00 41.12  ? 84   VAL A CG1 1 
ATOM   534 C  CG2 . VAL A 1 84  ? -0.861  -10.400 -2.765  1.00 27.70  ? 84   VAL A CG2 1 
ATOM   535 N  N   . CYS A 1 85  ? -0.359  -13.401 -6.326  1.00 28.17  ? 85   CYS A N   1 
ATOM   536 C  CA  . CYS A 1 85  ? -0.106  -14.741 -6.845  1.00 28.02  ? 85   CYS A CA  1 
ATOM   537 C  C   . CYS A 1 85  ? 0.501   -15.623 -5.781  1.00 36.83  ? 85   CYS A C   1 
ATOM   538 O  O   . CYS A 1 85  ? 1.375   -15.172 -5.046  1.00 40.48  ? 85   CYS A O   1 
ATOM   539 C  CB  . CYS A 1 85  ? 0.834   -14.686 -8.044  1.00 30.54  ? 85   CYS A CB  1 
ATOM   540 S  SG  . CYS A 1 85  ? 0.128   -13.895 -9.474  1.00 38.99  ? 85   CYS A SG  1 
ATOM   541 N  N   . ASP A 1 86  ? 0.045   -16.872 -5.698  1.00 37.73  ? 86   ASP A N   1 
ATOM   542 C  CA  . ASP A 1 86  ? 0.671   -17.837 -4.805  1.00 42.07  ? 86   ASP A CA  1 
ATOM   543 C  C   . ASP A 1 86  ? 0.868   -17.261 -3.395  1.00 44.26  ? 86   ASP A C   1 
ATOM   544 O  O   . ASP A 1 86  ? 2.000   -17.197 -2.915  1.00 42.23  ? 86   ASP A O   1 
ATOM   545 C  CB  . ASP A 1 86  ? 2.026   -18.271 -5.373  1.00 38.61  ? 86   ASP A CB  1 
ATOM   546 C  CG  . ASP A 1 86  ? 1.922   -18.845 -6.779  1.00 52.96  ? 86   ASP A CG  1 
ATOM   547 O  OD1 . ASP A 1 86  ? 0.987   -19.631 -7.039  1.00 57.65  ? 86   ASP A OD1 1 
ATOM   548 O  OD2 . ASP A 1 86  ? 2.778   -18.510 -7.627  1.00 55.22  ? 86   ASP A OD2 1 
ATOM   549 N  N   . LEU A 1 87  ? -0.216  -16.817 -2.753  1.00 40.76  ? 87   LEU A N   1 
ATOM   550 C  CA  . LEU A 1 87  ? -0.119  -16.111 -1.466  1.00 36.75  ? 87   LEU A CA  1 
ATOM   551 C  C   . LEU A 1 87  ? 0.565   -16.942 -0.384  1.00 41.81  ? 87   LEU A C   1 
ATOM   552 O  O   . LEU A 1 87  ? 1.233   -16.398 0.507   1.00 35.40  ? 87   LEU A O   1 
ATOM   553 C  CB  . LEU A 1 87  ? -1.507  -15.685 -0.975  1.00 36.05  ? 87   LEU A CB  1 
ATOM   554 C  CG  . LEU A 1 87  ? -1.571  -14.900 0.349   1.00 42.55  ? 87   LEU A CG  1 
ATOM   555 C  CD1 . LEU A 1 87  ? -0.925  -13.535 0.216   1.00 33.66  ? 87   LEU A CD1 1 
ATOM   556 C  CD2 . LEU A 1 87  ? -3.007  -14.752 0.866   1.00 36.11  ? 87   LEU A CD2 1 
ATOM   557 N  N   . GLU A 1 88  ? 0.408   -18.262 -0.469  1.00 43.45  ? 88   GLU A N   1 
ATOM   558 C  CA  . GLU A 1 88  ? 0.948   -19.157 0.545   1.00 55.19  ? 88   GLU A CA  1 
ATOM   559 C  C   . GLU A 1 88  ? 2.473   -19.070 0.586   1.00 49.72  ? 88   GLU A C   1 
ATOM   560 O  O   . GLU A 1 88  ? 3.108   -19.505 1.545   1.00 43.90  ? 88   GLU A O   1 
ATOM   561 C  CB  . GLU A 1 88  ? 0.491   -20.602 0.290   1.00 60.75  ? 88   GLU A CB  1 
ATOM   562 C  CG  . GLU A 1 88  ? 1.018   -21.232 -1.000  1.00 74.36  ? 88   GLU A CG  1 
ATOM   563 C  CD  . GLU A 1 88  ? 0.189   -20.878 -2.230  1.00 84.98  ? 88   GLU A CD  1 
ATOM   564 O  OE1 . GLU A 1 88  ? -0.858  -20.206 -2.075  1.00 86.18  ? 88   GLU A OE1 1 
ATOM   565 O  OE2 . GLU A 1 88  ? 0.592   -21.275 -3.351  1.00 87.57  ? 88   GLU A OE2 1 
ATOM   566 N  N   . LYS A 1 89  ? 3.054   -18.480 -0.452  1.00 44.83  ? 89   LYS A N   1 
ATOM   567 C  CA  . LYS A 1 89  ? 4.500   -18.392 -0.543  1.00 47.63  ? 89   LYS A CA  1 
ATOM   568 C  C   . LYS A 1 89  ? 5.068   -17.313 0.375   1.00 45.03  ? 89   LYS A C   1 
ATOM   569 O  O   . LYS A 1 89  ? 6.280   -17.252 0.578   1.00 49.21  ? 89   LYS A O   1 
ATOM   570 C  CB  . LYS A 1 89  ? 4.927   -18.141 -1.995  1.00 54.40  ? 89   LYS A CB  1 
ATOM   571 C  CG  . LYS A 1 89  ? 4.660   -19.336 -2.934  1.00 59.56  ? 89   LYS A CG  1 
ATOM   572 C  CD  . LYS A 1 89  ? 5.245   -19.116 -4.330  1.00 62.97  ? 89   LYS A CD  1 
ATOM   573 C  CE  . LYS A 1 89  ? 4.928   -20.284 -5.264  1.00 66.11  ? 89   LYS A CE  1 
ATOM   574 N  NZ  . LYS A 1 89  ? 5.638   -20.170 -6.573  1.00 66.62  ? 89   LYS A NZ  1 
ATOM   575 N  N   . TYR A 1 90  ? 4.201   -16.473 0.941   1.00 35.94  ? 90   TYR A N   1 
ATOM   576 C  CA  . TYR A 1 90  ? 4.659   -15.352 1.758   1.00 35.61  ? 90   TYR A CA  1 
ATOM   577 C  C   . TYR A 1 90  ? 4.252   -15.496 3.213   1.00 41.02  ? 90   TYR A C   1 
ATOM   578 O  O   . TYR A 1 90  ? 3.248   -16.136 3.523   1.00 46.08  ? 90   TYR A O   1 
ATOM   579 C  CB  . TYR A 1 90  ? 4.116   -14.021 1.207   1.00 35.94  ? 90   TYR A CB  1 
ATOM   580 C  CG  . TYR A 1 90  ? 4.412   -13.809 -0.259  1.00 44.10  ? 90   TYR A CG  1 
ATOM   581 C  CD1 . TYR A 1 90  ? 5.610   -13.234 -0.675  1.00 44.10  ? 90   TYR A CD1 1 
ATOM   582 C  CD2 . TYR A 1 90  ? 3.498   -14.201 -1.234  1.00 44.08  ? 90   TYR A CD2 1 
ATOM   583 C  CE1 . TYR A 1 90  ? 5.887   -13.048 -2.018  1.00 36.27  ? 90   TYR A CE1 1 
ATOM   584 C  CE2 . TYR A 1 90  ? 3.763   -14.015 -2.578  1.00 42.89  ? 90   TYR A CE2 1 
ATOM   585 C  CZ  . TYR A 1 90  ? 4.958   -13.437 -2.965  1.00 40.32  ? 90   TYR A CZ  1 
ATOM   586 O  OH  . TYR A 1 90  ? 5.212   -13.253 -4.307  1.00 31.65  ? 90   TYR A OH  1 
ATOM   587 N  N   . LYS A 1 91  ? 5.020   -14.876 4.103   1.00 46.78  ? 91   LYS A N   1 
ATOM   588 C  CA  . LYS A 1 91  ? 4.706   -14.902 5.527   1.00 50.28  ? 91   LYS A CA  1 
ATOM   589 C  C   . LYS A 1 91  ? 4.066   -13.596 5.990   1.00 50.32  ? 91   LYS A C   1 
ATOM   590 O  O   . LYS A 1 91  ? 3.496   -13.523 7.080   1.00 44.58  ? 91   LYS A O   1 
ATOM   591 C  CB  . LYS A 1 91  ? 5.965   -15.198 6.348   1.00 61.79  ? 91   LYS A CB  1 
ATOM   592 C  CG  . LYS A 1 91  ? 7.145   -14.272 6.113   1.00 59.46  ? 91   LYS A CG  1 
ATOM   593 C  CD  . LYS A 1 91  ? 8.426   -14.935 6.619   1.00 70.69  ? 91   LYS A CD  1 
ATOM   594 C  CE  . LYS A 1 91  ? 9.652   -14.054 6.421   1.00 79.00  ? 91   LYS A CE  1 
ATOM   595 N  NZ  . LYS A 1 91  ? 10.933  -14.792 6.648   1.00 80.59  ? 91   LYS A NZ  1 
ATOM   596 N  N   . GLY A 1 92  ? 4.153   -12.570 5.150   1.00 39.08  ? 92   GLY A N   1 
ATOM   597 C  CA  . GLY A 1 92  ? 3.549   -11.287 5.455   1.00 42.06  ? 92   GLY A CA  1 
ATOM   598 C  C   . GLY A 1 92  ? 3.456   -10.382 4.236   1.00 35.97  ? 92   GLY A C   1 
ATOM   599 O  O   . GLY A 1 92  ? 4.154   -10.604 3.244   1.00 35.92  ? 92   GLY A O   1 
ATOM   600 N  N   . LEU A 1 93  ? 2.589   -9.374  4.315   1.00 28.55  ? 93   LEU A N   1 
ATOM   601 C  CA  . LEU A 1 93  ? 2.471   -8.336  3.287   1.00 33.53  ? 93   LEU A CA  1 
ATOM   602 C  C   . LEU A 1 93  ? 2.849   -6.978  3.869   1.00 38.22  ? 93   LEU A C   1 
ATOM   603 O  O   . LEU A 1 93  ? 2.489   -6.650  5.008   1.00 36.34  ? 93   LEU A O   1 
ATOM   604 C  CB  . LEU A 1 93  ? 1.046   -8.263  2.728   1.00 34.43  ? 93   LEU A CB  1 
ATOM   605 C  CG  . LEU A 1 93  ? 0.465   -9.552  2.176   1.00 31.49  ? 93   LEU A CG  1 
ATOM   606 C  CD1 . LEU A 1 93  ? -0.978  -9.330  1.722   1.00 29.74  ? 93   LEU A CD1 1 
ATOM   607 C  CD2 . LEU A 1 93  ? 1.343   -10.007 1.025   1.00 27.03  ? 93   LEU A CD2 1 
ATOM   608 N  N   . LEU A 1 94  ? 3.561   -6.192  3.077   1.00 33.27  ? 94   LEU A N   1 
ATOM   609 C  CA  . LEU A 1 94  ? 4.000   -4.866  3.490   1.00 36.43  ? 94   LEU A CA  1 
ATOM   610 C  C   . LEU A 1 94  ? 3.501   -3.842  2.487   1.00 34.20  ? 94   LEU A C   1 
ATOM   611 O  O   . LEU A 1 94  ? 3.891   -3.879  1.322   1.00 29.07  ? 94   LEU A O   1 
ATOM   612 C  CB  . LEU A 1 94  ? 5.534   -4.802  3.595   1.00 33.29  ? 94   LEU A CB  1 
ATOM   613 C  CG  . LEU A 1 94  ? 6.133   -3.417  3.859   1.00 33.58  ? 94   LEU A CG  1 
ATOM   614 C  CD1 . LEU A 1 94  ? 5.792   -2.933  5.269   1.00 33.32  ? 94   LEU A CD1 1 
ATOM   615 C  CD2 . LEU A 1 94  ? 7.636   -3.396  3.606   1.00 37.16  ? 94   LEU A CD2 1 
ATOM   616 N  N   . ALA A 1 95  ? 2.627   -2.943  2.930   1.00 33.01  ? 95   ALA A N   1 
ATOM   617 C  CA  . ALA A 1 95  ? 2.150   -1.864  2.068   1.00 33.09  ? 95   ALA A CA  1 
ATOM   618 C  C   . ALA A 1 95  ? 2.946   -0.610  2.380   1.00 37.93  ? 95   ALA A C   1 
ATOM   619 O  O   . ALA A 1 95  ? 3.254   -0.342  3.542   1.00 35.54  ? 95   ALA A O   1 
ATOM   620 C  CB  . ALA A 1 95  ? 0.638   -1.623  2.267   1.00 25.45  ? 95   ALA A CB  1 
ATOM   621 N  N   . VAL A 1 96  ? 3.295   0.157   1.353   1.00 27.99  ? 96   VAL A N   1 
ATOM   622 C  CA  . VAL A 1 96  ? 4.064   1.381   1.564   1.00 31.98  ? 96   VAL A CA  1 
ATOM   623 C  C   . VAL A 1 96  ? 3.517   2.544   0.740   1.00 32.81  ? 96   VAL A C   1 
ATOM   624 O  O   . VAL A 1 96  ? 3.491   2.486   -0.493  1.00 38.32  ? 96   VAL A O   1 
ATOM   625 C  CB  . VAL A 1 96  ? 5.559   1.190   1.220   1.00 31.35  ? 96   VAL A CB  1 
ATOM   626 C  CG1 . VAL A 1 96  ? 6.279   2.505   1.328   1.00 27.44  ? 96   VAL A CG1 1 
ATOM   627 C  CG2 . VAL A 1 96  ? 6.203   0.173   2.169   1.00 30.89  ? 96   VAL A CG2 1 
ATOM   628 N  N   . ALA A 1 97  ? 3.062   3.589   1.427   1.00 31.26  ? 97   ALA A N   1 
ATOM   629 C  CA  . ALA A 1 97  ? 2.512   4.766   0.764   1.00 27.93  ? 97   ALA A CA  1 
ATOM   630 C  C   . ALA A 1 97  ? 3.516   5.903   0.807   1.00 33.45  ? 97   ALA A C   1 
ATOM   631 O  O   . ALA A 1 97  ? 4.142   6.132   1.837   1.00 32.21  ? 97   ALA A O   1 
ATOM   632 C  CB  . ALA A 1 97  ? 1.197   5.186   1.418   1.00 30.58  ? 97   ALA A CB  1 
ATOM   633 N  N   . TYR A 1 98  ? 3.667   6.608   -0.313  1.00 28.88  ? 98   TYR A N   1 
ATOM   634 C  CA  . TYR A 1 98  ? 4.592   7.738   -0.407  1.00 30.92  ? 98   TYR A CA  1 
ATOM   635 C  C   . TYR A 1 98  ? 3.835   9.045   -0.597  1.00 34.07  ? 98   TYR A C   1 
ATOM   636 O  O   . TYR A 1 98  ? 3.130   9.221   -1.592  1.00 30.51  ? 98   TYR A O   1 
ATOM   637 C  CB  . TYR A 1 98  ? 5.588   7.552   -1.571  1.00 38.47  ? 98   TYR A CB  1 
ATOM   638 C  CG  . TYR A 1 98  ? 6.187   8.866   -2.049  1.00 33.33  ? 98   TYR A CG  1 
ATOM   639 C  CD1 . TYR A 1 98  ? 7.096   9.564   -1.257  1.00 36.16  ? 98   TYR A CD1 1 
ATOM   640 C  CD2 . TYR A 1 98  ? 5.829   9.421   -3.280  1.00 37.91  ? 98   TYR A CD2 1 
ATOM   641 C  CE1 . TYR A 1 98  ? 7.634   10.781  -1.667  1.00 33.83  ? 98   TYR A CE1 1 
ATOM   642 C  CE2 . TYR A 1 98  ? 6.371   10.638  -3.704  1.00 38.84  ? 98   TYR A CE2 1 
ATOM   643 C  CZ  . TYR A 1 98  ? 7.271   11.314  -2.884  1.00 36.80  ? 98   TYR A CZ  1 
ATOM   644 O  OH  . TYR A 1 98  ? 7.818   12.525  -3.274  1.00 34.95  ? 98   TYR A OH  1 
ATOM   645 N  N   . CYS A 1 99  ? 3.989   9.959   0.351   1.00 30.63  ? 99   CYS A N   1 
ATOM   646 C  CA  . CYS A 1 99  ? 3.418   11.293  0.237   1.00 25.36  ? 99   CYS A CA  1 
ATOM   647 C  C   . CYS A 1 99  ? 4.538   12.281  -0.037  1.00 31.38  ? 99   CYS A C   1 
ATOM   648 O  O   . CYS A 1 99  ? 5.590   12.222  0.603   1.00 32.13  ? 99   CYS A O   1 
ATOM   649 C  CB  . CYS A 1 99  ? 2.671   11.676  1.509   1.00 35.93  ? 99   CYS A CB  1 
ATOM   650 S  SG  . CYS A 1 99  ? 2.303   13.443  1.634   1.00 36.21  ? 99   CYS A SG  1 
ATOM   651 N  N   . ASN A 1 100 ? 4.326   13.189  -0.986  1.00 28.84  ? 100  ASN A N   1 
ATOM   652 C  CA  . ASN A 1 100 ? 5.408   14.088  -1.376  1.00 32.08  ? 100  ASN A CA  1 
ATOM   653 C  C   . ASN A 1 100 ? 5.834   14.963  -0.208  1.00 36.39  ? 100  ASN A C   1 
ATOM   654 O  O   . ASN A 1 100 ? 7.016   15.219  -0.018  1.00 41.12  ? 100  ASN A O   1 
ATOM   655 C  CB  . ASN A 1 100 ? 5.007   14.958  -2.570  1.00 32.40  ? 100  ASN A CB  1 
ATOM   656 C  CG  . ASN A 1 100 ? 3.919   15.961  -2.221  1.00 37.80  ? 100  ASN A CG  1 
ATOM   657 O  OD1 . ASN A 1 100 ? 2.898   15.605  -1.628  1.00 31.22  ? 100  ASN A OD1 1 
ATOM   658 N  ND2 . ASN A 1 100 ? 4.136   17.220  -2.579  1.00 35.72  ? 100  ASN A ND2 1 
ATOM   659 N  N   . LEU A 1 101 ? 4.879   15.396  0.606   1.00 37.38  ? 101  LEU A N   1 
ATOM   660 C  CA  . LEU A 1 101 ? 5.223   16.295  1.698   1.00 40.37  ? 101  LEU A CA  1 
ATOM   661 C  C   . LEU A 1 101 ? 5.722   15.526  2.910   1.00 37.87  ? 101  LEU A C   1 
ATOM   662 O  O   . LEU A 1 101 ? 6.588   16.006  3.635   1.00 39.31  ? 101  LEU A O   1 
ATOM   663 C  CB  . LEU A 1 101 ? 4.026   17.167  2.085   1.00 38.17  ? 101  LEU A CB  1 
ATOM   664 C  CG  . LEU A 1 101 ? 3.587   18.197  1.040   1.00 37.85  ? 101  LEU A CG  1 
ATOM   665 C  CD1 . LEU A 1 101 ? 2.403   19.007  1.546   1.00 35.08  ? 101  LEU A CD1 1 
ATOM   666 C  CD2 . LEU A 1 101 ? 4.746   19.114  0.651   1.00 41.26  ? 101  LEU A CD2 1 
ATOM   667 N  N   . HIS A 1 102 ? 5.205   14.319  3.122   1.00 38.83  ? 102  HIS A N   1 
ATOM   668 C  CA  . HIS A 1 102 ? 5.387   13.665  4.416   1.00 38.08  ? 102  HIS A CA  1 
ATOM   669 C  C   . HIS A 1 102 ? 6.098   12.324  4.391   1.00 42.76  ? 102  HIS A C   1 
ATOM   670 O  O   . HIS A 1 102 ? 6.157   11.636  5.410   1.00 46.29  ? 102  HIS A O   1 
ATOM   671 C  CB  . HIS A 1 102 ? 4.027   13.515  5.087   1.00 34.68  ? 102  HIS A CB  1 
ATOM   672 C  CG  . HIS A 1 102 ? 3.353   14.826  5.332   1.00 36.42  ? 102  HIS A CG  1 
ATOM   673 N  ND1 . HIS A 1 102 ? 2.040   15.065  4.995   1.00 34.06  ? 102  HIS A ND1 1 
ATOM   674 C  CD2 . HIS A 1 102 ? 3.826   15.985  5.855   1.00 40.91  ? 102  HIS A CD2 1 
ATOM   675 C  CE1 . HIS A 1 102 ? 1.729   16.313  5.300   1.00 38.71  ? 102  HIS A CE1 1 
ATOM   676 N  NE2 . HIS A 1 102 ? 2.796   16.891  5.825   1.00 37.36  ? 102  HIS A NE2 1 
ATOM   677 N  N   . GLY A 1 103 ? 6.648   11.958  3.240   1.00 40.32  ? 103  GLY A N   1 
ATOM   678 C  CA  . GLY A 1 103 ? 7.483   10.775  3.156   1.00 40.54  ? 103  GLY A CA  1 
ATOM   679 C  C   . GLY A 1 103 ? 6.719   9.468   3.124   1.00 38.35  ? 103  GLY A C   1 
ATOM   680 O  O   . GLY A 1 103 ? 5.519   9.445   2.826   1.00 35.29  ? 103  GLY A O   1 
ATOM   681 N  N   . CYS A 1 104 ? 7.419   8.375   3.432   1.00 36.41  ? 104  CYS A N   1 
ATOM   682 C  CA  . CYS A 1 104 ? 6.865   7.024   3.300   1.00 33.53  ? 104  CYS A CA  1 
ATOM   683 C  C   . CYS A 1 104 ? 6.207   6.533   4.574   1.00 37.95  ? 104  CYS A C   1 
ATOM   684 O  O   . CYS A 1 104 ? 6.689   6.804   5.667   1.00 43.83  ? 104  CYS A O   1 
ATOM   685 C  CB  . CYS A 1 104 ? 7.960   6.034   2.885   1.00 33.54  ? 104  CYS A CB  1 
ATOM   686 S  SG  . CYS A 1 104 ? 8.639   6.342   1.221   1.00 53.51  ? 104  CYS A SG  1 
ATOM   687 N  N   . TRP A 1 105 ? 5.102   5.810   4.432   1.00 36.10  ? 105  TRP A N   1 
ATOM   688 C  CA  . TRP A 1 105 ? 4.405   5.246   5.586   1.00 34.51  ? 105  TRP A CA  1 
ATOM   689 C  C   . TRP A 1 105 ? 4.058   3.805   5.299   1.00 35.58  ? 105  TRP A C   1 
ATOM   690 O  O   . TRP A 1 105 ? 3.444   3.502   4.278   1.00 36.38  ? 105  TRP A O   1 
ATOM   691 C  CB  . TRP A 1 105 ? 3.153   6.052   5.900   1.00 41.05  ? 105  TRP A CB  1 
ATOM   692 C  CG  . TRP A 1 105 ? 3.464   7.445   6.306   1.00 49.76  ? 105  TRP A CG  1 
ATOM   693 C  CD1 . TRP A 1 105 ? 3.834   8.479   5.488   1.00 51.85  ? 105  TRP A CD1 1 
ATOM   694 C  CD2 . TRP A 1 105 ? 3.437   7.973   7.632   1.00 44.80  ? 105  TRP A CD2 1 
ATOM   695 N  NE1 . TRP A 1 105 ? 4.041   9.618   6.230   1.00 52.50  ? 105  TRP A NE1 1 
ATOM   696 C  CE2 . TRP A 1 105 ? 3.805   9.334   7.552   1.00 45.49  ? 105  TRP A CE2 1 
ATOM   697 C  CE3 . TRP A 1 105 ? 3.134   7.427   8.885   1.00 48.12  ? 105  TRP A CE3 1 
ATOM   698 C  CZ2 . TRP A 1 105 ? 3.886   10.159  8.678   1.00 43.68  ? 105  TRP A CZ2 1 
ATOM   699 C  CZ3 . TRP A 1 105 ? 3.215   8.246   10.003  1.00 49.06  ? 105  TRP A CZ3 1 
ATOM   700 C  CH2 . TRP A 1 105 ? 3.586   9.597   9.892   1.00 45.11  ? 105  TRP A CH2 1 
ATOM   701 N  N   . GLU A 1 106 ? 4.467   2.902   6.176   1.00 35.67  ? 106  GLU A N   1 
ATOM   702 C  CA  . GLU A 1 106 ? 4.244   1.503   5.885   1.00 36.24  ? 106  GLU A CA  1 
ATOM   703 C  C   . GLU A 1 106 ? 3.285   0.834   6.859   1.00 40.47  ? 106  GLU A C   1 
ATOM   704 O  O   . GLU A 1 106 ? 2.923   1.382   7.895   1.00 42.99  ? 106  GLU A O   1 
ATOM   705 C  CB  . GLU A 1 106 ? 5.571   0.750   5.845   1.00 41.16  ? 106  GLU A CB  1 
ATOM   706 C  CG  . GLU A 1 106 ? 6.368   0.788   7.116   1.00 52.23  ? 106  GLU A CG  1 
ATOM   707 C  CD  . GLU A 1 106 ? 7.759   0.213   6.935   1.00 61.13  ? 106  GLU A CD  1 
ATOM   708 O  OE1 . GLU A 1 106 ? 8.191   0.044   5.772   1.00 58.61  ? 106  GLU A OE1 1 
ATOM   709 O  OE2 . GLU A 1 106 ? 8.421   -0.070  7.957   1.00 70.51  ? 106  GLU A OE2 1 
ATOM   710 N  N   . ASN A 1 107 ? 2.853   -0.359  6.483   1.00 40.03  ? 107  ASN A N   1 
ATOM   711 C  CA  . ASN A 1 107 ? 1.942   -1.143  7.292   1.00 40.80  ? 107  ASN A CA  1 
ATOM   712 C  C   . ASN A 1 107 ? 2.194   -2.602  6.984   1.00 39.35  ? 107  ASN A C   1 
ATOM   713 O  O   . ASN A 1 107 ? 2.166   -3.009  5.825   1.00 38.42  ? 107  ASN A O   1 
ATOM   714 C  CB  . ASN A 1 107 ? 0.484   -0.766  7.015   1.00 39.85  ? 107  ASN A CB  1 
ATOM   715 C  CG  . ASN A 1 107 ? -0.487  -1.492  7.931   1.00 46.28  ? 107  ASN A CG  1 
ATOM   716 O  OD1 . ASN A 1 107 ? -0.075  -2.130  8.901   1.00 49.67  ? 107  ASN A OD1 1 
ATOM   717 N  ND2 . ASN A 1 107 ? -1.777  -1.398  7.633   1.00 41.85  ? 107  ASN A ND2 1 
ATOM   718 N  N   . TYR A 1 108 ? 2.472   -3.381  8.019   1.00 37.06  ? 108  TYR A N   1 
ATOM   719 C  CA  . TYR A 1 108 ? 2.778   -4.790  7.839   1.00 39.64  ? 108  TYR A CA  1 
ATOM   720 C  C   . TYR A 1 108 ? 1.609   -5.634  8.280   1.00 48.43  ? 108  TYR A C   1 
ATOM   721 O  O   . TYR A 1 108 ? 1.014   -5.377  9.327   1.00 49.76  ? 108  TYR A O   1 
ATOM   722 C  CB  . TYR A 1 108 ? 4.023   -5.194  8.627   1.00 35.51  ? 108  TYR A CB  1 
ATOM   723 C  CG  . TYR A 1 108 ? 4.418   -6.646  8.445   1.00 39.74  ? 108  TYR A CG  1 
ATOM   724 C  CD1 . TYR A 1 108 ? 4.966   -7.089  7.246   1.00 39.61  ? 108  TYR A CD1 1 
ATOM   725 C  CD2 . TYR A 1 108 ? 4.255   -7.572  9.472   1.00 44.08  ? 108  TYR A CD2 1 
ATOM   726 C  CE1 . TYR A 1 108 ? 5.341   -8.414  7.071   1.00 44.87  ? 108  TYR A CE1 1 
ATOM   727 C  CE2 . TYR A 1 108 ? 4.628   -8.898  9.307   1.00 43.21  ? 108  TYR A CE2 1 
ATOM   728 C  CZ  . TYR A 1 108 ? 5.169   -9.314  8.104   1.00 51.99  ? 108  TYR A CZ  1 
ATOM   729 O  OH  . TYR A 1 108 ? 5.541   -10.631 7.926   1.00 58.37  ? 108  TYR A OH  1 
ATOM   730 N  N   . MET A 1 109 ? 1.272   -6.633  7.473   1.00 43.12  ? 109  MET A N   1 
ATOM   731 C  CA  . MET A 1 109 ? 0.270   -7.605  7.874   1.00 47.85  ? 109  MET A CA  1 
ATOM   732 C  C   . MET A 1 109 ? 0.909   -8.981  7.924   1.00 45.65  ? 109  MET A C   1 
ATOM   733 O  O   . MET A 1 109 ? 1.478   -9.446  6.937   1.00 46.69  ? 109  MET A O   1 
ATOM   734 C  CB  . MET A 1 109 ? -0.916  -7.597  6.915   1.00 45.70  ? 109  MET A CB  1 
ATOM   735 C  CG  . MET A 1 109 ? -1.919  -8.698  7.177   1.00 38.89  ? 109  MET A CG  1 
ATOM   736 S  SD  . MET A 1 109 ? -3.155  -8.740  5.882   1.00 49.55  ? 109  MET A SD  1 
ATOM   737 C  CE  . MET A 1 109 ? -3.944  -7.165  6.196   1.00 43.30  ? 109  MET A CE  1 
ATOM   738 N  N   . GLU A 1 110 ? 0.836   -9.623  9.084   1.00 44.91  ? 110  GLU A N   1 
ATOM   739 C  CA  . GLU A 1 110 ? 1.339   -10.983 9.221   1.00 39.79  ? 110  GLU A CA  1 
ATOM   740 C  C   . GLU A 1 110 ? 0.330   -11.962 8.638   1.00 39.22  ? 110  GLU A C   1 
ATOM   741 O  O   . GLU A 1 110 ? -0.854  -11.891 8.952   1.00 42.44  ? 110  GLU A O   1 
ATOM   742 C  CB  . GLU A 1 110 ? 1.619   -11.303 10.689  1.00 43.83  ? 110  GLU A CB  1 
ATOM   743 C  CG  . GLU A 1 110 ? 2.429   -12.572 10.916  1.00 58.20  ? 110  GLU A CG  1 
ATOM   744 C  CD  . GLU A 1 110 ? 2.695   -12.846 12.395  1.00 72.36  ? 110  GLU A CD  1 
ATOM   745 O  OE1 . GLU A 1 110 ? 2.885   -11.879 13.165  1.00 73.88  ? 110  GLU A OE1 1 
ATOM   746 O  OE2 . GLU A 1 110 ? 2.716   -14.033 12.785  1.00 77.20  ? 110  GLU A OE2 1 
ATOM   747 N  N   . LEU A 1 111 ? 0.793   -12.870 7.784   1.00 36.57  ? 111  LEU A N   1 
ATOM   748 C  CA  . LEU A 1 111 ? -0.096  -13.868 7.199   1.00 40.16  ? 111  LEU A CA  1 
ATOM   749 C  C   . LEU A 1 111 ? -0.162  -15.113 8.079   1.00 51.49  ? 111  LEU A C   1 
ATOM   750 O  O   . LEU A 1 111 ? -1.149  -15.844 8.065   1.00 50.93  ? 111  LEU A O   1 
ATOM   751 C  CB  . LEU A 1 111 ? 0.368   -14.252 5.799   1.00 36.86  ? 111  LEU A CB  1 
ATOM   752 C  CG  . LEU A 1 111 ? 0.336   -13.144 4.748   1.00 39.18  ? 111  LEU A CG  1 
ATOM   753 C  CD1 . LEU A 1 111 ? 0.706   -13.701 3.384   1.00 39.75  ? 111  LEU A CD1 1 
ATOM   754 C  CD2 . LEU A 1 111 ? -1.041  -12.515 4.713   1.00 34.11  ? 111  LEU A CD2 1 
ATOM   755 O  OXT . LEU A 1 111 ? 0.777   -15.419 8.815   1.00 56.85  ? 111  LEU A OXT 1 
HETATM 756 FE FE  . FE  B 2 .   ? 0.762   13.982  3.357   1.00 37.83  ? 201  FE  A FE  1 
HETATM 757 O  O   . HOH C 3 .   ? -4.743  3.169   7.870   1.00 40.94  ? 2001 HOH A O   1 
HETATM 758 O  O   . HOH C 3 .   ? -8.402  -0.969  2.681   1.00 36.65  ? 2002 HOH A O   1 
HETATM 759 O  O   . HOH C 3 .   ? -4.834  -2.361  8.100   1.00 52.68  ? 2003 HOH A O   1 
HETATM 760 O  O   . HOH C 3 .   ? -7.902  -13.913 5.262   1.00 48.75  ? 2004 HOH A O   1 
HETATM 761 O  O   . HOH C 3 .   ? -9.875  -7.217  0.078   1.00 33.14  ? 2005 HOH A O   1 
HETATM 762 O  O   . HOH C 3 .   ? -8.144  -7.821  6.334   1.00 45.70  ? 2006 HOH A O   1 
HETATM 763 O  O   . HOH C 3 .   ? -9.756  -13.187 3.472   1.00 40.84  ? 2007 HOH A O   1 
HETATM 764 O  O   . HOH C 3 .   ? -10.625 -13.608 -3.811  1.00 41.93  ? 2008 HOH A O   1 
HETATM 765 O  O   . HOH C 3 .   ? -6.325  -14.938 2.718   1.00 46.14  ? 2009 HOH A O   1 
HETATM 766 O  O   . HOH C 3 .   ? -10.236 -4.362  -6.996  1.00 42.26  ? 2010 HOH A O   1 
HETATM 767 O  O   . HOH C 3 .   ? -9.530  0.733   -1.486  1.00 37.53  ? 2011 HOH A O   1 
HETATM 768 O  O   . HOH C 3 .   ? -3.217  11.677  -2.831  1.00 36.67  ? 2012 HOH A O   1 
HETATM 769 O  O   . HOH C 3 .   ? -7.782  16.622  -1.117  1.00 44.48  ? 2013 HOH A O   1 
HETATM 770 O  O   . HOH C 3 .   ? -8.063  17.223  -6.838  1.00 43.83  ? 2014 HOH A O   1 
HETATM 771 O  O   . HOH C 3 .   ? 2.072   17.860  -8.854  1.00 34.84  ? 2015 HOH A O   1 
HETATM 772 O  O   . HOH C 3 .   ? -0.313  23.249  -8.901  0.50 34.47  ? 2016 HOH A O   1 
HETATM 773 O  O   . HOH C 3 .   ? -4.532  17.792  -11.014 1.00 40.49  ? 2017 HOH A O   1 
HETATM 774 O  O   . HOH C 3 .   ? 4.830   17.055  -8.094  1.00 31.35  ? 2018 HOH A O   1 
HETATM 775 O  O   . HOH C 3 .   ? 6.983   13.128  -5.565  1.00 26.18  ? 2019 HOH A O   1 
HETATM 776 O  O   . HOH C 3 .   ? -1.095  11.212  -6.320  1.00 21.52  ? 2020 HOH A O   1 
HETATM 777 O  O   . HOH C 3 .   ? 5.256   3.943   -2.170  1.00 28.92  ? 2021 HOH A O   1 
HETATM 778 O  O   . HOH C 3 .   ? 7.116   6.347   -4.994  1.00 43.61  ? 2022 HOH A O   1 
HETATM 779 O  O   . HOH C 3 .   ? 8.426   2.948   -6.546  0.50 53.12  ? 2023 HOH A O   1 
HETATM 780 O  O   . HOH C 3 .   ? 7.859   4.105   -1.727  1.00 31.55  ? 2024 HOH A O   1 
HETATM 781 O  O   . HOH C 3 .   ? 13.907  -8.771  3.961   1.00 47.77  ? 2025 HOH A O   1 
HETATM 782 O  O   . HOH C 3 .   ? -4.649  -0.515  -7.891  0.50 15.00  ? 2026 HOH A O   1 
HETATM 783 O  O   . HOH C 3 .   ? -5.396  4.197   -7.510  1.00 22.02  ? 2027 HOH A O   1 
HETATM 784 O  O   . HOH C 3 .   ? -3.394  12.588  -5.564  1.00 30.18  ? 2028 HOH A O   1 
HETATM 785 O  O   . HOH C 3 .   ? -6.873  6.565   -7.435  1.00 16.92  ? 2029 HOH A O   1 
HETATM 786 O  O   . HOH C 3 .   ? -2.838  -17.312 -3.833  1.00 41.20  ? 2030 HOH A O   1 
HETATM 787 O  O   . HOH C 3 .   ? 3.185   -13.423 -5.847  1.00 27.92  ? 2031 HOH A O   1 
HETATM 788 O  O   . HOH C 3 .   ? 4.919   -16.093 -7.210  1.00 38.66  ? 2032 HOH A O   1 
HETATM 789 O  O   . HOH C 3 .   ? 8.640   12.969  0.930   1.00 30.56  ? 2033 HOH A O   1 
HETATM 790 O  O   . HOH C 3 .   ? 6.346   18.954  -4.276  1.00 37.25  ? 2034 HOH A O   1 
HETATM 791 O  O   . HOH C 3 .   ? 8.310   15.112  4.893   1.00 49.77  ? 2035 HOH A O   1 
HETATM 792 O  O   . HOH C 3 .   ? -3.714  -14.868 6.588   1.00 39.73  ? 2036 HOH A O   1 
# 
loop_
_atom_site_anisotrop.id 
_atom_site_anisotrop.type_symbol 
_atom_site_anisotrop.pdbx_label_atom_id 
_atom_site_anisotrop.pdbx_label_alt_id 
_atom_site_anisotrop.pdbx_label_comp_id 
_atom_site_anisotrop.pdbx_label_asym_id 
_atom_site_anisotrop.pdbx_label_seq_id 
_atom_site_anisotrop.pdbx_PDB_ins_code 
_atom_site_anisotrop.U[1][1] 
_atom_site_anisotrop.U[2][2] 
_atom_site_anisotrop.U[3][3] 
_atom_site_anisotrop.U[1][2] 
_atom_site_anisotrop.U[1][3] 
_atom_site_anisotrop.U[2][3] 
_atom_site_anisotrop.pdbx_auth_seq_id 
_atom_site_anisotrop.pdbx_auth_comp_id 
_atom_site_anisotrop.pdbx_auth_asym_id 
_atom_site_anisotrop.pdbx_auth_atom_id 
1   N N   . LYS A 16  ? 0.9342 0.8968 0.7603 -0.1339 0.2035  -0.1326 16  LYS A N   
2   C CA  . LYS A 16  ? 1.0166 0.9738 0.8529 -0.1333 0.2084  -0.1334 16  LYS A CA  
3   C C   . LYS A 16  ? 1.0626 1.0241 0.9083 -0.1314 0.2047  -0.1314 16  LYS A C   
4   O O   . LYS A 16  ? 1.1153 1.0753 0.9690 -0.1288 0.2072  -0.1304 16  LYS A O   
5   C CB  . LYS A 16  ? 1.0606 1.0113 0.8970 -0.1371 0.2121  -0.1378 16  LYS A CB  
6   C CG  . LYS A 16  ? 1.1810 1.1234 1.0208 -0.1365 0.2201  -0.1397 16  LYS A CG  
7   C CD  . LYS A 16  ? 1.2741 1.2098 1.1123 -0.1404 0.2236  -0.1445 16  LYS A CD  
8   C CE  . LYS A 16  ? 1.3311 1.2590 1.1734 -0.1393 0.2317  -0.1464 16  LYS A CE  
9   N NZ  . LYS A 16  ? 1.3541 1.2796 1.2105 -0.1384 0.2341  -0.1462 16  LYS A NZ  
10  N N   . GLU A 17  ? 1.0079 0.9747 0.8525 -0.1325 0.1993  -0.1312 17  GLU A N   
11  C CA  . GLU A 17  ? 0.9280 0.8997 0.7791 -0.1297 0.1955  -0.1291 17  GLU A CA  
12  C C   . GLU A 17  ? 0.8680 0.8477 0.7164 -0.1262 0.1903  -0.1257 17  GLU A C   
13  O O   . GLU A 17  ? 0.7774 0.7608 0.6180 -0.1271 0.1877  -0.1250 17  GLU A O   
14  C CB  . GLU A 17  ? 0.9133 0.8869 0.7645 -0.1322 0.1933  -0.1303 17  GLU A CB  
15  C CG  . GLU A 17  ? 0.9102 0.8888 0.7659 -0.1285 0.1896  -0.1280 17  GLU A CG  
16  C CD  . GLU A 17  ? 0.9269 0.9076 0.7815 -0.1310 0.1885  -0.1285 17  GLU A CD  
17  O OE1 . GLU A 17  ? 0.9032 0.8776 0.7600 -0.1345 0.1924  -0.1314 17  GLU A OE1 
18  O OE2 . GLU A 17  ? 0.8589 0.8477 0.7107 -0.1294 0.1840  -0.1260 17  GLU A OE2 
19  N N   . LYS A 18  ? 0.8440 0.8258 0.6985 -0.1221 0.1890  -0.1239 18  LYS A N   
20  C CA  . LYS A 18  ? 0.7586 0.7470 0.6108 -0.1187 0.1850  -0.1211 18  LYS A CA  
21  C C   . LYS A 18  ? 0.6528 0.6480 0.5065 -0.1150 0.1793  -0.1195 18  LYS A C   
22  O O   . LYS A 18  ? 0.5698 0.5635 0.4290 -0.1129 0.1798  -0.1201 18  LYS A O   
23  C CB  . LYS A 18  ? 0.8002 0.7852 0.6574 -0.1169 0.1890  -0.1207 18  LYS A CB  
24  C CG  . LYS A 18  ? 0.8750 0.8526 0.7314 -0.1194 0.1960  -0.1219 18  LYS A CG  
25  C CD  . LYS A 18  ? 0.8836 0.8623 0.7289 -0.1210 0.1953  -0.1211 18  LYS A CD  
26  C CE  . LYS A 18  ? 0.8768 0.8482 0.7200 -0.1222 0.2028  -0.1221 18  LYS A CE  
27  N NZ  . LYS A 18  ? 0.8816 0.8534 0.7124 -0.1228 0.2025  -0.1216 18  LYS A NZ  
28  N N   . HIS A 19  ? 0.6383 0.6409 0.4862 -0.1137 0.1742  -0.1174 19  HIS A N   
29  C CA  . HIS A 19  ? 0.5143 0.5243 0.3620 -0.1096 0.1688  -0.1155 19  HIS A CA  
30  C C   . HIS A 19  ? 0.5266 0.5413 0.3734 -0.1053 0.1656  -0.1139 19  HIS A C   
31  O O   . HIS A 19  ? 0.5635 0.5832 0.4109 -0.1004 0.1617  -0.1127 19  HIS A O   
32  C CB  . HIS A 19  ? 0.5073 0.5227 0.3497 -0.1116 0.1657  -0.1149 19  HIS A CB  
33  C CG  . HIS A 19  ? 0.5025 0.5149 0.3464 -0.1154 0.1685  -0.1166 19  HIS A CG  
34  N ND1 . HIS A 19  ? 0.5147 0.5215 0.3566 -0.1213 0.1722  -0.1193 19  HIS A ND1 
35  C CD2 . HIS A 19  ? 0.5555 0.5698 0.4013 -0.1142 0.1681  -0.1159 19  HIS A CD2 
36  C CE1 . HIS A 19  ? 0.5467 0.5518 0.3902 -0.1242 0.1741  -0.1207 19  HIS A CE1 
37  N NE2 . HIS A 19  ? 0.4393 0.4490 0.2851 -0.1200 0.1718  -0.1184 19  HIS A NE2 
38  N N   . VAL A 20  ? 0.5682 0.5811 0.4127 -0.1070 0.1672  -0.1137 20  VAL A N   
39  C CA  . VAL A 20  ? 0.5430 0.5610 0.3854 -0.1038 0.1639  -0.1122 20  VAL A CA  
40  C C   . VAL A 20  ? 0.5496 0.5669 0.3981 -0.1000 0.1644  -0.1129 20  VAL A C   
41  O O   . VAL A 20  ? 0.5426 0.5537 0.3972 -0.1013 0.1699  -0.1144 20  VAL A O   
42  C CB  . VAL A 20  ? 0.6094 0.6250 0.4470 -0.1064 0.1664  -0.1116 20  VAL A CB  
43  C CG1 . VAL A 20  ? 0.5149 0.5354 0.3501 -0.1036 0.1630  -0.1100 20  VAL A CG1 
44  C CG2 . VAL A 20  ? 0.6214 0.6374 0.4518 -0.1100 0.1654  -0.1118 20  VAL A CG2 
45  N N   . PRO A 21  ? 0.5546 0.5785 0.4018 -0.0950 0.1588  -0.1122 21  PRO A N   
46  C CA  . PRO A 21  ? 0.4883 0.5115 0.3405 -0.0908 0.1590  -0.1142 21  PRO A CA  
47  C C   . PRO A 21  ? 0.5254 0.5466 0.3801 -0.0920 0.1619  -0.1151 21  PRO A C   
48  O O   . PRO A 21  ? 0.5575 0.5837 0.4078 -0.0905 0.1583  -0.1142 21  PRO A O   
49  C CB  . PRO A 21  ? 0.5011 0.5320 0.3486 -0.0845 0.1516  -0.1132 21  PRO A CB  
50  C CG  . PRO A 21  ? 0.4831 0.5193 0.3240 -0.0863 0.1484  -0.1105 21  PRO A CG  
51  C CD  . PRO A 21  ? 0.5233 0.5549 0.3643 -0.0927 0.1527  -0.1102 21  PRO A CD  
52  N N   . GLU A 22  ? 0.5141 0.5280 0.3766 -0.0946 0.1693  -0.1169 22  GLU A N   
53  C CA  . GLU A 22  ? 0.4676 0.4793 0.3354 -0.0957 0.1740  -0.1180 22  GLU A CA  
54  C C   . GLU A 22  ? 0.4933 0.5090 0.3630 -0.0908 0.1699  -0.1210 22  GLU A C   
55  O O   . GLU A 22  ? 0.5403 0.5557 0.4124 -0.0864 0.1672  -0.1240 22  GLU A O   
56  C CB  . GLU A 22  ? 0.5514 0.5546 0.4301 -0.0985 0.1832  -0.1199 22  GLU A CB  
57  C CG  . GLU A 22  ? 0.6691 0.6695 0.5554 -0.1004 0.1905  -0.1201 22  GLU A CG  
58  C CD  . GLU A 22  ? 0.7171 0.7096 0.6188 -0.1018 0.2000  -0.1226 22  GLU A CD  
59  O OE1 . GLU A 22  ? 0.6419 0.6323 0.5521 -0.0991 0.1997  -0.1269 22  GLU A OE1 
60  O OE2 . GLU A 22  ? 0.7140 0.7020 0.6198 -0.1050 0.2078  -0.1202 22  GLU A OE2 
61  N N   . MET A 23  ? 0.4877 0.5065 0.3554 -0.0910 0.1694  -0.1206 23  MET A N   
62  C CA  . MET A 23  ? 0.4649 0.4868 0.3348 -0.0865 0.1660  -0.1249 23  MET A CA  
63  C C   . MET A 23  ? 0.5107 0.5283 0.3921 -0.0890 0.1745  -0.1279 23  MET A C   
64  O O   . MET A 23  ? 0.5358 0.5524 0.4170 -0.0938 0.1802  -0.1241 23  MET A O   
65  C CB  . MET A 23  ? 0.4750 0.5051 0.3338 -0.0840 0.1576  -0.1230 23  MET A CB  
66  C CG  . MET A 23  ? 0.5323 0.5679 0.3839 -0.0780 0.1485  -0.1223 23  MET A CG  
67  S SD  . MET A 23  ? 0.5941 0.6388 0.4349 -0.0754 0.1398  -0.1201 23  MET A SD  
68  C CE  . MET A 23  ? 0.4861 0.5300 0.3227 -0.0824 0.1434  -0.1145 23  MET A CE  
69  N N   . LYS A 24  ? 0.4610 0.4755 0.3535 -0.0852 0.1758  -0.1348 24  LYS A N   
70  C CA  . LYS A 24  ? 0.4166 0.4271 0.3281 -0.0847 0.1779  -0.1348 24  LYS A CA  
71  C C   . LYS A 24  ? 0.4692 0.4812 0.3875 -0.0755 0.1603  -0.1351 24  LYS A C   
72  O O   . LYS A 24  ? 0.5429 0.5540 0.4604 -0.0680 0.1508  -0.1390 24  LYS A O   
73  C CB  . LYS A 24  ? 0.4550 0.4564 0.3882 -0.0842 0.1826  -0.1349 24  LYS A CB  
74  C CG  . LYS A 24  ? 0.5255 0.5245 0.4530 -0.0927 0.2000  -0.1349 24  LYS A CG  
75  C CD  . LYS A 24  ? 0.5933 0.5863 0.5432 -0.0954 0.2086  -0.1305 24  LYS A CD  
76  C CE  . LYS A 24  ? 0.5889 0.5791 0.5315 -0.1016 0.2188  -0.1264 24  LYS A CE  
77  N NZ  . LYS A 24  ? 0.6900 0.6806 0.6322 -0.1053 0.2249  -0.1199 24  LYS A NZ  
78  N N   . LEU A 25  ? 0.4656 0.4793 0.3897 -0.0757 0.1562  -0.1309 25  LEU A N   
79  C CA  . LEU A 25  ? 0.4911 0.5068 0.4201 -0.0673 0.1393  -0.1313 25  LEU A CA  
80  C C   . LEU A 25  ? 0.4807 0.4893 0.4398 -0.0629 0.1313  -0.1283 25  LEU A C   
81  O O   . LEU A 25  ? 0.4890 0.4954 0.4612 -0.0683 0.1386  -0.1226 25  LEU A O   
82  C CB  . LEU A 25  ? 0.4405 0.4644 0.3528 -0.0702 0.1381  -0.1292 25  LEU A CB  
83  C CG  . LEU A 25  ? 0.4408 0.4681 0.3542 -0.0622 0.1213  -0.1296 25  LEU A CG  
84  C CD1 . LEU A 25  ? 0.4075 0.4381 0.3088 -0.0538 0.1116  -0.1356 25  LEU A CD1 
85  C CD2 . LEU A 25  ? 0.4608 0.4948 0.3593 -0.0674 0.1233  -0.1265 25  LEU A CD2 
86  N N   . SER A 26  ? 0.4186 0.4232 0.3887 -0.0529 0.1164  -0.1319 26  SER A N   
87  C CA  . SER A 26  ? 0.4469 0.4440 0.4470 -0.0473 0.1053  -0.1301 26  SER A CA  
88  C C   . SER A 26  ? 0.4057 0.4042 0.4045 -0.0370 0.0857  -0.1328 26  SER A C   
89  O O   . SER A 26  ? 0.4875 0.4834 0.4821 -0.0279 0.0750  -0.1385 26  SER A O   
90  C CB  . SER A 26  ? 0.4994 0.4875 0.5178 -0.0435 0.1042  -0.1329 26  SER A CB  
91  O OG  . SER A 26  ? 0.5042 0.4919 0.5151 -0.0511 0.1209  -0.1333 26  SER A OG  
92  N N   . GLY A 27  ? 0.3749 0.3784 0.4023 -0.0263 0.0955  0.0947  27  GLY A N   
93  C CA  . GLY A 27  ? 0.3746 0.3712 0.4015 -0.0169 0.0736  0.1117  27  GLY A CA  
94  C C   . GLY A 27  ? 0.3077 0.3039 0.3256 -0.0131 0.0640  0.1064  27  GLY A C   
95  O O   . GLY A 27  ? 0.3503 0.3562 0.3426 -0.0230 0.0652  0.1012  27  GLY A O   
96  N N   . ASN A 28  ? 0.3563 0.3421 0.3953 0.0010  0.0549  0.1070  28  ASN A N   
97  C CA  . ASN A 28  ? 0.4080 0.3941 0.4399 0.0048  0.0458  0.1019  28  ASN A CA  
98  C C   . ASN A 28  ? 0.3824 0.3645 0.4335 0.0087  0.0578  0.0843  28  ASN A C   
99  O O   . ASN A 28  ? 0.3524 0.3336 0.4029 0.0128  0.0518  0.0787  28  ASN A O   
100 C CB  . ASN A 28  ? 0.3695 0.3493 0.4072 0.0175  0.0237  0.1165  28  ASN A CB  
101 C CG  . ASN A 28  ? 0.4822 0.4510 0.5531 0.0318  0.0215  0.1181  28  ASN A CG  
102 O OD1 . ASN A 28  ? 0.5586 0.5228 0.6476 0.0323  0.0341  0.1159  28  ASN A OD1 
103 N ND2 . ASN A 28  ? 0.4703 0.4424 0.5391 0.0364  0.0053  0.1033  28  ASN A ND2 
104 N N   . HIS A 29  ? 0.3456 0.3253 0.4134 0.0068  0.0746  0.0757  29  HIS A N   
105 C CA  . HIS A 29  ? 0.3471 0.3226 0.4345 0.0095  0.0874  0.0584  29  HIS A CA  
106 C C   . HIS A 29  ? 0.3069 0.2923 0.3766 -0.0035 0.1013  0.0418  29  HIS A C   
107 O O   . HIS A 29  ? 0.3152 0.3100 0.3683 -0.0153 0.1107  0.0402  29  HIS A O   
108 C CB  . HIS A 29  ? 0.2490 0.2176 0.3637 0.0140  0.0991  0.0560  29  HIS A CB  
109 C CG  . HIS A 29  ? 0.2846 0.2466 0.4230 0.0190  0.1096  0.0402  29  HIS A CG  
110 N ND1 . HIS A 29  ? 0.3226 0.2741 0.4848 0.0327  0.1015  0.0420  29  HIS A ND1 
111 C CD2 . HIS A 29  ? 0.2946 0.2598 0.4367 0.0121  0.1272  0.0219  29  HIS A CD2 
112 C CE1 . HIS A 29  ? 0.3243 0.2720 0.5041 0.0338  0.1135  0.0263  29  HIS A CE1 
113 N NE2 . HIS A 29  ? 0.3294 0.2847 0.4977 0.0216  0.1291  0.0136  29  HIS A NE2 
114 N N   . VAL A 30  ? 0.3028 0.2862 0.3769 -0.0015 0.1028  0.0294  30  VAL A N   
115 C CA  . VAL A 30  ? 0.3075 0.3000 0.3654 -0.0131 0.1143  0.0130  30  VAL A CA  
116 C C   . VAL A 30  ? 0.3039 0.2905 0.3861 -0.0104 0.1280  -0.0050 30  VAL A C   
117 O O   . VAL A 30  ? 0.3101 0.2880 0.4103 -0.0007 0.1220  -0.0066 30  VAL A O   
118 C CB  . VAL A 30  ? 0.3406 0.3382 0.3762 -0.0155 0.1022  0.0139  30  VAL A CB  
119 C CG1 . VAL A 30  ? 0.2938 0.3007 0.3137 -0.0274 0.1146  -0.0039 30  VAL A CG1 
120 C CG2 . VAL A 30  ? 0.3730 0.3759 0.3848 -0.0178 0.0875  0.0316  30  VAL A CG2 
121 N N   . ASP A 31  ? 0.3004 0.2921 0.3842 -0.0188 0.1460  -0.0183 31  ASP A N   
122 C CA  . ASP A 31  ? 0.3002 0.2870 0.4059 -0.0173 0.1595  -0.0369 31  ASP A CA  
123 C C   . ASP A 31  ? 0.3841 0.3801 0.4725 -0.0278 0.1668  -0.0533 31  ASP A C   
124 O O   . ASP A 31  ? 0.3320 0.3406 0.3957 -0.0396 0.1722  -0.0558 31  ASP A O   
125 C CB  . ASP A 31  ? 0.3894 0.3757 0.5125 -0.0187 0.1753  -0.0430 31  ASP A CB  
126 C CG  . ASP A 31  ? 0.4485 0.4237 0.5953 -0.0069 0.1696  -0.0297 31  ASP A CG  
127 O OD1 . ASP A 31  ? 0.4858 0.4492 0.6569 0.0043  0.1652  -0.0307 31  ASP A OD1 
128 O OD2 . ASP A 31  ? 0.5401 0.5187 0.6809 -0.0089 0.1689  -0.0181 31  ASP A OD2 
129 N N   . ILE A 32  ? 0.3110 0.3009 0.4126 -0.0238 0.1669  -0.0646 32  ILE A N   
130 C CA  . ILE A 32  ? 0.2933 0.2905 0.3803 -0.0328 0.1725  -0.0805 32  ILE A CA  
131 C C   . ILE A 32  ? 0.3743 0.3664 0.4840 -0.0327 0.1863  -0.1007 32  ILE A C   
132 O O   . ILE A 32  ? 0.3702 0.3482 0.5038 -0.0235 0.1778  -0.0972 32  ILE A O   
133 C CB  . ILE A 32  ? 0.3246 0.3202 0.4009 -0.0296 0.1568  -0.0752 32  ILE A CB  
134 C CG1 . ILE A 32  ? 0.3075 0.3084 0.3605 -0.0298 0.1417  -0.0558 32  ILE A CG1 
135 C CG2 . ILE A 32  ? 0.3004 0.3030 0.3640 -0.0387 0.1628  -0.0924 32  ILE A CG2 
136 C CD1 . ILE A 32  ? 0.3212 0.3211 0.3647 -0.0258 0.1256  -0.0496 32  ILE A CD1 
137 N N   . ARG A 33  ? 0.3803 0.3815 0.4762 -0.0438 0.1949  -0.1153 33  ARG A N   
138 C CA  . ARG A 33  ? 0.3434 0.3382 0.4531 -0.0453 0.1956  -0.1293 33  ARG A CA  
139 C C   . ARG A 33  ? 0.4453 0.4513 0.5347 -0.0560 0.2002  -0.1434 33  ARG A C   
140 O O   . ARG A 33  ? 0.4084 0.4288 0.4717 -0.0650 0.2057  -0.1444 33  ARG A O   
141 C CB  . ARG A 33  ? 0.3381 0.3302 0.4618 -0.0465 0.2021  -0.1331 33  ARG A CB  
142 C CG  . ARG A 33  ? 0.4279 0.4339 0.5334 -0.0550 0.2129  -0.1349 33  ARG A CG  
143 C CD  . ARG A 33  ? 0.6082 0.6120 0.7280 -0.0569 0.2197  -0.1426 33  ARG A CD  
144 N NE  . ARG A 33  ? 0.7613 0.7681 0.8823 -0.0635 0.2240  -0.1597 33  ARG A NE  
145 C CZ  . ARG A 33  ? 0.8057 0.8058 0.9471 -0.0627 0.2254  -0.1673 33  ARG A CZ  
146 N NH1 . ARG A 33  ? 0.7973 0.7867 0.9581 -0.0561 0.2223  -0.1593 33  ARG A NH1 
147 N NH2 . ARG A 33  ? 0.7613 0.7659 0.9038 -0.0690 0.2293  -0.1823 33  ARG A NH2 
148 N N   . CYS A 34  ? 0.4695 0.4696 0.5706 -0.0555 0.1964  -0.1526 34  CYS A N   
149 C CA  . CYS A 34  ? 0.3582 0.3674 0.4443 -0.0649 0.1996  -0.1665 34  CYS A CA  
150 C C   . CYS A 34  ? 0.3699 0.3778 0.4716 -0.0689 0.2053  -0.1799 34  CYS A C   
151 O O   . CYS A 34  ? 0.3929 0.3904 0.5184 -0.0640 0.2005  -0.1803 34  CYS A O   
152 C CB  . CYS A 34  ? 0.3476 0.3530 0.4330 -0.0618 0.1902  -0.1661 34  CYS A CB  
153 S SG  . CYS A 34  ? 0.4352 0.4381 0.5123 -0.0534 0.1809  -0.1495 34  CYS A SG  
154 N N   . GLY A 35  ? 0.4068 0.4266 0.4951 -0.0780 0.2147  -0.1898 35  GLY A N   
155 C CA  . GLY A 35  ? 0.4691 0.5030 0.5288 -0.0848 0.2190  -0.1864 35  GLY A CA  
156 C C   . GLY A 35  ? 0.5715 0.6072 0.6354 -0.0845 0.2259  -0.1816 35  GLY A C   
157 O O   . GLY A 35  ? 0.5696 0.5936 0.6577 -0.0771 0.2251  -0.1784 35  GLY A O   
158 N N   . ALA A 36  ? 0.5488 0.5996 0.5887 -0.0929 0.2315  -0.1806 36  ALA A N   
159 C CA  . ALA A 36  ? 0.6356 0.6901 0.6759 -0.0930 0.2371  -0.1731 36  ALA A CA  
160 C C   . ALA A 36  ? 0.6415 0.6931 0.7023 -0.0929 0.2443  -0.1837 36  ALA A C   
161 O O   . ALA A 36  ? 0.7623 0.8062 0.8397 -0.0869 0.2453  -0.1773 36  ALA A O   
162 C CB  . ALA A 36  ? 0.6080 0.6807 0.6165 -0.1033 0.2402  -0.1685 36  ALA A CB  
163 N N   . THR A 37  ? 0.5961 0.6540 0.6558 -0.0994 0.2487  -0.1997 37  THR A N   
164 C CA  . THR A 37  ? 0.7766 0.8346 0.8530 -0.1009 0.2560  -0.2111 37  THR A CA  
165 C C   . THR A 37  ? 0.8060 0.8507 0.9086 -0.0963 0.2524  -0.2195 37  THR A C   
166 O O   . THR A 37  ? 0.7983 0.8343 0.9236 -0.0920 0.2534  -0.2204 37  THR A O   
167 C CB  . THR A 37  ? 0.8920 0.9687 0.9500 -0.1123 0.2642  -0.2231 37  THR A CB  
168 O OG1 . THR A 37  ? 0.8389 0.9289 0.8707 -0.1175 0.2658  -0.2129 37  THR A OG1 
169 C CG2 . THR A 37  ? 0.9352 1.0138 1.0097 -0.1138 0.2723  -0.2343 37  THR A CG2 
170 N N   . VAL A 38  ? 0.7189 0.7628 0.8182 -0.0976 0.2477  -0.2246 38  VAL A N   
171 C CA  . VAL A 38  ? 0.6433 0.6760 0.7667 -0.0937 0.2431  -0.2302 38  VAL A CA  
172 C C   . VAL A 38  ? 0.5508 0.5708 0.6814 -0.0855 0.2320  -0.2182 38  VAL A C   
173 O O   . VAL A 38  ? 0.5177 0.5409 0.6304 -0.0860 0.2278  -0.2135 38  VAL A O   
174 C CB  . VAL A 38  ? 0.6386 0.6800 0.7572 -0.1012 0.2455  -0.2458 38  VAL A CB  
175 C CG1 . VAL A 38  ? 0.5445 0.5765 0.6910 -0.0980 0.2427  -0.2519 38  VAL A CG1 
176 C CG2 . VAL A 38  ? 0.7495 0.8070 0.8546 -0.1102 0.2557  -0.2569 38  VAL A CG2 
177 N N   . MET A 39  ? 0.4033 0.4102 0.5593 -0.0782 0.2267  -0.2123 39  MET A N   
178 C CA  . MET A 39  ? 0.4532 0.4494 0.6174 -0.0703 0.2154  -0.2003 39  MET A CA  
179 C C   . MET A 39  ? 0.4791 0.4759 0.6469 -0.0724 0.2112  -0.2075 39  MET A C   
180 O O   . MET A 39  ? 0.4186 0.4162 0.6010 -0.0751 0.2136  -0.2171 39  MET A O   
181 C CB  . MET A 39  ? 0.4344 0.4190 0.6229 -0.0628 0.2097  -0.1898 39  MET A CB  
182 C CG  . MET A 39  ? 0.3663 0.3422 0.5613 -0.0545 0.1971  -0.1749 39  MET A CG  
183 S SD  . MET A 39  ? 0.4597 0.4340 0.6386 -0.0487 0.1935  -0.1602 39  MET A SD  
184 C CE  . MET A 39  ? 0.3440 0.3153 0.5314 -0.0469 0.1983  -0.1545 39  MET A CE  
185 N N   . HIS A 40  ? 0.4417 0.4386 0.5963 -0.0709 0.2051  -0.2028 40  HIS A N   
186 C CA  . HIS A 40  ? 0.4978 0.4951 0.6551 -0.0722 0.2002  -0.2082 40  HIS A CA  
187 C C   . HIS A 40  ? 0.4435 0.4320 0.6285 -0.0665 0.1934  -0.2033 40  HIS A C   
188 O O   . HIS A 40  ? 0.4162 0.3974 0.6141 -0.0599 0.1885  -0.1910 40  HIS A O   
189 C CB  . HIS A 40  ? 0.4610 0.4587 0.6001 -0.0701 0.1933  -0.2011 40  HIS A CB  
190 C CG  . HIS A 40  ? 0.4553 0.4536 0.5951 -0.0714 0.1877  -0.2059 40  HIS A CG  
191 N ND1 . HIS A 40  ? 0.3908 0.3809 0.5505 -0.0649 0.1788  -0.1990 40  HIS A ND1 
192 C CD2 . HIS A 40  ? 0.4025 0.4097 0.5242 -0.0787 0.1893  -0.2160 40  HIS A CD2 
193 C CE1 . HIS A 40  ? 0.4713 0.4646 0.6263 -0.0679 0.1757  -0.2052 40  HIS A CE1 
194 N NE2 . HIS A 40  ? 0.4096 0.4126 0.5417 -0.0762 0.1819  -0.2156 40  HIS A NE2 
195 N N   . PRO A 41  ? 0.3869 0.3778 0.5807 -0.0696 0.1929  -0.2124 41  PRO A N   
196 C CA  . PRO A 41  ? 0.4653 0.4505 0.6835 -0.0647 0.1860  -0.2065 41  PRO A CA  
197 C C   . PRO A 41  ? 0.3998 0.3784 0.6219 -0.0562 0.1739  -0.1892 41  PRO A C   
198 O O   . PRO A 41  ? 0.3420 0.3200 0.5487 -0.0540 0.1696  -0.1835 41  PRO A O   
199 C CB  . PRO A 41  ? 0.4645 0.4547 0.6850 -0.0696 0.1873  -0.2191 41  PRO A CB  
200 C CG  . PRO A 41  ? 0.3833 0.3822 0.5887 -0.0782 0.1980  -0.2345 41  PRO A CG  
201 C CD  . PRO A 41  ? 0.3844 0.3848 0.5672 -0.0784 0.1998  -0.2290 41  PRO A CD  
202 N N   . ALA A 42  ? 0.3868 0.3621 0.6292 -0.0515 0.1683  -0.1808 42  ALA A N   
203 C CA  . ALA A 42  ? 0.4097 0.3812 0.6575 -0.0438 0.1561  -0.1637 42  ALA A CA  
204 C C   . ALA A 42  ? 0.4588 0.4317 0.7249 -0.0424 0.1511  -0.1620 42  ALA A C   
205 O O   . ALA A 42  ? 0.3534 0.3262 0.6341 -0.0408 0.1501  -0.1575 42  ALA A O   
206 C CB  . ALA A 42  ? 0.4106 0.3785 0.6600 -0.0393 0.1537  -0.1512 42  ALA A CB  
207 N N   . THR A 43  ? 0.4066 0.3814 0.6714 -0.0433 0.1482  -0.1663 43  THR A N   
208 C CA  . THR A 43  ? 0.3494 0.3262 0.6305 -0.0420 0.1435  -0.1654 43  THR A CA  
209 C C   . THR A 43  ? 0.3996 0.3762 0.6757 -0.0381 0.1337  -0.1574 43  THR A C   
210 O O   . THR A 43  ? 0.4181 0.3934 0.6781 -0.0374 0.1315  -0.1555 43  THR A O   
211 C CB  . THR A 43  ? 0.3964 0.3765 0.6845 -0.0483 0.1518  -0.1828 43  THR A CB  
212 O OG1 . THR A 43  ? 0.3921 0.3738 0.6658 -0.0520 0.1535  -0.1919 43  THR A OG1 
213 C CG2 . THR A 43  ? 0.4333 0.4144 0.7234 -0.0530 0.1625  -0.1930 43  THR A CG2 
214 N N   . GLU A 44  ? 0.3815 0.3603 0.6724 -0.0362 0.1282  -0.1537 44  GLU A N   
215 C CA  . GLU A 44  ? 0.3575 0.3373 0.6465 -0.0329 0.1191  -0.1465 44  GLU A CA  
216 C C   . GLU A 44  ? 0.4295 0.4088 0.7063 -0.0361 0.1209  -0.1572 44  GLU A C   
217 O O   . GLU A 44  ? 0.4959 0.4750 0.7640 -0.0336 0.1137  -0.1519 44  GLU A O   
218 C CB  . GLU A 44  ? 0.3640 0.3497 0.6810 -0.0327 0.1169  -0.1439 44  GLU A CB  
219 C CG  . GLU A 44  ? 0.3640 0.3535 0.6996 -0.0318 0.1164  -0.1347 44  GLU A CG  
220 C CD  . GLU A 44  ? 0.3718 0.3686 0.7339 -0.0315 0.1131  -0.1312 44  GLU A CD  
221 O OE1 . GLU A 44  ? 0.4442 0.4423 0.8153 -0.0329 0.1144  -0.1392 44  GLU A OE1 
222 O OE2 . GLU A 44  ? 0.3596 0.3609 0.7336 -0.0302 0.1090  -0.1204 44  GLU A OE2 
223 N N   . LYS A 45  ? 0.3272 0.3077 0.6043 -0.0425 0.1306  -0.1732 45  LYS A N   
224 C CA  . LYS A 45  ? 0.4030 0.3852 0.6693 -0.0475 0.1332  -0.1853 45  LYS A CA  
225 C C   . LYS A 45  ? 0.4629 0.4462 0.7085 -0.0529 0.1405  -0.1945 45  LYS A C   
226 O O   . LYS A 45  ? 0.3117 0.2975 0.5422 -0.0574 0.1415  -0.2028 45  LYS A O   
227 C CB  . LYS A 45  ? 0.4710 0.4555 0.7508 -0.0514 0.1377  -0.1976 45  LYS A CB  
228 C CG  . LYS A 45  ? 0.3645 0.3489 0.6621 -0.0467 0.1300  -0.1900 45  LYS A CG  
229 C CD  . LYS A 45  ? 0.4254 0.4114 0.7370 -0.0505 0.1348  -0.2029 45  LYS A CD  
230 C CE  . LYS A 45  ? 0.4970 0.4829 0.8269 -0.0458 0.1278  -0.1947 45  LYS A CE  
231 N NZ  . LYS A 45  ? 0.5206 0.5055 0.8449 -0.0421 0.1182  -0.1853 45  LYS A NZ  
232 N N   . HIS A 46  ? 0.3800 0.3625 0.6234 -0.0529 0.1455  -0.1926 46  HIS A N   
233 C CA  . HIS A 46  ? 0.3419 0.3264 0.5642 -0.0577 0.1523  -0.1997 46  HIS A CA  
234 C C   . HIS A 46  ? 0.3364 0.3173 0.5548 -0.0532 0.1512  -0.1881 46  HIS A C   
235 O O   . HIS A 46  ? 0.3743 0.3535 0.6052 -0.0515 0.1538  -0.1848 46  HIS A O   
236 C CB  . HIS A 46  ? 0.3969 0.3866 0.6186 -0.0658 0.1638  -0.2164 46  HIS A CB  
237 C CG  . HIS A 46  ? 0.4505 0.4453 0.6474 -0.0719 0.1707  -0.2243 46  HIS A CG  
238 N ND1 . HIS A 46  ? 0.3745 0.3749 0.5678 -0.0784 0.1811  -0.2362 46  HIS A ND1 
239 C CD2 . HIS A 46  ? 0.4191 0.4157 0.5923 -0.0729 0.1683  -0.2215 46  HIS A CD2 
240 C CE1 . HIS A 46  ? 0.4224 0.4287 0.5902 -0.0833 0.1848  -0.2399 46  HIS A CE1 
241 N NE2 . HIS A 46  ? 0.3790 0.3831 0.5337 -0.0801 0.1772  -0.2310 46  HIS A NE2 
242 N N   . TYR A 47  ? 0.3207 0.3005 0.5215 -0.0510 0.1471  -0.1821 47  TYR A N   
243 C CA  . TYR A 47  ? 0.3345 0.3103 0.5330 -0.0451 0.1439  -0.1692 47  TYR A CA  
244 C C   . TYR A 47  ? 0.3779 0.3550 0.5519 -0.0457 0.1440  -0.1688 47  TYR A C   
245 O O   . TYR A 47  ? 0.3523 0.3328 0.5117 -0.0488 0.1421  -0.1743 47  TYR A O   
246 C CB  . TYR A 47  ? 0.3026 0.2749 0.5154 -0.0366 0.1318  -0.1528 47  TYR A CB  
247 C CG  . TYR A 47  ? 0.2811 0.2539 0.4904 -0.0342 0.1227  -0.1496 47  TYR A CG  
248 C CD1 . TYR A 47  ? 0.2634 0.2350 0.4586 -0.0303 0.1160  -0.1423 47  TYR A CD1 
249 C CD2 . TYR A 47  ? 0.2629 0.2376 0.4837 -0.0357 0.1208  -0.1538 47  TYR A CD2 
250 C CE1 . TYR A 47  ? 0.2911 0.2634 0.4833 -0.0282 0.1074  -0.1395 47  TYR A CE1 
251 C CE2 . TYR A 47  ? 0.3123 0.2876 0.5301 -0.0336 0.1124  -0.1506 47  TYR A CE2 
252 C CZ  . TYR A 47  ? 0.3107 0.2849 0.5140 -0.0300 0.1057  -0.1436 47  TYR A CZ  
253 O OH  . TYR A 47  ? 0.3080 0.2829 0.5079 -0.0281 0.0970  -0.1405 47  TYR A OH  
254 N N   . ILE A 48  ? 0.3226 0.2979 0.4913 -0.0432 0.1464  -0.1627 48  ILE A N   
255 C CA  . ILE A 48  ? 0.2836 0.2598 0.4325 -0.0408 0.1437  -0.1574 48  ILE A CA  
256 C C   . ILE A 48  ? 0.3159 0.2858 0.4766 -0.0302 0.1312  -0.1399 48  ILE A C   
257 O O   . ILE A 48  ? 0.3350 0.3011 0.5100 -0.0252 0.1285  -0.1296 48  ILE A O   
258 C CB  . ILE A 48  ? 0.3065 0.2861 0.4413 -0.0439 0.1532  -0.1595 48  ILE A CB  
259 C CG1 . ILE A 48  ? 0.3900 0.3802 0.5046 -0.0554 0.1631  -0.1754 48  ILE A CG1 
260 C CG2 . ILE A 48  ? 0.2904 0.2703 0.4110 -0.0384 0.1489  -0.1488 48  ILE A CG2 
261 C CD1 . ILE A 48  ? 0.4142 0.4105 0.5166 -0.0603 0.1735  -0.1780 48  ILE A CD1 
262 N N   . GLY A 49  ? 0.2926 0.2629 0.4466 -0.0274 0.1225  -0.1367 49  GLY A N   
263 C CA  . GLY A 49  ? 0.2320 0.1986 0.3967 -0.0180 0.1089  -0.1206 49  GLY A CA  
264 C C   . GLY A 49  ? 0.3031 0.2681 0.4597 -0.0110 0.1039  -0.1092 49  GLY A C   
265 O O   . GLY A 49  ? 0.2660 0.2288 0.4323 -0.0036 0.0938  -0.0935 49  GLY A O   
266 N N   . THR A 50  ? 0.2820 0.2502 0.4181 -0.0141 0.1105  -0.1166 50  THR A N   
267 C CA  . THR A 50  ? 0.2189 0.1864 0.3480 -0.0069 0.1068  -0.1059 50  THR A CA  
268 C C   . THR A 50  ? 0.3143 0.2898 0.4215 -0.0143 0.1146  -0.1068 50  THR A C   
269 O O   . THR A 50  ? 0.3164 0.2994 0.4061 -0.0252 0.1229  -0.1189 50  THR A O   
270 C CB  . THR A 50  ? 0.2654 0.2387 0.3778 -0.0045 0.0901  -0.0950 50  THR A CB  
271 O OG1 . THR A 50  ? 0.2699 0.2532 0.3553 -0.0157 0.0910  -0.1033 50  THR A OG1 
272 C CG2 . THR A 50  ? 0.2709 0.2376 0.4054 0.0040  0.0812  -0.0919 50  THR A CG2 
273 N N   . ILE A 51  ? 0.2750 0.2494 0.3829 -0.0086 0.1106  -0.0925 51  ILE A N   
274 C CA  . ILE A 51  ? 0.2605 0.2432 0.3454 -0.0151 0.1137  -0.0878 51  ILE A CA  
275 C C   . ILE A 51  ? 0.3166 0.3014 0.3900 -0.0087 0.0964  -0.0678 51  ILE A C   
276 O O   . ILE A 51  ? 0.2647 0.2419 0.3568 0.0023  0.0895  -0.0565 51  ILE A O   
277 C CB  . ILE A 51  ? 0.2978 0.2767 0.3975 -0.0147 0.1270  -0.0907 51  ILE A CB  
278 C CG1 . ILE A 51  ? 0.3338 0.3119 0.4441 -0.0213 0.1443  -0.1121 51  ILE A CG1 
279 C CG2 . ILE A 51  ? 0.2745 0.2621 0.3512 -0.0202 0.1275  -0.0818 51  ILE A CG2 
280 C CD1 . ILE A 51  ? 0.3429 0.3158 0.4709 -0.0201 0.1513  -0.1114 51  ILE A CD1 
281 N N   . ARG A 52  ? 0.2796 0.2746 0.3233 -0.0152 0.0888  -0.0638 52  ARG A N   
282 C CA  . ARG A 52  ? 0.2640 0.2618 0.2950 -0.0097 0.0717  -0.0455 52  ARG A CA  
283 C C   . ARG A 52  ? 0.3567 0.3614 0.3661 -0.0157 0.0726  -0.0377 52  ARG A C   
284 O O   . ARG A 52  ? 0.2944 0.3063 0.2869 -0.0272 0.0835  -0.0473 52  ARG A O   
285 C CB  . ARG A 52  ? 0.2989 0.3031 0.3128 -0.0114 0.0594  -0.0447 52  ARG A CB  
286 C CG  . ARG A 52  ? 0.4283 0.4263 0.4632 -0.0044 0.0553  -0.0486 52  ARG A CG  
287 C CD  . ARG A 52  ? 0.5253 0.5303 0.5440 -0.0112 0.0517  -0.0568 52  ARG A CD  
288 N NE  . ARG A 52  ? 0.5880 0.5988 0.5922 -0.0071 0.0338  -0.0442 52  ARG A NE  
289 C CZ  . ARG A 52  ? 0.7884 0.8082 0.7697 -0.0140 0.0282  -0.0476 52  ARG A CZ  
290 N NH1 . ARG A 52  ? 0.8943 0.9178 0.8647 -0.0251 0.0396  -0.0628 52  ARG A NH1 
291 N NH2 . ARG A 52  ? 0.6873 0.7128 0.6564 -0.0097 0.0115  -0.0361 52  ARG A NH2 
292 N N   . LEU A 53  ? 0.3692 0.3718 0.3792 -0.0082 0.0609  -0.0204 53  LEU A N   
293 C CA  . LEU A 53  ? 0.3302 0.3390 0.3195 -0.0133 0.0587  -0.0102 53  LEU A CA  
294 C C   . LEU A 53  ? 0.3881 0.4019 0.3577 -0.0106 0.0395  0.0039  53  LEU A C   
295 O O   . LEU A 53  ? 0.3217 0.3308 0.3036 0.0005  0.0260  0.0134  53  LEU A O   
296 C CB  . LEU A 53  ? 0.3180 0.3198 0.3256 -0.0072 0.0622  -0.0017 53  LEU A CB  
297 C CG  . LEU A 53  ? 0.3170 0.3250 0.3045 -0.0138 0.0617  0.0086  53  LEU A CG  
298 C CD1 . LEU A 53  ? 0.3226 0.3402 0.2910 -0.0285 0.0769  -0.0040 53  LEU A CD1 
299 C CD2 . LEU A 53  ? 0.3082 0.3087 0.3154 -0.0067 0.0632  0.0184  53  LEU A CD2 
300 N N   . PHE A 54  ? 0.4046 0.4286 0.3441 -0.0211 0.0382  0.0048  54  PHE A N   
301 C CA  . PHE A 54  ? 0.4738 0.5035 0.3919 -0.0201 0.0204  0.0178  54  PHE A CA  
302 C C   . PHE A 54  ? 0.4836 0.5166 0.3865 -0.0238 0.0171  0.0308  54  PHE A C   
303 O O   . PHE A 54  ? 0.4908 0.5277 0.3858 -0.0334 0.0304  0.0260  54  PHE A O   
304 C CB  . PHE A 54  ? 0.3547 0.3941 0.2478 -0.0294 0.0191  0.0091  54  PHE A CB  
305 C CG  . PHE A 54  ? 0.3844 0.4216 0.2897 -0.0267 0.0205  -0.0028 54  PHE A CG  
306 C CD1 . PHE A 54  ? 0.3990 0.4345 0.3143 -0.0323 0.0372  -0.0202 54  PHE A CD1 
307 C CD2 . PHE A 54  ? 0.3993 0.4367 0.3057 -0.0191 0.0047  0.0031  54  PHE A CD2 
308 C CE1 . PHE A 54  ? 0.4028 0.4358 0.3301 -0.0301 0.0378  -0.0306 54  PHE A CE1 
309 C CE2 . PHE A 54  ? 0.4237 0.4596 0.3415 -0.0172 0.0057  -0.0071 54  PHE A CE2 
310 C CZ  . PHE A 54  ? 0.4476 0.4807 0.3760 -0.0228 0.0221  -0.0237 54  PHE A CZ  
311 N N   . GLY A 55  ? 0.3491 0.3811 0.2483 -0.0164 -0.0007 0.0470  55  GLY A N   
312 C CA  . GLY A 55  ? 0.4759 0.5127 0.3549 -0.0213 -0.0072 0.0601  55  GLY A CA  
313 C C   . GLY A 55  ? 0.4804 0.5267 0.3296 -0.0267 -0.0200 0.0644  55  GLY A C   
314 O O   . GLY A 55  ? 0.5534 0.5998 0.4026 -0.0199 -0.0335 0.0668  55  GLY A O   
315 N N   . ILE A 56  ? 0.4319 0.4868 0.2553 -0.0392 -0.0158 0.0653  56  ILE A N   
316 C CA  . ILE A 56  ? 0.5397 0.6008 0.3390 -0.0428 -0.0277 0.0690  56  ILE A CA  
317 C C   . ILE A 56  ? 0.6272 0.6778 0.4379 -0.0326 -0.0394 0.0795  56  ILE A C   
318 O O   . ILE A 56  ? 0.5760 0.6273 0.3832 -0.0372 -0.0359 0.0871  56  ILE A O   
319 C CB  . ILE A 56  ? 0.5620 0.6331 0.3379 -0.0575 -0.0164 0.0601  56  ILE A CB  
320 C CG1 . ILE A 56  ? 0.6000 0.6757 0.3764 -0.0654 0.0019  0.0424  56  ILE A CG1 
321 C CG2 . ILE A 56  ? 0.6022 0.6720 0.3725 -0.0544 -0.0259 0.0568  56  ILE A CG2 
322 C CD1 . ILE A 56  ? 0.6199 0.6925 0.4069 -0.0592 -0.0014 0.0330  56  ILE A CD1 
323 N N   . THR A 57  ? 0.4530 0.6323 0.6687 0.1052  0.0647  0.3369  57  THR A N   
324 C CA  . THR A 57  ? 0.4888 0.6608 0.6989 0.1071  0.0667  0.3373  57  THR A CA  
325 C C   . THR A 57  ? 0.5540 0.7201 0.7577 0.1097  0.0673  0.3376  57  THR A C   
326 O O   . THR A 57  ? 0.6350 0.8040 0.8391 0.1114  0.0660  0.3377  57  THR A O   
327 C CB  . THR A 57  ? 0.4536 0.6279 0.6649 0.1091  0.0669  0.3375  57  THR A CB  
328 O OG1 . THR A 57  ? 0.4764 0.6540 0.6879 0.1119  0.0657  0.3376  57  THR A OG1 
329 C CG2 . THR A 57  ? 0.4329 0.6137 0.6507 0.1066  0.0661  0.3372  57  THR A CG2 
330 N N   . LYS A 58  ? 0.5722 0.7300 0.7701 0.1100  0.0694  0.3379  58  LYS A N   
331 C CA  . LYS A 58  ? 0.6264 0.7780 0.8178 0.1128  0.0703  0.3383  58  LYS A CA  
332 C C   . LYS A 58  ? 0.7394 0.8917 0.9295 0.1164  0.0704  0.3388  58  LYS A C   
333 O O   . LYS A 58  ? 0.7120 0.8660 0.9014 0.1187  0.0693  0.3389  58  LYS A O   
334 C CB  . LYS A 58  ? 0.5580 0.7006 0.7436 0.1120  0.0727  0.3385  58  LYS A CB  
335 C CG  . LYS A 58  ? 0.5668 0.7075 0.7524 0.1088  0.0727  0.3380  58  LYS A CG  
336 C CD  . LYS A 58  ? 0.5859 0.7191 0.7674 0.1071  0.0750  0.3379  58  LYS A CD  
337 C CE  . LYS A 58  ? 0.6038 0.7330 0.7829 0.1050  0.0755  0.3377  58  LYS A CE  
338 N NZ  . LYS A 58  ? 0.6293 0.7530 0.8063 0.1022  0.0772  0.3374  58  LYS A NZ  
339 N N   . GLU A 59  ? 0.8227 0.9737 1.0127 0.1168  0.0716  0.3389  59  GLU A N   
340 C CA  . GLU A 59  ? 0.8402 0.9919 1.0293 0.1202  0.0719  0.3393  59  GLU A CA  
341 C C   . GLU A 59  ? 0.6877 0.8488 0.8833 0.1204  0.0697  0.3391  59  GLU A C   
342 O O   . GLU A 59  ? 0.7422 0.9075 0.9421 0.1193  0.0695  0.3389  59  GLU A O   
343 C CB  . GLU A 59  ? 0.9450 1.0923 1.1319 0.1203  0.0740  0.3395  59  GLU A CB  
344 C CG  . GLU A 59  ? 1.0342 1.1813 1.2196 0.1239  0.0747  0.3400  59  GLU A CG  
345 C CD  . GLU A 59  ? 1.1038 1.2462 1.2869 0.1237  0.0768  0.3403  59  GLU A CD  
346 O OE1 . GLU A 59  ? 1.0513 1.1966 1.2382 0.1212  0.0766  0.3400  59  GLU A OE1 
347 O OE2 . GLU A 59  ? 1.1493 1.2850 1.3266 0.1263  0.0788  0.3408  59  GLU A OE2 
348 N N   . GLY A 60  ? 0.5818 0.7462 0.7781 0.1217  0.0680  0.3391  60  GLY A N   
349 C CA  . GLY A 60  ? 0.5721 0.7450 0.7739 0.1222  0.0660  0.3389  60  GLY A CA  
350 C C   . GLY A 60  ? 0.5468 0.7257 0.7529 0.1202  0.0637  0.3384  60  GLY A C   
351 O O   . GLY A 60  ? 0.5433 0.7289 0.7533 0.1207  0.0621  0.3381  60  GLY A O   
352 N N   . ASN A 61  ? 0.5461 0.7229 0.7516 0.1178  0.0638  0.3382  61  ASN A N   
353 C CA  . ASN A 61  ? 0.5776 0.7596 0.7871 0.1156  0.0618  0.3377  61  ASN A CA  
354 C C   . ASN A 61  ? 0.5404 0.7309 0.7572 0.1137  0.0603  0.3371  61  ASN A C   
355 O O   . ASN A 61  ? 0.5908 0.7871 0.8110 0.1133  0.0584  0.3368  61  ASN A O   
356 C CB  . ASN A 61  ? 0.5983 0.7813 0.8061 0.1176  0.0604  0.3378  61  ASN A CB  
357 C CG  . ASN A 61  ? 0.6778 0.8642 0.8881 0.1154  0.0587  0.3375  61  ASN A CG  
358 O OD1 . ASN A 61  ? 0.6828 0.8668 0.8928 0.1131  0.0593  0.3373  61  ASN A OD1 
359 N ND2 . ASN A 61  ? 0.6852 0.8776 0.8985 0.1158  0.0566  0.3373  61  ASN A ND2 
360 N N   . VAL A 62  ? 0.4650 0.6557 0.6837 0.1126  0.0614  0.3371  62  VAL A N   
361 C CA  . VAL A 62  ? 0.4488 0.6471 0.6742 0.1108  0.0602  0.3365  62  VAL A CA  
362 C C   . VAL A 62  ? 0.4600 0.6608 0.6893 0.1072  0.0596  0.3361  62  VAL A C   
363 O O   . VAL A 62  ? 0.4015 0.5972 0.6283 0.1057  0.0609  0.3363  62  VAL A O   
364 C CB  . VAL A 62  ? 0.3932 0.5912 0.6193 0.1114  0.0615  0.3367  62  VAL A CB  
365 C CG1 . VAL A 62  ? 0.3851 0.5909 0.6181 0.1095  0.0603  0.3362  62  VAL A CG1 
366 C CG2 . VAL A 62  ? 0.3840 0.5795 0.6062 0.1153  0.0621  0.3372  62  VAL A CG2 
367 N N   . THR A 63  ? 0.4327 0.4923 0.3967 -0.0165 0.0688  0.1034  63  THR A N   
368 C CA  . THR A 63  ? 0.4791 0.5434 0.4499 -0.0196 0.0721  0.1000  63  THR A CA  
369 C C   . THR A 63  ? 0.4628 0.5202 0.4396 -0.0137 0.0705  0.1015  63  THR A C   
370 O O   . THR A 63  ? 0.4212 0.4803 0.4051 -0.0105 0.0677  0.1051  63  THR A O   
371 C CB  . THR A 63  ? 0.4580 0.5359 0.4361 -0.0240 0.0722  0.1002  63  THR A CB  
372 O OG1 . THR A 63  ? 0.5209 0.6045 0.4929 -0.0291 0.0737  0.0986  63  THR A OG1 
373 C CG2 . THR A 63  ? 0.4084 0.4925 0.3958 -0.0280 0.0755  0.0955  63  THR A CG2 
374 N N   . LEU A 64  ? 0.3431 0.3924 0.3172 -0.0121 0.0723  0.0988  64  LEU A N   
375 C CA  . LEU A 64  ? 0.3863 0.4265 0.3642 -0.0051 0.0704  0.1005  64  LEU A CA  
376 C C   . LEU A 64  ? 0.4263 0.4672 0.4128 -0.0057 0.0740  0.0980  64  LEU A C   
377 O O   . LEU A 64  ? 0.4252 0.4679 0.4119 -0.0098 0.0789  0.0929  64  LEU A O   
378 C CB  . LEU A 64  ? 0.3500 0.3809 0.3209 -0.0023 0.0698  0.0992  64  LEU A CB  
379 C CG  . LEU A 64  ? 0.4540 0.4748 0.4273 0.0051  0.0676  0.1001  64  LEU A CG  
380 C CD1 . LEU A 64  ? 0.5073 0.5263 0.4835 0.0102  0.0627  0.1037  64  LEU A CD1 
381 C CD2 . LEU A 64  ? 0.4141 0.4287 0.3810 0.0059  0.0679  0.0979  64  LEU A CD2 
382 N N   . GLU A 65  ? 0.4360 0.4754 0.4302 -0.0019 0.0721  0.1010  65  GLU A N   
383 C CA  . GLU A 65  ? 0.3375 0.3765 0.3417 -0.0022 0.0758  0.0986  65  GLU A CA  
384 C C   . GLU A 65  ? 0.3064 0.3319 0.3086 0.0030  0.0774  0.0970  65  GLU A C   
385 O O   . GLU A 65  ? 0.3163 0.3316 0.3150 0.0101  0.0732  0.0998  65  GLU A O   
386 C CB  . GLU A 65  ? 0.3305 0.3697 0.3435 0.0003  0.0732  0.1024  65  GLU A CB  
387 C CG  . GLU A 65  ? 0.3249 0.3631 0.3500 -0.0016 0.0735  0.0928  65  GLU A CG  
388 C CD  . GLU A 65  ? 0.3817 0.4173 0.4151 0.0010  0.0681  0.0928  65  GLU A CD  
389 O OE1 . GLU A 65  ? 0.3551 0.4024 0.3936 -0.0036 0.0661  0.0923  65  GLU A OE1 
390 O OE2 . GLU A 65  ? 0.3998 0.4216 0.4346 0.0075  0.0657  0.0930  65  GLU A OE2 
391 N N   . LEU A 66  ? 0.2872 0.3138 0.2931 -0.0006 0.0838  0.0909  66  LEU A N   
392 C CA  . LEU A 66  ? 0.2816 0.2952 0.2862 0.0042  0.0863  0.0886  66  LEU A CA  
393 C C   . LEU A 66  ? 0.3750 0.3783 0.3892 0.0085  0.0808  0.0814  66  LEU A C   
394 O O   . LEU A 66  ? 0.2775 0.2666 0.2895 0.0157  0.0801  0.0838  66  LEU A O   
395 C CB  . LEU A 66  ? 0.2820 0.2994 0.2867 -0.0019 0.0902  0.0777  66  LEU A CB  
396 C CG  . LEU A 66  ? 0.3310 0.3585 0.3262 -0.0076 0.0919  0.0800  66  LEU A CG  
397 C CD1 . LEU A 66  ? 0.2826 0.3137 0.2785 -0.0137 0.0987  0.0707  66  LEU A CD1 
398 C CD2 . LEU A 66  ? 0.3280 0.3479 0.3115 -0.0027 0.0858  0.0855  66  LEU A CD2 
399 N N   . GLY A 67  ? 0.3081 0.3180 0.3328 0.0044  0.0766  0.0726  67  GLY A N   
400 C CA  . GLY A 67  ? 0.3094 0.3098 0.3434 0.0082  0.0708  0.0655  67  GLY A CA  
401 C C   . GLY A 67  ? 0.2889 0.2992 0.3341 0.0023  0.0667  0.0556  67  GLY A C   
402 O O   . GLY A 67  ? 0.2641 0.2889 0.3099 -0.0048 0.0685  0.0542  67  GLY A O   
403 N N   . CYS A 68  ? 0.1854 0.1875 0.2390 0.0054  0.0613  0.0488  68  CYS A N   
404 C CA  . CYS A 68  ? 0.2211 0.2311 0.2854 0.0009  0.0568  0.0404  68  CYS A CA  
405 C C   . CYS A 68  ? 0.2337 0.2341 0.3078 0.0029  0.0518  0.0270  68  CYS A C   
406 O O   . CYS A 68  ? 0.2505 0.2362 0.3237 0.0103  0.0487  0.0296  68  CYS A O   
407 C CB  . CYS A 68  ? 0.2321 0.2436 0.2956 0.0034  0.0544  0.0513  68  CYS A CB  
408 S SG  . CYS A 68  ? 0.2814 0.3010 0.3582 -0.0014 0.0484  0.0418  68  CYS A SG  
409 N N   . GLN A 69  ? 0.2477 0.2560 0.3306 -0.0039 0.0511  0.0127  69  GLN A N   
410 C CA  . GLN A 69  ? 0.2243 0.2259 0.3182 -0.0032 0.0458  -0.0016 69  GLN A CA  
411 C C   . GLN A 69  ? 0.3536 0.3592 0.4553 -0.0046 0.0405  -0.0037 69  GLN A C   
412 O O   . GLN A 69  ? 0.2583 0.2786 0.3648 -0.0120 0.0408  -0.0075 69  GLN A O   
413 C CB  . GLN A 69  ? 0.2682 0.2765 0.3689 -0.0099 0.0476  -0.0166 69  GLN A CB  
414 C CG  . GLN A 69  ? 0.2101 0.2129 0.3237 -0.0098 0.0418  -0.0326 69  GLN A CG  
415 C CD  . GLN A 69  ? 0.2970 0.2811 0.4098 -0.0010 0.0388  -0.0338 69  GLN A CD  
416 O OE1 . GLN A 69  ? 0.2914 0.2701 0.4016 0.0003  0.0418  -0.0364 69  GLN A OE1 
417 N NE2 . GLN A 69  ? 0.2774 0.2510 0.3923 0.0047  0.0329  -0.0320 69  GLN A NE2 
418 N N   . GLN A 70  ? 0.2214 0.2139 0.3243 0.0023  0.0357  -0.0016 70  GLN A N   
419 C CA  . GLN A 70  ? 0.2165 0.2103 0.3271 0.0016  0.0303  -0.0047 70  GLN A CA  
420 C C   . GLN A 70  ? 0.2583 0.2464 0.3802 0.0013  0.0249  -0.0213 70  GLN A C   
421 O O   . GLN A 70  ? 0.2112 0.1863 0.3330 0.0060  0.0236  -0.0265 70  GLN A O   
422 C CB  . GLN A 70  ? 0.2467 0.2297 0.3513 0.0091  0.0285  0.0084  70  GLN A CB  
423 C CG  . GLN A 70  ? 0.2569 0.2414 0.3683 0.0084  0.0235  0.0069  70  GLN A CG  
424 C CD  . GLN A 70  ? 0.2866 0.2563 0.4039 0.0131  0.0172  -0.0027 70  GLN A CD  
425 O OE1 . GLN A 70  ? 0.3646 0.3191 0.4777 0.0197  0.0165  -0.0022 70  GLN A OE1 
426 N NE2 . GLN A 70  ? 0.2601 0.2342 0.3875 0.0096  0.0126  -0.0117 70  GLN A NE2 
427 N N   . ILE A 71  ? 0.1704 0.1684 0.3021 -0.0045 0.0218  -0.0301 71  ILE A N   
428 C CA  . ILE A 71  ? 0.2860 0.2805 0.4293 -0.0058 0.0166  -0.0466 71  ILE A CA  
429 C C   . ILE A 71  ? 0.2613 0.2548 0.4114 -0.0054 0.0107  -0.0487 71  ILE A C   
430 O O   . ILE A 71  ? 0.3008 0.3063 0.4523 -0.0100 0.0112  -0.0449 71  ILE A O   
431 C CB  . ILE A 71  ? 0.3229 0.3319 0.4734 -0.0148 0.0192  -0.0590 71  ILE A CB  
432 C CG1 . ILE A 71  ? 0.3121 0.3231 0.4550 -0.0159 0.0260  -0.0559 71  ILE A CG1 
433 C CG2 . ILE A 71  ? 0.2983 0.3032 0.4614 -0.0158 0.0139  -0.0765 71  ILE A CG2 
434 C CD1 . ILE A 71  ? 0.3021 0.3294 0.4488 -0.0256 0.0301  -0.0638 71  ILE A CD1 
435 N N   . TRP A 72  ? 0.1796 0.1582 0.3335 0.0002  0.0049  -0.0550 72  TRP A N   
436 C CA  . TRP A 72  ? 0.2180 0.1945 0.3781 0.0009  -0.0009 -0.0573 72  TRP A CA  
437 C C   . TRP A 72  ? 0.3220 0.3118 0.4946 -0.0072 -0.0032 -0.0714 72  TRP A C   
438 O O   . TRP A 72  ? 0.2924 0.2840 0.4717 -0.0102 -0.0036 -0.0843 72  TRP A O   
439 C CB  . TRP A 72  ? 0.2416 0.1970 0.4010 0.0096  -0.0066 -0.0596 72  TRP A CB  
440 C CG  . TRP A 72  ? 0.2680 0.2106 0.4144 0.0175  -0.0045 -0.0440 72  TRP A CG  
441 C CD1 . TRP A 72  ? 0.2973 0.2268 0.4363 0.0237  -0.0031 -0.0408 72  TRP A CD1 
442 C CD2 . TRP A 72  ? 0.3777 0.3202 0.5173 0.0196  -0.0030 -0.0295 72  TRP A CD2 
443 N NE1 . TRP A 72  ? 0.3416 0.2625 0.4695 0.0296  -0.0009 -0.0251 72  TRP A NE1 
444 C CE2 . TRP A 72  ? 0.4112 0.3400 0.5394 0.0272  -0.0008 -0.0180 72  TRP A CE2 
445 C CE3 . TRP A 72  ? 0.4406 0.3934 0.5834 0.0156  -0.0035 -0.0254 72  TRP A CE3 
446 C CZ2 . TRP A 72  ? 0.3432 0.2683 0.4630 0.0309  0.0014  -0.0027 72  TRP A CZ2 
447 C CZ3 . TRP A 72  ? 0.3226 0.2718 0.4574 0.0193  -0.0015 -0.0104 72  TRP A CZ3 
448 C CH2 . TRP A 72  ? 0.3885 0.3241 0.5121 0.0268  0.0010  0.0007  72  TRP A CH2 
449 N N   . PRO A 73  ? 0.3356 0.3351 0.5116 -0.0111 -0.0045 -0.0690 73  PRO A N   
450 C CA  . PRO A 73  ? 0.2419 0.2557 0.4293 -0.0193 -0.0063 -0.0812 73  PRO A CA  
451 C C   . PRO A 73  ? 0.2756 0.2829 0.4738 -0.0193 -0.0117 -0.0984 73  PRO A C   
452 O O   . PRO A 73  ? 0.3128 0.3056 0.5127 -0.0133 -0.0174 -0.1010 73  PRO A O   
453 C CB  . PRO A 73  ? 0.2460 0.2640 0.4348 -0.0200 -0.0087 -0.0748 73  PRO A CB  
454 C CG  . PRO A 73  ? 0.3462 0.3603 0.5227 -0.0155 -0.0048 -0.0570 73  PRO A CG  
455 C CD  . PRO A 73  ? 0.2403 0.2378 0.4096 -0.0079 -0.0042 -0.0545 73  PRO A CD  
456 N N   . GLY A 74  ? 0.3641 0.3817 0.5689 -0.0258 -0.0097 -0.1099 74  GLY A N   
457 C CA  . GLY A 74  ? 0.3400 0.3574 0.5467 -0.0229 -0.0123 -0.1191 74  GLY A CA  
458 C C   . GLY A 74  ? 0.3886 0.3943 0.5906 -0.0151 -0.0136 -0.1186 74  GLY A C   
459 O O   . GLY A 74  ? 0.3610 0.3689 0.5633 -0.0121 -0.0159 -0.1221 74  GLY A O   
460 N N   . LEU A 75  ? 0.2841 0.2777 0.4810 -0.0119 -0.0121 -0.1130 75  LEU A N   
461 C CA  . LEU A 75  ? 0.2440 0.2277 0.4337 -0.0049 -0.0133 -0.1104 75  LEU A CA  
462 C C   . LEU A 75  ? 0.4028 0.3901 0.5913 -0.0075 -0.0076 -0.1134 75  LEU A C   
463 O O   . LEU A 75  ? 0.3366 0.3212 0.5213 -0.0039 -0.0085 -0.1134 75  LEU A O   
464 C CB  . LEU A 75  ? 0.2910 0.2572 0.4714 0.0025  -0.0151 -0.0999 75  LEU A CB  
465 C CG  . LEU A 75  ? 0.3689 0.3303 0.5484 0.0055  -0.0208 -0.0964 75  LEU A CG  
466 C CD1 . LEU A 75  ? 0.2909 0.2356 0.4575 0.0134  -0.0222 -0.0848 75  LEU A CD1 
467 C CD2 . LEU A 75  ? 0.4203 0.3891 0.6025 0.0053  -0.0254 -0.1025 75  LEU A CD2 
468 N N   . GLY A 76  ? 0.4034 0.3977 0.5953 -0.0146 -0.0018 -0.1153 76  GLY A N   
469 C CA  . GLY A 76  ? 0.2694 0.2680 0.4600 -0.0184 0.0046  -0.1185 76  GLY A CA  
470 C C   . GLY A 76  ? 0.3201 0.3367 0.5143 -0.0289 0.0095  -0.1216 76  GLY A C   
471 O O   . GLY A 76  ? 0.2733 0.2985 0.4658 -0.0316 0.0093  -0.1146 76  GLY A O   
472 N N   . GLU A 77  ? 0.2935 0.3177 0.4885 -0.0332 0.0143  -0.1280 77  GLU A N   
473 C CA  . GLU A 77  ? 0.2569 0.2981 0.4531 -0.0435 0.0198  -0.1305 77  GLU A CA  
474 C C   . GLU A 77  ? 0.2288 0.2726 0.4107 -0.0431 0.0266  -0.1153 77  GLU A C   
475 O O   . GLU A 77  ? 0.2359 0.2681 0.4101 -0.0364 0.0278  -0.1076 77  GLU A O   
476 C CB  . GLU A 77  ? 0.2982 0.3460 0.4940 -0.0437 0.0229  -0.1378 77  GLU A CB  
477 C CG  . GLU A 77  ? 0.3965 0.4439 0.5963 -0.0379 0.0175  -0.1415 77  GLU A CG  
478 C CD  . GLU A 77  ? 0.4202 0.4766 0.6221 -0.0397 0.0210  -0.1480 77  GLU A CD  
479 O OE1 . GLU A 77  ? 0.5800 0.6464 0.7815 -0.0451 0.0236  -0.1508 77  GLU A OE1 
480 O OE2 . GLU A 77  ? 0.4653 0.5188 0.6689 -0.0359 0.0212  -0.1498 77  GLU A OE2 
481 N N   . PRO A 78  ? 0.2714 0.3304 0.4496 -0.0501 0.0308  -0.1106 78  PRO A N   
482 C CA  . PRO A 78  ? 0.1987 0.2607 0.3628 -0.0494 0.0367  -0.0950 78  PRO A CA  
483 C C   . PRO A 78  ? 0.2586 0.3206 0.4171 -0.0515 0.0435  -0.0965 78  PRO A C   
484 O O   . PRO A 78  ? 0.2542 0.3281 0.4105 -0.0591 0.0487  -0.0987 78  PRO A O   
485 C CB  . PRO A 78  ? 0.2548 0.3329 0.4183 -0.0566 0.0379  -0.0916 78  PRO A CB  
486 C CG  . PRO A 78  ? 0.3022 0.3881 0.4790 -0.0635 0.0356  -0.1087 78  PRO A CG  
487 C CD  . PRO A 78  ? 0.2274 0.3001 0.4136 -0.0577 0.0291  -0.1175 78  PRO A CD  
488 N N   . VAL A 79  ? 0.2699 0.3178 0.4256 -0.0446 0.0434  -0.0955 79  VAL A N   
489 C CA  . VAL A 79  ? 0.2250 0.2705 0.3733 -0.0445 0.0499  -0.0936 79  VAL A CA  
490 C C   . VAL A 79  ? 0.2636 0.2980 0.3996 -0.0362 0.0508  -0.0777 79  VAL A C   
491 O O   . VAL A 79  ? 0.2219 0.2482 0.3573 -0.0297 0.0458  -0.0708 79  VAL A O   
492 C CB  . VAL A 79  ? 0.2418 0.2802 0.3993 -0.0443 0.0493  -0.1089 79  VAL A CB  
493 C CG1 . VAL A 79  ? 0.2317 0.2804 0.4021 -0.0525 0.0483  -0.1254 79  VAL A CG1 
494 C CG2 . VAL A 79  ? 0.2392 0.2615 0.4006 -0.0352 0.0426  -0.1102 79  VAL A CG2 
495 N N   . ALA A 80  ? 0.2340 0.2680 0.3603 -0.0364 0.0573  -0.0719 80  ALA A N   
496 C CA  . ALA A 80  ? 0.1884 0.2114 0.3036 -0.0285 0.0586  -0.0580 80  ALA A CA  
497 C C   . ALA A 80  ? 0.2326 0.2536 0.3406 -0.0292 0.0654  -0.0573 80  ALA A C   
498 O O   . ALA A 80  ? 0.2833 0.3137 0.3926 -0.0367 0.0702  -0.0648 80  ALA A O   
499 C CB  . ALA A 80  ? 0.2174 0.2454 0.3229 -0.0272 0.0591  -0.0413 80  ALA A CB  
500 N N   . SER A 81  ? 0.2276 0.2362 0.3279 -0.0215 0.0662  -0.0486 81  SER A N   
501 C CA  . SER A 81  ? 0.2740 0.2819 0.3644 -0.0221 0.0734  -0.0439 81  SER A CA  
502 C C   . SER A 81  ? 0.2842 0.2840 0.3617 -0.0146 0.0747  -0.0265 81  SER A C   
503 O O   . SER A 81  ? 0.2342 0.2242 0.3112 -0.0073 0.0699  -0.0203 81  SER A O   
504 C CB  . SER A 81  ? 0.3295 0.3305 0.4264 -0.0220 0.0746  -0.0572 81  SER A CB  
505 O OG  . SER A 81  ? 0.4606 0.4475 0.5636 -0.0144 0.0686  -0.0612 81  SER A OG  
506 N N   . PHE A 82  ? 0.2887 0.2926 0.3553 -0.0169 0.0815  -0.0187 82  PHE A N   
507 C CA  . PHE A 82  ? 0.2660 0.2636 0.3195 -0.0108 0.0839  -0.0023 82  PHE A CA  
508 C C   . PHE A 82  ? 0.3284 0.3222 0.3751 -0.0109 0.0902  -0.0023 82  PHE A C   
509 O O   . PHE A 82  ? 0.3237 0.3223 0.3744 -0.0170 0.0937  -0.0136 82  PHE A O   
510 C CB  . PHE A 82  ? 0.2511 0.2595 0.2966 -0.0136 0.0856  0.0102  82  PHE A CB  
511 C CG  . PHE A 82  ? 0.2996 0.3130 0.3517 -0.0139 0.0800  0.0108  82  PHE A CG  
512 C CD1 . PHE A 82  ? 0.2569 0.2805 0.3191 -0.0210 0.0778  -0.0009 82  PHE A CD1 
513 C CD2 . PHE A 82  ? 0.3492 0.3564 0.3973 -0.0071 0.0767  0.0231  82  PHE A CD2 
514 C CE1 . PHE A 82  ? 0.3190 0.3469 0.3872 -0.0213 0.0726  -0.0004 82  PHE A CE1 
515 C CE2 . PHE A 82  ? 0.3917 0.4032 0.4458 -0.0074 0.0718  0.0237  82  PHE A CE2 
516 C CZ  . PHE A 82  ? 0.3332 0.3552 0.3975 -0.0146 0.0696  0.0118  82  PHE A CZ  
517 N N   . ARG A 83  ? 0.3029 0.2877 0.3392 -0.0040 0.0919  0.0103  83  ARG A N   
518 C CA  . ARG A 83  ? 0.3533 0.3353 0.3814 -0.0044 0.0986  0.0123  83  ARG A CA  
519 C C   . ARG A 83  ? 0.3653 0.3477 0.3789 -0.0014 0.1016  0.0304  83  ARG A C   
520 O O   . ARG A 83  ? 0.3243 0.2975 0.3337 0.0064  0.0992  0.0407  83  ARG A O   
521 C CB  . ARG A 83  ? 0.4054 0.3728 0.4369 0.0017  0.0973  0.0063  83  ARG A CB  
522 C CG  . ARG A 83  ? 0.5026 0.4681 0.5287 -0.0002 0.1042  0.0041  83  ARG A CG  
523 C CD  . ARG A 83  ? 0.5681 0.5217 0.6020 0.0040  0.1024  -0.0066 83  ARG A CD  
524 N NE  . ARG A 83  ? 0.6527 0.6118 0.6939 -0.0033 0.1061  -0.0217 83  ARG A NE  
525 C CZ  . ARG A 83  ? 0.6845 0.6420 0.7398 -0.0048 0.1025  -0.0377 83  ARG A CZ  
526 N NH1 . ARG A 83  ? 0.7316 0.6818 0.7949 0.0007  0.0947  -0.0410 83  ARG A NH1 
527 N NH2 . ARG A 83  ? 0.7612 0.7242 0.8227 -0.0118 0.1068  -0.0507 83  ARG A NH2 
528 N N   . VAL A 84  ? 0.5385 0.2294 0.3376 0.0527  0.1928  0.0692  84  VAL A N   
529 C CA  . VAL A 84  ? 0.5205 0.2124 0.3248 0.0532  0.1914  0.0745  84  VAL A CA  
530 C C   . VAL A 84  ? 0.5597 0.2498 0.3703 0.0539  0.1930  0.0762  84  VAL A C   
531 O O   . VAL A 84  ? 0.5868 0.2759 0.3971 0.0518  0.1925  0.0786  84  VAL A O   
532 C CB  . VAL A 84  ? 0.5218 0.2163 0.3243 0.0502  0.1871  0.0808  84  VAL A CB  
533 C CG1 . VAL A 84  ? 0.6865 0.3814 0.4948 0.0507  0.1854  0.0861  84  VAL A CG1 
534 C CG2 . VAL A 84  ? 0.5195 0.2165 0.3163 0.0496  0.1852  0.0791  84  VAL A CG2 
535 N N   . CYS A 85  ? 0.5216 0.2112 0.3373 0.0566  0.1947  0.0753  85  CYS A N   
536 C CA  . CYS A 85  ? 0.5180 0.2064 0.3403 0.0572  0.1957  0.0775  85  CYS A CA  
537 C C   . CYS A 85  ? 0.6287 0.3171 0.4535 0.0553  0.1919  0.0849  85  CYS A C   
538 O O   . CYS A 85  ? 0.6746 0.3646 0.4989 0.0547  0.1891  0.0883  85  CYS A O   
539 C CB  . CYS A 85  ? 0.5480 0.2368 0.3755 0.0604  0.1978  0.0753  85  CYS A CB  
540 S SG  . CYS A 85  ? 0.6557 0.3446 0.4812 0.0628  0.2027  0.0667  85  CYS A SG  
541 N N   . ASP A 86  ? 0.6399 0.3263 0.4671 0.0541  0.1917  0.0874  86  ASP A N   
542 C CA  . ASP A 86  ? 0.6943 0.3799 0.5244 0.0524  0.1881  0.0944  86  ASP A CA  
543 C C   . ASP A 86  ? 0.7226 0.4106 0.5484 0.0498  0.1845  0.0984  86  ASP A C   
544 O O   . ASP A 86  ? 0.6959 0.3849 0.5237 0.0501  0.1820  0.1023  86  ASP A O   
545 C CB  . ASP A 86  ? 0.6481 0.3335 0.4853 0.0550  0.1877  0.0963  86  ASP A CB  
546 C CG  . ASP A 86  ? 0.8288 0.5129 0.6708 0.0575  0.1910  0.0925  86  ASP A CG  
547 O OD1 . ASP A 86  ? 0.8888 0.5708 0.7310 0.0566  0.1921  0.0916  86  ASP A OD1 
548 O OD2 . ASP A 86  ? 0.8558 0.5410 0.7014 0.0601  0.1923  0.0905  86  ASP A OD2 
549 N N   . LEU A 87  ? 0.6801 0.3690 0.4996 0.0473  0.1843  0.0974  87  LEU A N   
550 C CA  . LEU A 87  ? 0.6299 0.3219 0.4445 0.0448  0.1810  0.1004  87  LEU A CA  
551 C C   . LEU A 87  ? 0.6932 0.3854 0.5100 0.0427  0.1772  0.1079  87  LEU A C   
552 O O   . LEU A 87  ? 0.6116 0.3065 0.4267 0.0415  0.1743  0.1111  87  LEU A O   
553 C CB  . LEU A 87  ? 0.6228 0.3160 0.4310 0.0423  0.1814  0.0982  87  LEU A CB  
554 C CG  . LEU A 87  ? 0.7056 0.4028 0.5082 0.0395  0.1782  0.1009  87  LEU A CG  
555 C CD1 . LEU A 87  ? 0.5931 0.2922 0.3935 0.0411  0.1779  0.0981  87  LEU A CD1 
556 C CD2 . LEU A 87  ? 0.6256 0.3240 0.4223 0.0367  0.1783  0.0995  87  LEU A CD2 
557 N N   . GLU A 88  ? 0.7136 0.4031 0.5341 0.0421  0.1769  0.1107  88  GLU A N   
558 C CA  . GLU A 88  ? 0.8619 0.5509 0.6843 0.0399  0.1732  0.1178  88  GLU A CA  
559 C C   . GLU A 88  ? 0.7911 0.4804 0.6176 0.0418  0.1714  0.1207  88  GLU A C   
560 O O   . GLU A 88  ? 0.7170 0.4065 0.5444 0.0402  0.1678  0.1266  88  GLU A O   
561 C CB  . GLU A 88  ? 0.9324 0.6176 0.7581 0.0392  0.1733  0.1197  88  GLU A CB  
562 C CG  . GLU A 88  ? 1.1037 0.7858 0.9359 0.0427  0.1756  0.1176  88  GLU A CG  
563 C CD  . GLU A 88  ? 1.2385 0.9201 1.0702 0.0447  0.1799  0.1105  88  GLU A CD  
564 O OE1 . GLU A 88  ? 1.2551 0.9381 1.0813 0.0433  0.1813  0.1074  88  GLU A OE1 
565 O OE2 . GLU A 88  ? 1.2702 0.9501 1.1071 0.0476  0.1820  0.1082  88  GLU A OE2 
566 N N   . LYS A 89  ? 0.7282 0.4177 0.5573 0.0452  0.1737  0.1166  89  LYS A N   
567 C CA  . LYS A 89  ? 0.7621 0.4520 0.5956 0.0474  0.1722  0.1190  89  LYS A CA  
568 C C   . LYS A 89  ? 0.7292 0.4228 0.5589 0.0462  0.1699  0.1208  89  LYS A C   
569 O O   . LYS A 89  ? 0.7809 0.4751 0.6135 0.0472  0.1679  0.1239  89  LYS A O   
570 C CB  . LYS A 89  ? 0.8467 0.5359 0.6843 0.0512  0.1756  0.1140  89  LYS A CB  
571 C CG  . LYS A 89  ? 0.9115 0.5973 0.7542 0.0526  0.1775  0.1130  89  LYS A CG  
572 C CD  . LYS A 89  ? 0.9531 0.6391 0.8005 0.0564  0.1805  0.1087  89  LYS A CD  
573 C CE  . LYS A 89  ? 0.9922 0.6752 0.8444 0.0576  0.1823  0.1074  89  LYS A CE  
574 N NZ  . LYS A 89  ? 0.9968 0.6805 0.8542 0.0611  0.1847  0.1041  89  LYS A NZ  
575 N N   . TYR A 90  ? 0.6155 0.3114 0.4387 0.0440  0.1698  0.1190  90  TYR A N   
576 C CA  . TYR A 90  ? 0.6115 0.3111 0.4304 0.0429  0.1675  0.1201  90  TYR A CA  
577 C C   . TYR A 90  ? 0.6808 0.3825 0.4956 0.0389  0.1642  0.1249  90  TYR A C   
578 O O   . TYR A 90  ? 0.7455 0.4465 0.5587 0.0368  0.1644  0.1255  90  TYR A O   
579 C CB  . TYR A 90  ? 0.6166 0.3178 0.4311 0.0439  0.1700  0.1137  90  TYR A CB  
580 C CG  . TYR A 90  ? 0.7195 0.4188 0.5374 0.0476  0.1735  0.1085  90  TYR A CG  
581 C CD1 . TYR A 90  ? 0.7182 0.4186 0.5388 0.0499  0.1733  0.1082  90  TYR A CD1 
582 C CD2 . TYR A 90  ? 0.7196 0.4167 0.5385 0.0489  0.1769  0.1040  90  TYR A CD2 
583 C CE1 . TYR A 90  ? 0.6184 0.3175 0.4422 0.0532  0.1766  0.1036  90  TYR A CE1 
584 C CE2 . TYR A 90  ? 0.7039 0.3995 0.5260 0.0521  0.1802  0.0993  90  TYR A CE2 
585 C CZ  . TYR A 90  ? 0.6702 0.3670 0.4947 0.0542  0.1800  0.0991  90  TYR A CZ  
586 O OH  . TYR A 90  ? 0.5596 0.2556 0.3873 0.0574  0.1833  0.0945  90  TYR A OH  
587 N N   . LYS A 91  ? 0.7531 0.4581 0.5662 0.0379  0.1612  0.1281  91  LYS A N   
588 C CA  . LYS A 91  ? 0.7979 0.5056 0.6068 0.0340  0.1579  0.1325  91  LYS A CA  
589 C C   . LYS A 91  ? 0.7994 0.5111 0.6014 0.0325  0.1577  0.1295  91  LYS A C   
590 O O   . LYS A 91  ? 0.7271 0.4416 0.5249 0.0291  0.1555  0.1320  91  LYS A O   
591 C CB  . LYS A 91  ? 0.9426 0.6511 0.7541 0.0334  0.1542  0.1388  91  LYS A CB  
592 C CG  . LYS A 91  ? 0.9121 0.6223 0.7248 0.0355  0.1537  0.1381  91  LYS A CG  
593 C CD  . LYS A 91  ? 1.0531 0.7627 0.8702 0.0357  0.1507  0.1441  91  LYS A CD  
594 C CE  . LYS A 91  ? 1.1572 0.8687 0.9755 0.0377  0.1501  0.1438  91  LYS A CE  
595 N NZ  . LYS A 91  ? 1.1761 0.8862 0.9996 0.0388  0.1478  0.1491  91  LYS A NZ  
596 N N   . GLY A 92  ? 0.4716 0.6483 0.3649 0.0035  0.0554  0.1424  92  GLY A N   
597 C CA  . GLY A 92  ? 0.5079 0.6935 0.3966 -0.0031 0.0607  0.1316  92  GLY A CA  
598 C C   . GLY A 92  ? 0.4345 0.5996 0.3328 -0.0070 0.0655  0.1235  92  GLY A C   
599 O O   . GLY A 92  ? 0.4353 0.5874 0.3420 -0.0048 0.0647  0.1274  92  GLY A O   
600 N N   . LEU A 93  ? 0.3419 0.5019 0.2408 -0.0125 0.0694  0.1105  93  LEU A N   
601 C CA  . LEU A 93  ? 0.4079 0.5481 0.3180 -0.0170 0.0730  0.0985  93  LEU A CA  
602 C C   . LEU A 93  ? 0.4604 0.6174 0.3743 -0.0236 0.0722  0.0794  93  LEU A C   
603 O O   . LEU A 93  ? 0.4329 0.6090 0.3389 -0.0260 0.0715  0.0733  93  LEU A O   
604 C CB  . LEU A 93  ? 0.4278 0.5438 0.3366 -0.0179 0.0790  0.0992  93  LEU A CB  
605 C CG  . LEU A 93  ? 0.3980 0.4946 0.3037 -0.0120 0.0794  0.1156  93  LEU A CG  
606 C CD1 . LEU A 93  ? 0.3840 0.4558 0.2901 -0.0139 0.0832  0.1110  93  LEU A CD1 
607 C CD2 . LEU A 93  ? 0.3438 0.4244 0.2588 -0.0082 0.0769  0.1207  93  LEU A CD2 
608 N N   . LEU A 94  ? 0.3962 0.5455 0.3223 -0.0264 0.0723  0.0702  94  LEU A N   
609 C CA  . LEU A 94  ? 0.4296 0.5929 0.3618 -0.0328 0.0714  0.0518  94  LEU A CA  
610 C C   . LEU A 94  ? 0.4057 0.5460 0.3480 -0.0373 0.0766  0.0408  94  LEU A C   
611 O O   . LEU A 94  ? 0.3436 0.4653 0.2954 -0.0360 0.0779  0.0438  94  LEU A O   
612 C CB  . LEU A 94  ? 0.3819 0.5621 0.3207 -0.0324 0.0659  0.0500  94  LEU A CB  
613 C CG  . LEU A 94  ? 0.3786 0.5711 0.3263 -0.0390 0.0646  0.0308  94  LEU A CG  
614 C CD1 . LEU A 94  ? 0.3701 0.5870 0.3088 -0.0423 0.0628  0.0211  94  LEU A CD1 
615 C CD2 . LEU A 94  ? 0.4173 0.6199 0.3746 -0.0381 0.0600  0.0307  94  LEU A CD2 
616 N N   . ALA A 95  ? 0.3910 0.5322 0.3312 -0.0424 0.0797  0.0286  95  ALA A N   
617 C CA  . ALA A 95  ? 0.3953 0.5165 0.3455 -0.0471 0.0846  0.0168  95  ALA A CA  
618 C C   . ALA A 95  ? 0.4487 0.5846 0.4079 -0.0530 0.0826  -0.0006 95  ALA A C   
619 O O   . ALA A 95  ? 0.4117 0.5728 0.3659 -0.0549 0.0790  -0.0073 95  ALA A O   
620 C CB  . ALA A 95  ? 0.3042 0.4152 0.2476 -0.0492 0.0897  0.0139  95  ALA A CB  
621 N N   . VAL A 96  ? 0.3234 0.4439 0.2962 -0.0557 0.0849  -0.0078 96  VAL A N   
622 C CA  . VAL A 96  ? 0.3664 0.4991 0.3496 -0.0615 0.0832  -0.0246 96  VAL A CA  
623 C C   . VAL A 96  ? 0.3801 0.4929 0.3738 -0.0666 0.0887  -0.0368 96  VAL A C   
624 O O   . VAL A 96  ? 0.4549 0.5446 0.4566 -0.0651 0.0919  -0.0321 96  VAL A O   
625 C CB  . VAL A 96  ? 0.3527 0.4935 0.3450 -0.0598 0.0787  -0.0215 96  VAL A CB  
626 C CG1 . VAL A 96  ? 0.2956 0.4464 0.3004 -0.0661 0.0774  -0.0388 96  VAL A CG1 
627 C CG2 . VAL A 96  ? 0.3424 0.5065 0.3248 -0.0554 0.0726  -0.0114 96  VAL A CG2 
628 N N   . ALA A 97  ? 0.3574 0.4792 0.3511 -0.0723 0.0897  -0.0521 97  ALA A N   
629 C CA  . ALA A 97  ? 0.3176 0.4224 0.3212 -0.0776 0.0949  -0.0648 97  ALA A CA  
630 C C   . ALA A 97  ? 0.3793 0.4950 0.3966 -0.0829 0.0926  -0.0798 97  ALA A C   
631 O O   . ALA A 97  ? 0.3558 0.4968 0.3712 -0.0848 0.0876  -0.0866 97  ALA A O   
632 C CB  . ALA A 97  ? 0.3541 0.4587 0.3490 -0.0804 0.0982  -0.0718 97  ALA A CB  
633 N N   . TYR A 98  ? 0.3230 0.4199 0.3543 -0.0851 0.0962  -0.0847 98  TYR A N   
634 C CA  . TYR A 98  ? 0.3414 0.4458 0.3877 -0.0904 0.0947  -0.0988 98  TYR A CA  
635 C C   . TYR A 98  ? 0.3824 0.4763 0.4359 -0.0966 0.0995  -0.1144 98  TYR A C   
636 O O   . TYR A 98  ? 0.3443 0.4133 0.4017 -0.0964 0.1052  -0.1124 98  TYR A O   
637 C CB  . TYR A 98  ? 0.4366 0.5295 0.4955 -0.0880 0.0946  -0.0921 98  TYR A CB  
638 C CG  . TYR A 98  ? 0.3663 0.4569 0.4431 -0.0938 0.0959  -0.1065 98  TYR A CG  
639 C CD1 . TYR A 98  ? 0.3921 0.5061 0.4756 -0.0982 0.0910  -0.1185 98  TYR A CD1 
640 C CD2 . TYR A 98  ? 0.4292 0.4944 0.5167 -0.0949 0.1018  -0.1082 98  TYR A CD2 
641 C CE1 . TYR A 98  ? 0.3576 0.4696 0.4582 -0.1038 0.0920  -0.1318 98  TYR A CE1 
642 C CE2 . TYR A 98  ? 0.4361 0.4993 0.5406 -0.1003 0.1030  -0.1211 98  TYR A CE2 
643 C CZ  . TYR A 98  ? 0.4001 0.4869 0.5113 -0.1048 0.0981  -0.1329 98  TYR A CZ  
644 O OH  . TYR A 98  ? 0.3713 0.4567 0.5001 -0.1103 0.0993  -0.1459 98  TYR A OH  
645 N N   . CYS A 99  ? 0.3320 0.4447 0.3872 -0.1020 0.0972  -0.1298 99  CYS A N   
646 C CA  . CYS A 99  ? 0.2650 0.3701 0.3286 -0.1083 0.1011  -0.1461 99  CYS A CA  
647 C C   . CYS A 99  ? 0.3333 0.4442 0.4148 -0.1129 0.0992  -0.1576 99  CYS A C   
648 O O   . CYS A 99  ? 0.3348 0.4676 0.4183 -0.1133 0.0931  -0.1599 99  CYS A O   
649 C CB  . CYS A 99  ? 0.3970 0.5181 0.4500 -0.1112 0.1002  -0.1562 99  CYS A CB  
650 S SG  . CYS A 99  ? 0.3972 0.5167 0.4619 -0.1197 0.1031  -0.1793 99  CYS A SG  
651 N N   . ASN A 100 ? 0.3030 0.3946 0.3980 -0.1163 0.1042  -0.1648 100 ASN A N   
652 C CA  . ASN A 100 ? 0.3369 0.4319 0.4502 -0.1204 0.1028  -0.1743 100 ASN A CA  
653 C C   . ASN A 100 ? 0.3822 0.5021 0.4985 -0.1261 0.0981  -0.1909 100 ASN A C   
654 O O   . ASN A 100 ? 0.4339 0.5687 0.5598 -0.1277 0.0935  -0.1952 100 ASN A O   
655 C CB  . ASN A 100 ? 0.3454 0.4151 0.4704 -0.1205 0.1091  -0.1768 100 ASN A CB  
656 C CG  . ASN A 100 ? 0.4159 0.4837 0.5368 -0.1184 0.1119  -0.1820 100 ASN A CG  
657 O OD1 . ASN A 100 ? 0.3363 0.4048 0.4454 -0.1202 0.1134  -0.1828 100 ASN A OD1 
658 N ND2 . ASN A 100 ? 0.3863 0.4531 0.5179 -0.1152 0.1126  -0.1843 100 ASN A ND2 
659 N N   . LEU A 101 ? 0.3958 0.5208 0.5034 -0.1288 0.0992  -0.2003 101 LEU A N   
660 C CA  . LEU A 101 ? 0.4252 0.5729 0.5357 -0.1341 0.0949  -0.2173 101 LEU A CA  
661 C C   . LEU A 101 ? 0.3887 0.5639 0.4861 -0.1313 0.0879  -0.2135 101 LEU A C   
662 O O   . LEU A 101 ? 0.3981 0.5948 0.5008 -0.1344 0.0823  -0.2237 101 LEU A O   
663 C CB  . LEU A 101 ? 0.4001 0.5432 0.5069 -0.1343 0.0989  -0.2235 101 LEU A CB  
664 C CG  . LEU A 101 ? 0.3991 0.5209 0.5184 -0.1292 0.1046  -0.2171 101 LEU A CG  
665 C CD1 . LEU A 101 ? 0.3649 0.4866 0.4813 -0.1287 0.1069  -0.2195 101 LEU A CD1 
666 C CD2 . LEU A 101 ? 0.4358 0.5606 0.5712 -0.1284 0.1028  -0.2209 101 LEU A CD2 
667 N N   . HIS A 102 ? 0.4067 0.5813 0.4876 -0.1255 0.0880  -0.1986 102 HIS A N   
668 C CA  . HIS A 102 ? 0.3933 0.5940 0.4595 -0.1230 0.0822  -0.1962 102 HIS A CA  
669 C C   . HIS A 102 ? 0.4526 0.6602 0.5119 -0.1165 0.0783  -0.1786 102 HIS A C   
670 O O   . HIS A 102 ? 0.4952 0.7226 0.5409 -0.1136 0.0740  -0.1742 102 HIS A O   
671 C CB  . HIS A 102 ? 0.3558 0.5559 0.4060 -0.1222 0.0851  -0.1967 102 HIS A CB  
672 C CG  . HIS A 102 ? 0.3770 0.5745 0.4323 -0.1284 0.0881  -0.2150 102 HIS A CG  
673 N ND1 . HIS A 102 ? 0.3548 0.5333 0.4060 -0.1292 0.0946  -0.2159 102 HIS A ND1 
674 C CD2 . HIS A 102 ? 0.4262 0.6373 0.4910 -0.1343 0.0853  -0.2334 102 HIS A CD2 
675 C CE1 . HIS A 102 ? 0.4108 0.5913 0.4688 -0.1349 0.0959  -0.2335 102 HIS A CE1 
676 N NE2 . HIS A 102 ? 0.3842 0.5842 0.4511 -0.1376 0.0902  -0.2432 102 HIS A NE2 
677 N N   . GLY A 103 ? 0.4238 0.6155 0.4926 -0.1142 0.0798  -0.1688 103 GLY A N   
678 C CA  . GLY A 103 ? 0.4257 0.6242 0.4903 -0.1084 0.0759  -0.1532 103 GLY A CA  
679 C C   . GLY A 103 ? 0.4061 0.5965 0.4546 -0.1018 0.0776  -0.1358 103 GLY A C   
680 O O   . GLY A 103 ? 0.3749 0.5481 0.4177 -0.1015 0.0830  -0.1338 103 GLY A O   
681 N N   . CYS A 104 ? 0.3794 0.5826 0.4212 -0.0966 0.0730  -0.1230 104 CYS A N   
682 C CA  . CYS A 104 ? 0.3502 0.5454 0.3784 -0.0899 0.0742  -0.1046 104 CYS A CA  
683 C C   . CYS A 104 ? 0.4063 0.6189 0.4170 -0.0882 0.0721  -0.1028 104 CYS A C   
684 O O   . CYS A 104 ? 0.4733 0.7114 0.4808 -0.0900 0.0671  -0.1108 104 CYS A O   
685 C CB  . CYS A 104 ? 0.3486 0.5467 0.3790 -0.0845 0.0705  -0.0904 104 CYS A CB  
686 S SG  . CYS A 104 ? 0.6034 0.7773 0.6525 -0.0846 0.0738  -0.0880 104 CYS A SG  
687 N N   . TRP A 105 ? 0.3911 0.5901 0.3906 -0.0847 0.0761  -0.0922 105 TRP A N   
688 C CA  . TRP A 105 ? 0.3715 0.5856 0.3541 -0.0825 0.0748  -0.0884 105 TRP A CA  
689 C C   . TRP A 105 ? 0.3916 0.5964 0.3640 -0.0755 0.0757  -0.0680 105 TRP A C   
690 O O   . TRP A 105 ? 0.4095 0.5887 0.3840 -0.0737 0.0805  -0.0603 105 TRP A O   
691 C CB  . TRP A 105 ? 0.4577 0.6658 0.4364 -0.0867 0.0795  -0.0996 105 TRP A CB  
692 C CG  . TRP A 105 ? 0.5614 0.7804 0.5489 -0.0934 0.0783  -0.1200 105 TRP A CG  
693 C CD1 . TRP A 105 ? 0.5862 0.7932 0.5904 -0.0981 0.0802  -0.1310 105 TRP A CD1 
694 C CD2 . TRP A 105 ? 0.4924 0.7366 0.4732 -0.0961 0.0748  -0.1322 105 TRP A CD2 
695 N NE1 . TRP A 105 ? 0.5876 0.8107 0.5963 -0.1038 0.0780  -0.1494 105 TRP A NE1 
696 C CE2 . TRP A 105 ? 0.4960 0.7421 0.4903 -0.1026 0.0746  -0.1508 105 TRP A CE2 
697 C CE3 . TRP A 105 ? 0.5327 0.7984 0.4974 -0.0934 0.0719  -0.1292 105 TRP A CE3 
698 C CZ2 . TRP A 105 ? 0.4664 0.7348 0.4584 -0.1066 0.0714  -0.1668 105 TRP A CZ2 
699 C CZ3 . TRP A 105 ? 0.5379 0.8261 0.4999 -0.0971 0.0689  -0.1449 105 TRP A CZ3 
700 C CH2 . TRP A 105 ? 0.4831 0.7723 0.4586 -0.1036 0.0685  -0.1637 105 TRP A CH2 
701 N N   . GLU A 106 ? 0.3893 0.6146 0.3513 -0.0714 0.0708  -0.0590 106 GLU A N   
702 C CA  . GLU A 106 ? 0.4021 0.6190 0.3557 -0.0646 0.0712  -0.0390 106 GLU A CA  
703 C C   . GLU A 106 ? 0.4581 0.6843 0.3951 -0.0618 0.0717  -0.0322 106 GLU A C   
704 O O   . GLU A 106 ? 0.4865 0.7298 0.4169 -0.0646 0.0709  -0.0424 106 GLU A O   
705 C CB  . GLU A 106 ? 0.4597 0.6883 0.4159 -0.0605 0.0656  -0.0296 106 GLU A CB  
706 C CG  . GLU A 106 ? 0.5908 0.8519 0.5418 -0.0609 0.0591  -0.0344 106 GLU A CG  
707 C CD  . GLU A 106 ? 0.6983 0.9693 0.6548 -0.0577 0.0538  -0.0268 106 GLU A CD  
708 O OE1 . GLU A 106 ? 0.6692 0.9219 0.6358 -0.0562 0.0554  -0.0212 106 GLU A OE1 
709 O OE2 . GLU A 106 ? 0.8104 1.1079 0.7609 -0.0562 0.0482  -0.0264 106 GLU A OE2 
710 N N   . ASN A 107 ? 0.4588 0.6728 0.3893 -0.0562 0.0732  -0.0147 107 ASN A N   
711 C CA  . ASN A 107 ? 0.4713 0.6921 0.3867 -0.0529 0.0740  -0.0054 107 ASN A CA  
712 C C   . ASN A 107 ? 0.4561 0.6722 0.3669 -0.0459 0.0724  0.0150  107 ASN A C   
713 O O   . ASN A 107 ? 0.4499 0.6427 0.3671 -0.0437 0.0747  0.0231  107 ASN A O   
714 C CB  . ASN A 107 ? 0.4664 0.6684 0.3794 -0.0551 0.0805  -0.0087 107 ASN A CB  
715 C CG  . ASN A 107 ? 0.5500 0.7606 0.4478 -0.0521 0.0815  -0.0001 107 ASN A CG  
716 O OD1 . ASN A 107 ? 0.5885 0.8216 0.4771 -0.0489 0.0773  0.0061  107 ASN A OD1 
717 N ND2 . ASN A 107 ? 0.5008 0.6935 0.3957 -0.0529 0.0873  0.0005  107 ASN A ND2 
718 N N   . TYR A 108 ? 0.4231 0.6617 0.3231 -0.0421 0.0684  0.0231  108 TYR A N   
719 C CA  . TYR A 108 ? 0.4580 0.6947 0.3535 -0.0354 0.0663  0.0425  108 TYR A CA  
720 C C   . TYR A 108 ? 0.5744 0.8080 0.4576 -0.0319 0.0691  0.0543  108 TYR A C   
721 O O   . TYR A 108 ? 0.5890 0.8383 0.4631 -0.0333 0.0695  0.0493  108 TYR A O   
722 C CB  . TYR A 108 ? 0.3974 0.6612 0.2904 -0.0328 0.0596  0.0454  108 TYR A CB  
723 C CG  . TYR A 108 ? 0.4528 0.7155 0.3417 -0.0257 0.0572  0.0655  108 TYR A CG  
724 C CD1 . TYR A 108 ? 0.4544 0.6979 0.3525 -0.0231 0.0574  0.0734  108 TYR A CD1 
725 C CD2 . TYR A 108 ? 0.5060 0.7868 0.3821 -0.0213 0.0548  0.0766  108 TYR A CD2 
726 C CE1 . TYR A 108 ? 0.5226 0.7648 0.4173 -0.0163 0.0552  0.0915  108 TYR A CE1 
727 C CE2 . TYR A 108 ? 0.4965 0.7759 0.3692 -0.0147 0.0527  0.0950  108 TYR A CE2 
728 C CZ  . TYR A 108 ? 0.6110 0.8710 0.4933 -0.0123 0.0528  0.1022  108 TYR A CZ  
729 O OH  . TYR A 108 ? 0.6935 0.9516 0.5726 -0.0055 0.0506  0.1203  108 TYR A OH  
730 N N   . MET A 109 ? 0.5139 0.7272 0.3972 -0.0273 0.0710  0.0697  109 MET A N   
731 C CA  . MET A 109 ? 0.5783 0.7892 0.4506 -0.0234 0.0731  0.0833  109 MET A CA  
732 C C   . MET A 109 ? 0.5499 0.7661 0.4185 -0.0165 0.0693  0.1015  109 MET A C   
733 O O   . MET A 109 ? 0.5657 0.7668 0.4417 -0.0139 0.0684  0.1087  109 MET A O   
734 C CB  . MET A 109 ? 0.5602 0.7410 0.4353 -0.0240 0.0791  0.0857  109 MET A CB  
735 C CG  . MET A 109 ? 0.4795 0.6505 0.3475 -0.0193 0.0797  0.0990  109 MET A CG  
736 S SD  . MET A 109 ? 0.6257 0.7567 0.5003 -0.0196 0.0848  0.1002  109 MET A SD  
737 C CE  . MET A 109 ? 0.5447 0.6836 0.4169 -0.0277 0.0917  0.0835  109 MET A CE  
738 N N   . GLU A 110 ? 0.5375 0.7714 0.3974 -0.0133 0.0656  0.1069  110 GLU A N   
739 C CA  . GLU A 110 ? 0.4728 0.7048 0.3340 -0.0064 0.0600  0.1207  110 GLU A CA  
740 C C   . GLU A 110 ? 0.4746 0.6760 0.3395 -0.0026 0.0609  0.1292  110 GLU A C   
741 O O   . GLU A 110 ? 0.5192 0.7128 0.3805 -0.0037 0.0637  0.1272  110 GLU A O   
742 C CB  . GLU A 110 ? 0.5172 0.7774 0.3708 -0.0044 0.0553  0.1214  110 GLU A CB  
743 C CG  . GLU A 110 ? 0.6970 0.9616 0.5531 0.0020  0.0495  0.1336  110 GLU A CG  
744 C CD  . GLU A 110 ? 0.8691 1.1620 0.7181 0.0040  0.0453  0.1340  110 GLU A CD  
745 O OE1 . GLU A 110 ? 0.8826 1.1990 0.7255 0.0001  0.0451  0.1232  110 GLU A OE1 
746 O OE2 . GLU A 110 ? 0.9304 1.2219 0.7807 0.0092  0.0423  0.1442  110 GLU A OE2 
747 N N   . LEU A 111 ? 0.4444 0.6287 0.3166 0.0015  0.0584  0.1377  111 LEU A N   
748 C CA  . LEU A 111 ? 0.4977 0.6539 0.3743 0.0047  0.0582  0.1435  111 LEU A CA  
749 C C   . LEU A 111 ? 0.6393 0.8032 0.5140 0.0094  0.0539  0.1515  111 LEU A C   
750 O O   . LEU A 111 ? 0.6371 0.7856 0.5125 0.0109  0.0542  0.1543  111 LEU A O   
751 C CB  . LEU A 111 ? 0.4604 0.5935 0.3466 0.0066  0.0574  0.1461  111 LEU A CB  
752 C CG  . LEU A 111 ? 0.4928 0.6129 0.3830 0.0023  0.0622  0.1390  111 LEU A CG  
753 C CD1 . LEU A 111 ? 0.5049 0.6005 0.4049 0.0051  0.0604  0.1416  111 LEU A CD1 
754 C CD2 . LEU A 111 ? 0.4336 0.5414 0.3209 -0.0016 0.0673  0.1325  111 LEU A CD2 
755 O OXT . LEU A 111 ? 0.7004 0.8865 0.5733 0.0117  0.0502  0.1550  111 LEU A OXT 
# 
